data_1WIR
#
_entry.id   1WIR
#
loop_
_entity.id
_entity.type
_entity.pdbx_description
1 polymer 'Protein arginine N-methyltransferase 3'
2 non-polymer 'ZINC ION'
#
_entity_poly.entity_id   1
_entity_poly.type   'polypeptide(L)'
_entity_poly.pdbx_seq_one_letter_code
;GSSGSSGEPAHGRQHTPCLFCDRLFASAEETFSHCKLEHQFNIDSMVHKHGLEFYGYIKLINFIRLKNPTVEYMNSIYNP
VPWEKDEYLKPVLEDDLLLQFDVEDLYEPVSTPFSSGPSSG
;
_entity_poly.pdbx_strand_id   A
#
loop_
_chem_comp.id
_chem_comp.type
_chem_comp.name
_chem_comp.formula
ZN non-polymer 'ZINC ION' 'Zn 2'
#
# COMPACT_ATOMS: atom_id res chain seq x y z
N GLY A 1 26.87 -41.90 6.81
CA GLY A 1 26.29 -40.57 6.75
C GLY A 1 27.28 -39.49 7.14
N SER A 2 28.31 -39.31 6.32
CA SER A 2 29.33 -38.30 6.58
C SER A 2 28.70 -36.93 6.75
N SER A 3 27.85 -36.54 5.79
CA SER A 3 27.19 -35.24 5.82
C SER A 3 26.32 -35.11 7.07
N GLY A 4 26.72 -34.24 7.98
CA GLY A 4 25.97 -34.04 9.20
C GLY A 4 25.84 -32.56 9.57
N SER A 5 24.76 -31.94 9.11
CA SER A 5 24.52 -30.53 9.38
C SER A 5 23.13 -30.33 9.99
N SER A 6 23.11 -29.91 11.26
CA SER A 6 21.85 -29.68 11.96
C SER A 6 21.87 -28.33 12.68
N GLY A 7 21.03 -27.42 12.23
CA GLY A 7 20.96 -26.10 12.84
C GLY A 7 19.59 -25.46 12.70
N GLU A 8 19.15 -24.79 13.76
CA GLU A 8 17.84 -24.13 13.75
C GLU A 8 17.96 -22.68 14.21
N PRO A 9 18.96 -21.97 13.66
CA PRO A 9 19.20 -20.57 14.00
C PRO A 9 18.10 -19.65 13.47
N ALA A 10 18.07 -18.42 13.97
CA ALA A 10 17.09 -17.44 13.54
C ALA A 10 17.75 -16.16 13.05
N HIS A 11 17.25 -15.63 11.92
CA HIS A 11 17.80 -14.42 11.34
C HIS A 11 16.77 -13.29 11.37
N GLY A 12 17.09 -12.22 12.08
CA GLY A 12 16.18 -11.09 12.17
C GLY A 12 15.84 -10.50 10.82
N ARG A 13 14.66 -10.82 10.32
CA ARG A 13 14.21 -10.33 9.02
C ARG A 13 12.77 -9.82 9.10
N GLN A 14 12.39 -8.99 8.14
CA GLN A 14 11.04 -8.44 8.09
C GLN A 14 10.30 -8.93 6.85
N HIS A 15 9.01 -9.24 7.03
CA HIS A 15 8.19 -9.72 5.92
C HIS A 15 6.75 -9.24 6.07
N THR A 16 6.16 -8.82 4.96
CA THR A 16 4.79 -8.34 4.97
C THR A 16 3.88 -9.22 4.11
N PRO A 17 2.80 -9.74 4.73
CA PRO A 17 1.84 -10.60 4.04
C PRO A 17 1.01 -9.85 3.01
N CYS A 18 0.31 -10.60 2.16
CA CYS A 18 -0.52 -10.00 1.13
C CYS A 18 -1.86 -9.58 1.69
N LEU A 19 -2.55 -8.69 0.98
CA LEU A 19 -3.86 -8.20 1.40
C LEU A 19 -4.96 -9.19 1.04
N PHE A 20 -4.92 -9.67 -0.21
CA PHE A 20 -5.91 -10.62 -0.69
C PHE A 20 -5.59 -12.03 -0.20
N CYS A 21 -4.34 -12.44 -0.36
CA CYS A 21 -3.90 -13.76 0.06
C CYS A 21 -3.00 -13.68 1.28
N ASP A 22 -2.50 -14.83 1.73
CA ASP A 22 -1.63 -14.88 2.90
C ASP A 22 -0.19 -15.16 2.48
N ARG A 23 0.28 -14.45 1.46
CA ARG A 23 1.64 -14.62 0.96
C ARG A 23 2.57 -13.57 1.57
N LEU A 24 3.68 -14.03 2.13
CA LEU A 24 4.65 -13.14 2.75
C LEU A 24 5.69 -12.66 1.72
N PHE A 25 6.13 -11.42 1.87
CA PHE A 25 7.10 -10.84 0.95
C PHE A 25 8.15 -10.02 1.72
N ALA A 26 9.41 -10.32 1.47
CA ALA A 26 10.50 -9.60 2.13
C ALA A 26 10.18 -8.12 2.29
N SER A 27 9.84 -7.47 1.18
CA SER A 27 9.51 -6.05 1.19
C SER A 27 8.10 -5.82 0.66
N ALA A 28 7.65 -4.57 0.74
CA ALA A 28 6.32 -4.21 0.27
C ALA A 28 6.24 -4.28 -1.26
N GLU A 29 7.12 -3.54 -1.92
CA GLU A 29 7.14 -3.52 -3.39
C GLU A 29 6.87 -4.91 -3.95
N GLU A 30 7.51 -5.91 -3.37
CA GLU A 30 7.35 -7.29 -3.82
C GLU A 30 5.87 -7.68 -3.85
N THR A 31 5.17 -7.44 -2.75
CA THR A 31 3.76 -7.76 -2.65
C THR A 31 2.95 -7.03 -3.73
N PHE A 32 2.95 -5.70 -3.65
CA PHE A 32 2.22 -4.88 -4.62
C PHE A 32 2.36 -5.45 -6.02
N SER A 33 3.60 -5.62 -6.47
CA SER A 33 3.87 -6.15 -7.81
C SER A 33 3.22 -7.52 -7.98
N HIS A 34 3.29 -8.34 -6.94
CA HIS A 34 2.70 -9.67 -6.98
C HIS A 34 1.20 -9.60 -7.23
N CYS A 35 0.53 -8.67 -6.55
CA CYS A 35 -0.90 -8.51 -6.69
C CYS A 35 -1.26 -8.01 -8.10
N LYS A 36 -0.38 -7.20 -8.67
CA LYS A 36 -0.60 -6.67 -10.01
C LYS A 36 -0.44 -7.75 -11.06
N LEU A 37 0.26 -8.83 -10.70
CA LEU A 37 0.48 -9.93 -11.62
C LEU A 37 -0.58 -11.02 -11.44
N GLU A 38 -0.82 -11.41 -10.19
CA GLU A 38 -1.82 -12.42 -9.89
C GLU A 38 -3.21 -11.80 -9.73
N HIS A 39 -3.38 -11.02 -8.67
CA HIS A 39 -4.67 -10.37 -8.42
C HIS A 39 -4.89 -9.21 -9.39
N GLN A 40 -3.96 -9.04 -10.32
CA GLN A 40 -4.06 -7.97 -11.31
C GLN A 40 -4.66 -6.72 -10.70
N PHE A 41 -4.23 -6.40 -9.47
CA PHE A 41 -4.72 -5.23 -8.77
C PHE A 41 -3.58 -4.28 -8.41
N ASN A 42 -3.73 -3.01 -8.77
CA ASN A 42 -2.70 -2.01 -8.49
C ASN A 42 -3.11 -1.13 -7.31
N ILE A 43 -2.20 -0.97 -6.36
CA ILE A 43 -2.45 -0.16 -5.18
C ILE A 43 -2.35 1.33 -5.50
N ASP A 44 -1.39 1.67 -6.35
CA ASP A 44 -1.17 3.06 -6.74
C ASP A 44 -2.45 3.66 -7.34
N SER A 45 -3.14 2.86 -8.16
CA SER A 45 -4.38 3.32 -8.79
C SER A 45 -5.38 3.79 -7.75
N MET A 46 -5.49 3.05 -6.65
CA MET A 46 -6.40 3.40 -5.58
C MET A 46 -6.09 4.79 -5.02
N VAL A 47 -4.86 4.96 -4.55
CA VAL A 47 -4.44 6.23 -3.99
C VAL A 47 -4.87 7.40 -4.87
N HIS A 48 -4.68 7.25 -6.18
CA HIS A 48 -5.06 8.30 -7.13
C HIS A 48 -6.57 8.32 -7.33
N LYS A 49 -7.20 7.14 -7.30
CA LYS A 49 -8.64 7.03 -7.48
C LYS A 49 -9.38 7.66 -6.30
N HIS A 50 -9.28 7.02 -5.14
CA HIS A 50 -9.95 7.50 -3.94
C HIS A 50 -9.10 8.57 -3.25
N GLY A 51 -8.23 9.21 -4.02
CA GLY A 51 -7.37 10.25 -3.46
C GLY A 51 -6.98 9.96 -2.03
N LEU A 52 -6.63 8.71 -1.74
CA LEU A 52 -6.24 8.32 -0.40
C LEU A 52 -5.08 9.16 0.11
N GLU A 53 -5.31 9.90 1.18
CA GLU A 53 -4.29 10.76 1.77
C GLU A 53 -3.35 9.96 2.67
N PHE A 54 -2.35 10.63 3.21
CA PHE A 54 -1.39 9.98 4.10
C PHE A 54 -2.05 8.88 4.93
N TYR A 55 -3.08 9.27 5.68
CA TYR A 55 -3.81 8.33 6.52
C TYR A 55 -4.70 7.41 5.67
N GLY A 56 -5.39 8.01 4.71
CA GLY A 56 -6.27 7.23 3.85
C GLY A 56 -5.64 5.94 3.38
N TYR A 57 -4.47 6.05 2.75
CA TYR A 57 -3.77 4.87 2.26
C TYR A 57 -3.68 3.79 3.33
N ILE A 58 -3.38 4.20 4.56
CA ILE A 58 -3.27 3.27 5.66
C ILE A 58 -4.58 2.50 5.87
N LYS A 59 -5.69 3.21 5.83
CA LYS A 59 -7.00 2.61 6.00
C LYS A 59 -7.28 1.59 4.90
N LEU A 60 -6.92 1.94 3.68
CA LEU A 60 -7.13 1.05 2.53
C LEU A 60 -6.45 -0.30 2.76
N ILE A 61 -5.22 -0.25 3.30
CA ILE A 61 -4.47 -1.46 3.57
C ILE A 61 -5.14 -2.31 4.65
N ASN A 62 -5.23 -1.75 5.86
CA ASN A 62 -5.85 -2.45 6.98
C ASN A 62 -7.25 -2.94 6.60
N PHE A 63 -7.97 -2.12 5.84
CA PHE A 63 -9.32 -2.48 5.41
C PHE A 63 -9.36 -3.89 4.84
N ILE A 64 -8.43 -4.18 3.93
CA ILE A 64 -8.35 -5.49 3.30
C ILE A 64 -7.90 -6.55 4.29
N ARG A 65 -7.09 -6.14 5.26
CA ARG A 65 -6.58 -7.05 6.28
C ARG A 65 -7.70 -7.51 7.21
N LEU A 66 -8.64 -6.61 7.48
CA LEU A 66 -9.77 -6.91 8.35
C LEU A 66 -10.92 -7.51 7.56
N LYS A 67 -11.39 -6.78 6.56
CA LYS A 67 -12.49 -7.23 5.71
C LYS A 67 -12.08 -8.45 4.89
N ASN A 68 -10.98 -8.31 4.15
CA ASN A 68 -10.48 -9.40 3.32
C ASN A 68 -11.40 -9.65 2.13
N PRO A 69 -11.78 -8.57 1.44
CA PRO A 69 -12.67 -8.64 0.27
C PRO A 69 -11.98 -9.29 -0.92
N THR A 70 -12.58 -9.12 -2.10
CA THR A 70 -12.04 -9.69 -3.32
C THR A 70 -11.76 -8.60 -4.36
N VAL A 71 -10.76 -8.85 -5.21
CA VAL A 71 -10.39 -7.90 -6.25
C VAL A 71 -11.63 -7.27 -6.89
N GLU A 72 -12.53 -8.11 -7.37
CA GLU A 72 -13.76 -7.64 -8.00
C GLU A 72 -14.36 -6.48 -7.20
N TYR A 73 -14.49 -6.68 -5.90
CA TYR A 73 -15.06 -5.65 -5.02
C TYR A 73 -14.19 -4.40 -5.01
N MET A 74 -12.88 -4.59 -4.84
CA MET A 74 -11.94 -3.48 -4.82
C MET A 74 -12.24 -2.48 -5.93
N ASN A 75 -12.67 -3.00 -7.08
CA ASN A 75 -13.00 -2.15 -8.23
C ASN A 75 -14.39 -1.56 -8.07
N SER A 76 -15.31 -2.32 -7.51
CA SER A 76 -16.68 -1.86 -7.31
C SER A 76 -16.85 -1.26 -5.92
N ILE A 77 -16.38 -0.03 -5.76
CA ILE A 77 -16.49 0.67 -4.49
C ILE A 77 -16.95 2.11 -4.68
N TYR A 78 -17.64 2.63 -3.67
CA TYR A 78 -18.15 4.00 -3.73
C TYR A 78 -18.12 4.65 -2.35
N ASN A 79 -18.38 5.95 -2.31
CA ASN A 79 -18.39 6.69 -1.05
C ASN A 79 -19.77 6.64 -0.40
N PRO A 80 -19.79 6.52 0.93
CA PRO A 80 -18.57 6.42 1.74
C PRO A 80 -17.84 5.10 1.52
N VAL A 81 -16.50 5.17 1.45
CA VAL A 81 -15.69 3.98 1.25
C VAL A 81 -15.79 3.03 2.44
N PRO A 82 -15.61 1.73 2.19
CA PRO A 82 -15.66 0.70 3.22
C PRO A 82 -14.49 0.78 4.19
N TRP A 83 -13.61 1.75 3.97
CA TRP A 83 -12.45 1.94 4.82
C TRP A 83 -12.42 3.34 5.42
N GLU A 84 -13.57 4.01 5.38
CA GLU A 84 -13.67 5.37 5.91
C GLU A 84 -13.89 5.35 7.42
N LYS A 85 -13.20 4.45 8.10
CA LYS A 85 -13.31 4.32 9.55
C LYS A 85 -11.95 4.46 10.22
N ASP A 86 -11.93 5.08 11.40
CA ASP A 86 -10.70 5.27 12.14
C ASP A 86 -10.11 3.94 12.57
N GLU A 87 -10.94 3.08 13.11
CA GLU A 87 -10.50 1.76 13.57
C GLU A 87 -9.50 1.15 12.59
N TYR A 88 -9.77 1.34 11.30
CA TYR A 88 -8.90 0.79 10.26
C TYR A 88 -7.48 1.36 10.39
N LEU A 89 -7.40 2.67 10.64
CA LEU A 89 -6.11 3.33 10.79
C LEU A 89 -5.12 2.45 11.55
N LYS A 90 -5.63 1.74 12.55
CA LYS A 90 -4.78 0.86 13.36
C LYS A 90 -4.25 -0.29 12.52
N PRO A 91 -2.97 -0.63 12.73
CA PRO A 91 -2.30 -1.72 12.00
C PRO A 91 -2.83 -3.09 12.38
N VAL A 92 -3.68 -3.66 11.53
CA VAL A 92 -4.26 -4.97 11.79
C VAL A 92 -3.18 -5.99 12.14
N LEU A 93 -2.02 -5.86 11.50
CA LEU A 93 -0.90 -6.76 11.74
C LEU A 93 0.23 -6.05 12.48
N GLU A 94 1.35 -6.75 12.67
CA GLU A 94 2.49 -6.19 13.36
C GLU A 94 3.60 -5.82 12.37
N ASP A 95 4.30 -4.73 12.66
CA ASP A 95 5.37 -4.26 11.80
C ASP A 95 4.97 -4.34 10.32
N ASP A 96 3.82 -3.77 10.01
CA ASP A 96 3.31 -3.77 8.64
C ASP A 96 4.17 -2.89 7.75
N LEU A 97 4.85 -3.51 6.78
CA LEU A 97 5.72 -2.78 5.86
C LEU A 97 4.89 -1.87 4.95
N LEU A 98 3.83 -2.42 4.38
CA LEU A 98 2.96 -1.65 3.48
C LEU A 98 2.58 -0.31 4.12
N LEU A 99 2.20 -0.35 5.39
CA LEU A 99 1.81 0.86 6.10
C LEU A 99 2.96 1.86 6.13
N GLN A 100 4.18 1.34 6.21
CA GLN A 100 5.37 2.18 6.26
C GLN A 100 5.65 2.81 4.90
N PHE A 101 5.32 2.08 3.84
CA PHE A 101 5.53 2.56 2.47
C PHE A 101 5.15 4.03 2.36
N ASP A 102 6.06 4.83 1.83
CA ASP A 102 5.82 6.27 1.66
C ASP A 102 4.85 6.52 0.52
N VAL A 103 3.59 6.78 0.86
CA VAL A 103 2.56 7.04 -0.13
C VAL A 103 2.81 8.36 -0.85
N GLU A 104 3.46 9.29 -0.16
CA GLU A 104 3.77 10.60 -0.73
C GLU A 104 4.44 10.45 -2.10
N ASP A 105 5.43 9.57 -2.17
CA ASP A 105 6.14 9.33 -3.43
C ASP A 105 5.18 9.25 -4.60
N LEU A 106 4.01 8.66 -4.36
CA LEU A 106 3.00 8.52 -5.39
C LEU A 106 2.54 9.88 -5.90
N TYR A 107 2.38 10.83 -4.98
CA TYR A 107 1.94 12.17 -5.33
C TYR A 107 2.99 12.88 -6.19
N GLU A 108 2.61 13.18 -7.43
CA GLU A 108 3.53 13.86 -8.36
C GLU A 108 2.97 15.22 -8.76
N PRO A 109 3.77 16.27 -8.55
CA PRO A 109 3.37 17.64 -8.89
C PRO A 109 3.32 17.87 -10.39
N VAL A 110 2.11 18.01 -10.92
CA VAL A 110 1.91 18.22 -12.35
C VAL A 110 2.25 19.66 -12.73
N SER A 111 3.48 20.07 -12.45
CA SER A 111 3.93 21.43 -12.75
C SER A 111 4.75 21.45 -14.04
N THR A 112 5.75 20.58 -14.10
CA THR A 112 6.62 20.50 -15.27
C THR A 112 5.80 20.27 -16.54
N PRO A 113 6.15 20.99 -17.61
CA PRO A 113 5.48 20.89 -18.90
C PRO A 113 5.74 19.56 -19.59
N PHE A 114 6.39 18.65 -18.88
CA PHE A 114 6.71 17.33 -19.42
C PHE A 114 5.62 16.86 -20.38
N SER A 115 6.01 16.65 -21.64
CA SER A 115 5.06 16.20 -22.65
C SER A 115 3.69 16.83 -22.45
N SER A 116 3.68 18.15 -22.23
CA SER A 116 2.44 18.87 -22.01
C SER A 116 1.69 19.08 -23.33
N GLY A 117 0.55 18.39 -23.46
CA GLY A 117 -0.24 18.51 -24.67
C GLY A 117 -0.93 17.21 -25.04
N PRO A 118 -2.05 16.92 -24.35
CA PRO A 118 -2.83 15.71 -24.58
C PRO A 118 -3.56 15.73 -25.93
N SER A 119 -3.86 14.55 -26.44
CA SER A 119 -4.54 14.43 -27.72
C SER A 119 -3.82 15.25 -28.80
N SER A 120 -2.50 15.14 -28.83
CA SER A 120 -1.69 15.87 -29.80
C SER A 120 -1.67 15.13 -31.14
N GLY A 121 -1.99 13.85 -31.11
CA GLY A 121 -2.00 13.05 -32.32
C GLY A 121 -3.38 12.96 -32.95
ZN ZN B . -1.62 -12.07 -2.97
N GLY A 1 21.56 23.35 -6.72
CA GLY A 1 20.48 22.40 -6.48
C GLY A 1 20.86 21.33 -5.48
N SER A 2 20.53 21.56 -4.22
CA SER A 2 20.85 20.61 -3.17
C SER A 2 20.22 19.24 -3.46
N SER A 3 21.06 18.22 -3.56
CA SER A 3 20.59 16.88 -3.85
C SER A 3 21.69 15.85 -3.62
N GLY A 4 21.32 14.57 -3.54
CA GLY A 4 22.29 13.52 -3.33
C GLY A 4 21.74 12.39 -2.48
N SER A 5 21.42 12.71 -1.23
CA SER A 5 20.88 11.71 -0.30
C SER A 5 20.00 10.71 -1.04
N SER A 6 19.95 9.48 -0.52
CA SER A 6 19.15 8.43 -1.13
C SER A 6 18.17 7.83 -0.12
N GLY A 7 18.71 7.27 0.96
CA GLY A 7 17.88 6.68 1.98
C GLY A 7 18.68 6.07 3.12
N GLU A 8 18.17 4.99 3.70
CA GLU A 8 18.85 4.33 4.80
C GLU A 8 18.60 2.82 4.77
N PRO A 9 19.69 2.05 4.87
CA PRO A 9 19.60 0.58 4.85
C PRO A 9 18.97 0.02 6.12
N ALA A 10 18.02 -0.90 5.94
CA ALA A 10 17.33 -1.51 7.07
C ALA A 10 17.94 -2.88 7.40
N HIS A 11 18.33 -3.07 8.65
CA HIS A 11 18.91 -4.32 9.09
C HIS A 11 17.87 -5.21 9.78
N GLY A 12 18.25 -6.44 10.07
CA GLY A 12 17.33 -7.37 10.72
C GLY A 12 16.47 -8.12 9.72
N ARG A 13 15.26 -8.47 10.15
CA ARG A 13 14.34 -9.20 9.29
C ARG A 13 12.92 -8.63 9.39
N GLN A 14 12.20 -8.63 8.27
CA GLN A 14 10.84 -8.11 8.24
C GLN A 14 10.13 -8.54 6.97
N HIS A 15 8.95 -9.14 7.13
CA HIS A 15 8.16 -9.60 6.00
C HIS A 15 6.70 -9.17 6.13
N THR A 16 6.13 -8.70 5.03
CA THR A 16 4.74 -8.26 5.04
C THR A 16 3.86 -9.17 4.18
N PRO A 17 2.81 -9.72 4.78
CA PRO A 17 1.88 -10.62 4.09
C PRO A 17 1.02 -9.88 3.06
N CYS A 18 0.37 -10.64 2.19
CA CYS A 18 -0.48 -10.07 1.15
C CYS A 18 -1.84 -9.67 1.72
N LEU A 19 -2.50 -8.73 1.05
CA LEU A 19 -3.81 -8.26 1.49
C LEU A 19 -4.91 -9.27 1.12
N PHE A 20 -4.86 -9.75 -0.11
CA PHE A 20 -5.84 -10.72 -0.59
C PHE A 20 -5.50 -12.13 -0.11
N CYS A 21 -4.24 -12.52 -0.30
CA CYS A 21 -3.79 -13.84 0.12
C CYS A 21 -2.88 -13.74 1.34
N ASP A 22 -2.32 -14.87 1.75
CA ASP A 22 -1.42 -14.92 2.90
C ASP A 22 0.02 -15.12 2.46
N ARG A 23 0.41 -14.42 1.41
CA ARG A 23 1.77 -14.53 0.88
C ARG A 23 2.70 -13.51 1.56
N LEU A 24 3.76 -14.00 2.17
CA LEU A 24 4.72 -13.13 2.85
C LEU A 24 5.78 -12.63 1.88
N PHE A 25 6.16 -11.37 2.03
CA PHE A 25 7.16 -10.76 1.16
C PHE A 25 8.18 -9.97 1.98
N ALA A 26 9.43 -9.98 1.54
CA ALA A 26 10.49 -9.25 2.23
C ALA A 26 10.12 -7.78 2.41
N SER A 27 9.83 -7.10 1.31
CA SER A 27 9.47 -5.70 1.35
C SER A 27 8.03 -5.49 0.87
N ALA A 28 7.56 -4.25 0.93
CA ALA A 28 6.20 -3.92 0.52
C ALA A 28 6.06 -4.02 -1.00
N GLU A 29 6.98 -3.36 -1.72
CA GLU A 29 6.95 -3.38 -3.17
C GLU A 29 6.80 -4.80 -3.71
N GLU A 30 7.54 -5.72 -3.11
CA GLU A 30 7.49 -7.12 -3.53
C GLU A 30 6.04 -7.61 -3.60
N THR A 31 5.26 -7.30 -2.56
CA THR A 31 3.87 -7.72 -2.51
C THR A 31 3.05 -7.04 -3.62
N PHE A 32 3.00 -5.71 -3.57
CA PHE A 32 2.25 -4.95 -4.56
C PHE A 32 2.38 -5.58 -5.94
N SER A 33 3.61 -5.61 -6.46
CA SER A 33 3.87 -6.20 -7.78
C SER A 33 3.16 -7.53 -7.93
N HIS A 34 3.26 -8.38 -6.91
CA HIS A 34 2.63 -9.69 -6.93
C HIS A 34 1.11 -9.56 -7.05
N CYS A 35 0.55 -8.59 -6.34
CA CYS A 35 -0.89 -8.37 -6.37
C CYS A 35 -1.32 -7.72 -7.68
N LYS A 36 -0.38 -7.04 -8.33
CA LYS A 36 -0.66 -6.37 -9.60
C LYS A 36 -0.55 -7.35 -10.77
N LEU A 37 0.13 -8.47 -10.52
CA LEU A 37 0.30 -9.49 -11.56
C LEU A 37 -0.77 -10.57 -11.44
N GLU A 38 -1.02 -11.01 -10.21
CA GLU A 38 -2.03 -12.04 -9.96
C GLU A 38 -3.39 -11.41 -9.71
N HIS A 39 -3.51 -10.66 -8.62
CA HIS A 39 -4.77 -10.01 -8.26
C HIS A 39 -5.03 -8.82 -9.18
N GLN A 40 -4.09 -8.55 -10.07
CA GLN A 40 -4.24 -7.43 -11.00
C GLN A 40 -4.79 -6.20 -10.30
N PHE A 41 -4.53 -6.10 -9.01
CA PHE A 41 -5.01 -4.96 -8.22
C PHE A 41 -3.90 -3.92 -8.03
N ASN A 42 -4.02 -2.82 -8.76
CA ASN A 42 -3.03 -1.74 -8.69
C ASN A 42 -3.27 -0.88 -7.45
N ILE A 43 -2.34 -0.97 -6.50
CA ILE A 43 -2.45 -0.18 -5.27
C ILE A 43 -2.43 1.31 -5.56
N ASP A 44 -1.48 1.74 -6.39
CA ASP A 44 -1.36 3.15 -6.76
C ASP A 44 -2.70 3.70 -7.24
N SER A 45 -3.20 3.14 -8.34
CA SER A 45 -4.46 3.58 -8.91
C SER A 45 -5.46 3.93 -7.81
N MET A 46 -5.58 3.04 -6.82
CA MET A 46 -6.50 3.26 -5.72
C MET A 46 -6.22 4.59 -5.03
N VAL A 47 -4.95 4.85 -4.74
CA VAL A 47 -4.56 6.09 -4.08
C VAL A 47 -5.04 7.30 -4.86
N HIS A 48 -5.02 7.20 -6.19
CA HIS A 48 -5.46 8.29 -7.06
C HIS A 48 -6.96 8.25 -7.24
N LYS A 49 -7.44 7.22 -7.95
CA LYS A 49 -8.87 7.08 -8.21
C LYS A 49 -9.69 7.59 -7.03
N HIS A 50 -9.55 6.95 -5.87
CA HIS A 50 -10.28 7.34 -4.68
C HIS A 50 -9.64 8.58 -4.04
N GLY A 51 -8.34 8.73 -4.24
CA GLY A 51 -7.63 9.88 -3.68
C GLY A 51 -7.20 9.64 -2.25
N LEU A 52 -6.72 8.43 -1.97
CA LEU A 52 -6.28 8.07 -0.62
C LEU A 52 -5.05 8.90 -0.22
N GLU A 53 -5.15 9.57 0.92
CA GLU A 53 -4.06 10.39 1.42
C GLU A 53 -3.21 9.62 2.43
N PHE A 54 -2.25 10.31 3.04
CA PHE A 54 -1.37 9.69 4.02
C PHE A 54 -2.13 8.65 4.84
N TYR A 55 -3.15 9.10 5.57
CA TYR A 55 -3.95 8.21 6.40
C TYR A 55 -4.83 7.30 5.53
N GLY A 56 -5.57 7.93 4.62
CA GLY A 56 -6.45 7.17 3.74
C GLY A 56 -5.84 5.85 3.30
N TYR A 57 -4.69 5.94 2.63
CA TYR A 57 -4.00 4.74 2.15
C TYR A 57 -3.88 3.70 3.26
N ILE A 58 -3.48 4.15 4.44
CA ILE A 58 -3.33 3.25 5.58
C ILE A 58 -4.60 2.45 5.83
N LYS A 59 -5.74 3.12 5.71
CA LYS A 59 -7.03 2.46 5.91
C LYS A 59 -7.33 1.47 4.80
N LEU A 60 -6.88 1.79 3.59
CA LEU A 60 -7.09 0.92 2.44
C LEU A 60 -6.46 -0.44 2.66
N ILE A 61 -5.20 -0.45 3.10
CA ILE A 61 -4.49 -1.69 3.34
C ILE A 61 -5.15 -2.49 4.46
N ASN A 62 -5.14 -1.94 5.67
CA ASN A 62 -5.74 -2.61 6.82
C ASN A 62 -7.17 -3.07 6.49
N PHE A 63 -7.90 -2.24 5.76
CA PHE A 63 -9.27 -2.55 5.38
C PHE A 63 -9.36 -3.97 4.81
N ILE A 64 -8.43 -4.29 3.92
CA ILE A 64 -8.41 -5.62 3.30
C ILE A 64 -7.95 -6.68 4.29
N ARG A 65 -7.10 -6.28 5.22
CA ARG A 65 -6.57 -7.20 6.23
C ARG A 65 -7.69 -7.68 7.15
N LEU A 66 -8.65 -6.80 7.41
CA LEU A 66 -9.78 -7.14 8.28
C LEU A 66 -10.93 -7.72 7.47
N LYS A 67 -11.40 -6.96 6.49
CA LYS A 67 -12.51 -7.40 5.65
C LYS A 67 -12.07 -8.56 4.75
N ASN A 68 -10.95 -8.38 4.06
CA ASN A 68 -10.44 -9.41 3.17
C ASN A 68 -11.40 -9.66 2.01
N PRO A 69 -11.82 -8.57 1.35
CA PRO A 69 -12.74 -8.65 0.21
C PRO A 69 -12.09 -9.27 -1.02
N THR A 70 -12.79 -9.19 -2.16
CA THR A 70 -12.28 -9.73 -3.40
C THR A 70 -11.94 -8.63 -4.39
N VAL A 71 -10.89 -8.86 -5.18
CA VAL A 71 -10.45 -7.88 -6.18
C VAL A 71 -11.65 -7.18 -6.82
N GLU A 72 -12.48 -7.95 -7.52
CA GLU A 72 -13.65 -7.41 -8.18
C GLU A 72 -14.27 -6.30 -7.35
N TYR A 73 -14.35 -6.50 -6.04
CA TYR A 73 -14.92 -5.52 -5.14
C TYR A 73 -14.03 -4.29 -5.03
N MET A 74 -12.77 -4.52 -4.67
CA MET A 74 -11.81 -3.43 -4.53
C MET A 74 -11.88 -2.48 -5.72
N ASN A 75 -12.30 -3.01 -6.86
CA ASN A 75 -12.42 -2.20 -8.08
C ASN A 75 -13.72 -1.42 -8.09
N SER A 76 -14.78 -2.04 -7.55
CA SER A 76 -16.09 -1.40 -7.51
C SER A 76 -16.40 -0.90 -6.10
N ILE A 77 -15.84 0.25 -5.75
CA ILE A 77 -16.06 0.84 -4.43
C ILE A 77 -16.77 2.18 -4.54
N TYR A 78 -17.54 2.52 -3.52
CA TYR A 78 -18.28 3.77 -3.50
C TYR A 78 -18.02 4.53 -2.20
N ASN A 79 -18.50 5.77 -2.14
CA ASN A 79 -18.33 6.61 -0.95
C ASN A 79 -19.62 6.67 -0.14
N PRO A 80 -19.47 6.75 1.19
CA PRO A 80 -18.16 6.79 1.84
C PRO A 80 -17.43 5.45 1.75
N VAL A 81 -16.18 5.49 1.30
CA VAL A 81 -15.37 4.28 1.16
C VAL A 81 -15.54 3.37 2.38
N PRO A 82 -15.46 2.05 2.14
CA PRO A 82 -15.59 1.05 3.21
C PRO A 82 -14.41 1.06 4.17
N TRP A 83 -13.47 1.97 3.93
CA TRP A 83 -12.28 2.08 4.78
C TRP A 83 -12.21 3.46 5.43
N GLU A 84 -13.37 4.10 5.57
CA GLU A 84 -13.42 5.44 6.17
C GLU A 84 -13.62 5.33 7.68
N LYS A 85 -13.21 4.20 8.25
CA LYS A 85 -13.34 3.99 9.69
C LYS A 85 -11.99 4.16 10.38
N ASP A 86 -11.96 5.01 11.41
CA ASP A 86 -10.75 5.26 12.15
C ASP A 86 -10.10 3.96 12.61
N GLU A 87 -10.92 3.05 13.17
CA GLU A 87 -10.43 1.77 13.64
C GLU A 87 -9.39 1.19 12.67
N TYR A 88 -9.69 1.29 11.38
CA TYR A 88 -8.79 0.76 10.35
C TYR A 88 -7.39 1.35 10.50
N LEU A 89 -7.32 2.65 10.79
CA LEU A 89 -6.05 3.33 10.97
C LEU A 89 -5.04 2.42 11.68
N LYS A 90 -5.51 1.71 12.69
CA LYS A 90 -4.66 0.80 13.46
C LYS A 90 -4.15 -0.34 12.58
N PRO A 91 -2.89 -0.72 12.78
CA PRO A 91 -2.24 -1.79 12.00
C PRO A 91 -2.81 -3.17 12.36
N VAL A 92 -3.67 -3.68 11.48
CA VAL A 92 -4.29 -4.98 11.70
C VAL A 92 -3.24 -6.04 12.02
N LEU A 93 -2.04 -5.85 11.49
CA LEU A 93 -0.94 -6.79 11.72
C LEU A 93 0.22 -6.10 12.41
N GLU A 94 1.34 -6.82 12.56
CA GLU A 94 2.52 -6.27 13.20
C GLU A 94 3.54 -5.82 12.16
N ASP A 95 4.35 -4.83 12.53
CA ASP A 95 5.37 -4.30 11.62
C ASP A 95 4.90 -4.36 10.18
N ASP A 96 3.74 -3.77 9.91
CA ASP A 96 3.17 -3.75 8.57
C ASP A 96 4.01 -2.86 7.64
N LEU A 97 4.93 -3.48 6.91
CA LEU A 97 5.78 -2.74 5.98
C LEU A 97 4.95 -1.88 5.04
N LEU A 98 3.78 -2.38 4.67
CA LEU A 98 2.89 -1.66 3.76
C LEU A 98 2.46 -0.33 4.37
N LEU A 99 1.93 -0.39 5.59
CA LEU A 99 1.47 0.81 6.28
C LEU A 99 2.59 1.83 6.39
N GLN A 100 3.83 1.34 6.44
CA GLN A 100 5.00 2.21 6.55
C GLN A 100 5.67 2.38 5.19
N PHE A 101 4.89 2.27 4.12
CA PHE A 101 5.40 2.40 2.77
C PHE A 101 5.42 3.87 2.33
N ASP A 102 6.33 4.20 1.42
CA ASP A 102 6.45 5.57 0.93
C ASP A 102 5.36 5.87 -0.10
N VAL A 103 4.15 6.12 0.39
CA VAL A 103 3.02 6.41 -0.49
C VAL A 103 3.09 7.85 -1.01
N GLU A 104 3.94 8.66 -0.38
CA GLU A 104 4.10 10.05 -0.78
C GLU A 104 4.59 10.16 -2.21
N ASP A 105 5.55 9.32 -2.56
CA ASP A 105 6.11 9.31 -3.91
C ASP A 105 5.01 9.23 -4.95
N LEU A 106 3.89 8.62 -4.58
CA LEU A 106 2.76 8.47 -5.48
C LEU A 106 2.12 9.82 -5.79
N TYR A 107 2.15 10.72 -4.80
CA TYR A 107 1.56 12.05 -4.97
C TYR A 107 2.49 12.94 -5.79
N GLU A 108 1.98 13.41 -6.93
CA GLU A 108 2.77 14.28 -7.81
C GLU A 108 2.18 15.69 -7.83
N PRO A 109 2.56 16.50 -6.83
CA PRO A 109 2.09 17.88 -6.72
C PRO A 109 2.68 18.78 -7.81
N VAL A 110 2.47 20.09 -7.65
CA VAL A 110 2.98 21.06 -8.62
C VAL A 110 3.94 22.04 -7.97
N SER A 111 5.18 21.61 -7.77
CA SER A 111 6.19 22.45 -7.15
C SER A 111 7.56 21.79 -7.21
N THR A 112 8.42 22.30 -8.07
CA THR A 112 9.77 21.76 -8.24
C THR A 112 10.62 22.68 -9.12
N PRO A 113 11.86 22.95 -8.66
CA PRO A 113 12.80 23.80 -9.38
C PRO A 113 13.31 23.14 -10.66
N PHE A 114 12.82 21.95 -10.94
CA PHE A 114 13.23 21.21 -12.13
C PHE A 114 13.56 22.17 -13.27
N SER A 115 14.53 21.79 -14.09
CA SER A 115 14.94 22.62 -15.22
C SER A 115 15.53 21.76 -16.34
N SER A 116 15.94 22.41 -17.42
CA SER A 116 16.51 21.70 -18.57
C SER A 116 17.87 22.28 -18.93
N GLY A 117 18.91 21.87 -18.21
CA GLY A 117 20.25 22.36 -18.46
C GLY A 117 21.17 22.21 -17.27
N PRO A 118 21.65 20.99 -17.04
CA PRO A 118 22.55 20.69 -15.93
C PRO A 118 23.94 21.31 -16.11
N SER A 119 24.53 21.07 -17.28
CA SER A 119 25.86 21.61 -17.58
C SER A 119 26.24 21.31 -19.02
N SER A 120 27.31 21.94 -19.49
CA SER A 120 27.79 21.76 -20.85
C SER A 120 28.92 20.74 -20.89
N GLY A 121 29.92 20.94 -20.04
CA GLY A 121 31.06 20.04 -20.00
C GLY A 121 30.81 18.84 -19.10
ZN ZN B . -1.64 -12.07 -3.03
N GLY A 1 30.58 10.87 -1.73
CA GLY A 1 31.42 10.03 -0.90
C GLY A 1 31.66 8.66 -1.52
N SER A 2 31.53 7.62 -0.70
CA SER A 2 31.74 6.26 -1.16
C SER A 2 30.40 5.51 -1.28
N SER A 3 30.38 4.48 -2.12
CA SER A 3 29.17 3.69 -2.31
C SER A 3 29.30 2.33 -1.64
N GLY A 4 28.59 2.17 -0.52
CA GLY A 4 28.64 0.91 0.20
C GLY A 4 27.93 -0.22 -0.53
N SER A 5 27.33 -1.12 0.22
CA SER A 5 26.62 -2.26 -0.36
C SER A 5 25.59 -2.82 0.60
N SER A 6 24.33 -2.84 0.19
CA SER A 6 23.25 -3.34 1.03
C SER A 6 22.33 -4.27 0.23
N GLY A 7 22.31 -5.55 0.60
CA GLY A 7 21.48 -6.50 -0.09
C GLY A 7 20.90 -7.55 0.85
N GLU A 8 21.73 -8.53 1.21
CA GLU A 8 21.29 -9.60 2.10
C GLU A 8 20.54 -9.04 3.30
N PRO A 9 19.25 -9.38 3.40
CA PRO A 9 18.39 -8.93 4.50
C PRO A 9 18.77 -9.56 5.84
N ALA A 10 19.85 -10.34 5.83
CA ALA A 10 20.31 -11.00 7.04
C ALA A 10 20.07 -10.13 8.28
N HIS A 11 20.71 -8.96 8.31
CA HIS A 11 20.57 -8.04 9.43
C HIS A 11 19.15 -7.48 9.49
N GLY A 12 18.44 -7.77 10.57
CA GLY A 12 17.08 -7.29 10.72
C GLY A 12 16.12 -7.92 9.73
N ARG A 13 15.14 -8.66 10.26
CA ARG A 13 14.15 -9.33 9.42
C ARG A 13 12.78 -8.68 9.56
N GLN A 14 12.05 -8.59 8.46
CA GLN A 14 10.73 -7.99 8.46
C GLN A 14 10.00 -8.28 7.15
N HIS A 15 9.02 -9.18 7.20
CA HIS A 15 8.24 -9.53 6.03
C HIS A 15 6.78 -9.14 6.19
N THR A 16 6.18 -8.63 5.12
CA THR A 16 4.79 -8.21 5.15
C THR A 16 3.92 -9.12 4.29
N PRO A 17 2.87 -9.69 4.90
CA PRO A 17 1.94 -10.58 4.19
C PRO A 17 1.09 -9.85 3.18
N CYS A 18 0.32 -10.60 2.40
CA CYS A 18 -0.55 -10.03 1.38
C CYS A 18 -1.93 -9.73 1.96
N LEU A 19 -2.70 -8.89 1.24
CA LEU A 19 -4.03 -8.52 1.68
C LEU A 19 -5.07 -9.54 1.19
N PHE A 20 -4.96 -9.92 -0.08
CA PHE A 20 -5.89 -10.88 -0.66
C PHE A 20 -5.55 -12.30 -0.21
N CYS A 21 -4.27 -12.61 -0.16
CA CYS A 21 -3.81 -13.93 0.25
C CYS A 21 -2.88 -13.83 1.46
N ASP A 22 -2.32 -14.98 1.86
CA ASP A 22 -1.42 -15.02 3.00
C ASP A 22 0.02 -15.23 2.53
N ARG A 23 0.44 -14.42 1.56
CA ARG A 23 1.80 -14.51 1.02
C ARG A 23 2.71 -13.50 1.70
N LEU A 24 3.80 -13.99 2.28
CA LEU A 24 4.76 -13.13 2.96
C LEU A 24 5.82 -12.61 1.98
N PHE A 25 6.17 -11.34 2.12
CA PHE A 25 7.18 -10.73 1.25
C PHE A 25 8.18 -9.92 2.06
N ALA A 26 9.38 -9.75 1.50
CA ALA A 26 10.43 -9.00 2.18
C ALA A 26 10.06 -7.53 2.30
N SER A 27 9.67 -6.91 1.19
CA SER A 27 9.28 -5.51 1.19
C SER A 27 7.87 -5.33 0.64
N ALA A 28 7.34 -4.11 0.76
CA ALA A 28 5.99 -3.80 0.30
C ALA A 28 5.91 -3.91 -1.22
N GLU A 29 6.73 -3.11 -1.91
CA GLU A 29 6.75 -3.11 -3.36
C GLU A 29 6.52 -4.52 -3.92
N GLU A 30 7.34 -5.46 -3.47
CA GLU A 30 7.23 -6.84 -3.92
C GLU A 30 5.77 -7.31 -3.89
N THR A 31 5.13 -7.12 -2.74
CA THR A 31 3.73 -7.53 -2.58
C THR A 31 2.85 -6.91 -3.66
N PHE A 32 2.78 -5.58 -3.68
CA PHE A 32 1.97 -4.87 -4.66
C PHE A 32 2.13 -5.50 -6.05
N SER A 33 3.38 -5.53 -6.53
CA SER A 33 3.67 -6.09 -7.84
C SER A 33 3.03 -7.47 -8.00
N HIS A 34 3.10 -8.27 -6.95
CA HIS A 34 2.52 -9.61 -6.96
C HIS A 34 1.01 -9.56 -7.14
N CYS A 35 0.38 -8.59 -6.50
CA CYS A 35 -1.06 -8.42 -6.58
C CYS A 35 -1.47 -7.88 -7.95
N LYS A 36 -0.55 -7.17 -8.59
CA LYS A 36 -0.80 -6.60 -9.91
C LYS A 36 -0.71 -7.66 -11.00
N LEU A 37 -0.05 -8.77 -10.68
CA LEU A 37 0.10 -9.86 -11.64
C LEU A 37 -0.97 -10.92 -11.43
N GLU A 38 -1.19 -11.30 -10.18
CA GLU A 38 -2.19 -12.30 -9.85
C GLU A 38 -3.55 -11.65 -9.58
N HIS A 39 -3.62 -10.87 -8.50
CA HIS A 39 -4.86 -10.18 -8.13
C HIS A 39 -5.13 -9.01 -9.07
N GLN A 40 -4.27 -8.84 -10.07
CA GLN A 40 -4.41 -7.76 -11.03
C GLN A 40 -4.98 -6.51 -10.36
N PHE A 41 -4.55 -6.26 -9.13
CA PHE A 41 -5.01 -5.11 -8.37
C PHE A 41 -3.86 -4.15 -8.08
N ASN A 42 -3.96 -2.92 -8.59
CA ASN A 42 -2.93 -1.91 -8.38
C ASN A 42 -3.31 -0.98 -7.25
N ILE A 43 -2.34 -0.69 -6.38
CA ILE A 43 -2.57 0.20 -5.24
C ILE A 43 -2.41 1.65 -5.65
N ASP A 44 -1.43 1.92 -6.50
CA ASP A 44 -1.16 3.29 -6.97
C ASP A 44 -2.44 3.92 -7.52
N SER A 45 -3.16 3.17 -8.35
CA SER A 45 -4.39 3.67 -8.94
C SER A 45 -5.42 4.00 -7.87
N MET A 46 -5.50 3.15 -6.85
CA MET A 46 -6.45 3.35 -5.75
C MET A 46 -6.17 4.67 -5.04
N VAL A 47 -4.91 4.92 -4.73
CA VAL A 47 -4.52 6.15 -4.05
C VAL A 47 -5.05 7.38 -4.77
N HIS A 48 -4.74 7.49 -6.06
CA HIS A 48 -5.21 8.61 -6.87
C HIS A 48 -6.71 8.59 -7.02
N LYS A 49 -7.28 7.40 -7.21
CA LYS A 49 -8.72 7.24 -7.36
C LYS A 49 -9.47 8.03 -6.29
N HIS A 50 -9.38 7.56 -5.05
CA HIS A 50 -10.05 8.22 -3.94
C HIS A 50 -9.07 9.10 -3.17
N GLY A 51 -8.04 9.59 -3.85
CA GLY A 51 -7.06 10.44 -3.22
C GLY A 51 -6.76 10.01 -1.79
N LEU A 52 -6.28 8.78 -1.62
CA LEU A 52 -5.95 8.27 -0.30
C LEU A 52 -4.72 8.96 0.26
N GLU A 53 -4.94 9.98 1.08
CA GLU A 53 -3.84 10.73 1.68
C GLU A 53 -3.01 9.82 2.59
N PHE A 54 -2.05 10.41 3.28
CA PHE A 54 -1.18 9.66 4.19
C PHE A 54 -1.95 8.53 4.85
N TYR A 55 -2.89 8.88 5.71
CA TYR A 55 -3.69 7.89 6.42
C TYR A 55 -4.66 7.19 5.48
N GLY A 56 -5.29 7.96 4.60
CA GLY A 56 -6.22 7.39 3.65
C GLY A 56 -5.77 6.05 3.11
N TYR A 57 -4.53 6.01 2.62
CA TYR A 57 -3.97 4.78 2.07
C TYR A 57 -3.94 3.68 3.12
N ILE A 58 -3.44 4.02 4.30
CA ILE A 58 -3.36 3.06 5.40
C ILE A 58 -4.69 2.36 5.62
N LYS A 59 -5.76 3.14 5.76
CA LYS A 59 -7.09 2.60 5.98
C LYS A 59 -7.43 1.56 4.91
N LEU A 60 -7.00 1.82 3.68
CA LEU A 60 -7.27 0.91 2.57
C LEU A 60 -6.59 -0.44 2.81
N ILE A 61 -5.34 -0.40 3.24
CA ILE A 61 -4.59 -1.62 3.51
C ILE A 61 -5.26 -2.46 4.60
N ASN A 62 -5.31 -1.89 5.81
CA ASN A 62 -5.92 -2.59 6.93
C ASN A 62 -7.32 -3.10 6.57
N PHE A 63 -8.07 -2.28 5.83
CA PHE A 63 -9.42 -2.63 5.42
C PHE A 63 -9.44 -4.03 4.79
N ILE A 64 -8.54 -4.25 3.84
CA ILE A 64 -8.46 -5.54 3.16
C ILE A 64 -7.93 -6.62 4.10
N ARG A 65 -7.16 -6.21 5.10
CA ARG A 65 -6.61 -7.15 6.07
C ARG A 65 -7.69 -7.69 7.00
N LEU A 66 -8.67 -6.84 7.32
CA LEU A 66 -9.77 -7.24 8.19
C LEU A 66 -10.91 -7.85 7.38
N LYS A 67 -11.41 -7.09 6.41
CA LYS A 67 -12.51 -7.55 5.57
C LYS A 67 -12.06 -8.72 4.70
N ASN A 68 -10.91 -8.58 4.06
CA ASN A 68 -10.38 -9.63 3.20
C ASN A 68 -11.30 -9.89 2.02
N PRO A 69 -11.70 -8.81 1.33
CA PRO A 69 -12.58 -8.88 0.17
C PRO A 69 -11.90 -9.51 -1.03
N THR A 70 -12.52 -9.37 -2.20
CA THR A 70 -11.98 -9.93 -3.43
C THR A 70 -11.72 -8.84 -4.46
N VAL A 71 -10.69 -9.03 -5.29
CA VAL A 71 -10.34 -8.07 -6.31
C VAL A 71 -11.59 -7.47 -6.96
N GLU A 72 -12.36 -8.33 -7.63
CA GLU A 72 -13.58 -7.89 -8.29
C GLU A 72 -14.31 -6.84 -7.46
N TYR A 73 -14.35 -7.06 -6.15
CA TYR A 73 -15.02 -6.15 -5.24
C TYR A 73 -14.23 -4.85 -5.10
N MET A 74 -12.93 -4.97 -4.82
CA MET A 74 -12.07 -3.81 -4.66
C MET A 74 -12.30 -2.81 -5.80
N ASN A 75 -12.44 -3.32 -7.01
CA ASN A 75 -12.66 -2.48 -8.18
C ASN A 75 -14.02 -1.78 -8.11
N SER A 76 -14.97 -2.45 -7.46
CA SER A 76 -16.32 -1.90 -7.32
C SER A 76 -16.52 -1.29 -5.93
N ILE A 77 -16.02 -0.08 -5.76
CA ILE A 77 -16.15 0.62 -4.49
C ILE A 77 -16.34 2.12 -4.70
N TYR A 78 -17.12 2.73 -3.81
CA TYR A 78 -17.39 4.16 -3.89
C TYR A 78 -17.49 4.78 -2.49
N ASN A 79 -17.84 6.06 -2.45
CA ASN A 79 -17.97 6.78 -1.19
C ASN A 79 -19.42 6.75 -0.69
N PRO A 80 -19.59 6.63 0.63
CA PRO A 80 -18.47 6.53 1.57
C PRO A 80 -17.73 5.20 1.45
N VAL A 81 -16.41 5.27 1.32
CA VAL A 81 -15.59 4.08 1.20
C VAL A 81 -15.76 3.16 2.40
N PRO A 82 -15.57 1.85 2.19
CA PRO A 82 -15.70 0.84 3.25
C PRO A 82 -14.57 0.94 4.27
N TRP A 83 -13.62 1.83 4.03
CA TRP A 83 -12.49 2.01 4.92
C TRP A 83 -12.46 3.43 5.47
N GLU A 84 -13.64 4.05 5.56
CA GLU A 84 -13.74 5.41 6.07
C GLU A 84 -13.92 5.42 7.59
N LYS A 85 -13.28 4.45 8.25
CA LYS A 85 -13.36 4.34 9.70
C LYS A 85 -11.98 4.40 10.33
N ASP A 86 -11.86 5.15 11.43
CA ASP A 86 -10.59 5.28 12.13
C ASP A 86 -10.03 3.92 12.53
N GLU A 87 -10.89 3.10 13.13
CA GLU A 87 -10.49 1.76 13.56
C GLU A 87 -9.49 1.15 12.59
N TYR A 88 -9.79 1.25 11.30
CA TYR A 88 -8.92 0.70 10.27
C TYR A 88 -7.50 1.25 10.40
N LEU A 89 -7.40 2.56 10.64
CA LEU A 89 -6.10 3.21 10.79
C LEU A 89 -5.12 2.30 11.53
N LYS A 90 -5.61 1.64 12.58
CA LYS A 90 -4.78 0.75 13.37
C LYS A 90 -4.24 -0.40 12.52
N PRO A 91 -2.98 -0.77 12.74
CA PRO A 91 -2.32 -1.85 12.01
C PRO A 91 -2.88 -3.23 12.37
N VAL A 92 -3.77 -3.74 11.53
CA VAL A 92 -4.38 -5.04 11.76
C VAL A 92 -3.33 -6.08 12.15
N LEU A 93 -2.17 -5.99 11.50
CA LEU A 93 -1.08 -6.93 11.76
C LEU A 93 0.07 -6.23 12.49
N GLU A 94 1.15 -6.96 12.69
CA GLU A 94 2.33 -6.41 13.38
C GLU A 94 3.47 -6.18 12.39
N ASP A 95 4.22 -5.10 12.61
CA ASP A 95 5.34 -4.76 11.75
C ASP A 95 4.88 -4.62 10.30
N ASP A 96 3.78 -3.91 10.10
CA ASP A 96 3.24 -3.70 8.76
C ASP A 96 4.12 -2.74 7.97
N LEU A 97 4.79 -3.26 6.94
CA LEU A 97 5.66 -2.45 6.11
C LEU A 97 4.85 -1.62 5.13
N LEU A 98 3.74 -2.17 4.67
CA LEU A 98 2.87 -1.47 3.72
C LEU A 98 2.48 -0.09 4.25
N LEU A 99 2.28 0.00 5.56
CA LEU A 99 1.91 1.26 6.19
C LEU A 99 3.08 2.25 6.17
N GLN A 100 4.29 1.75 6.43
CA GLN A 100 5.47 2.58 6.42
C GLN A 100 5.99 2.79 5.01
N PHE A 101 5.16 2.45 4.02
CA PHE A 101 5.54 2.60 2.62
C PHE A 101 5.54 4.07 2.22
N ASP A 102 6.53 4.47 1.42
CA ASP A 102 6.64 5.85 0.96
C ASP A 102 5.58 6.16 -0.08
N VAL A 103 4.34 6.24 0.34
CA VAL A 103 3.22 6.53 -0.56
C VAL A 103 3.37 7.92 -1.17
N GLU A 104 4.07 8.80 -0.46
CA GLU A 104 4.27 10.17 -0.92
C GLU A 104 4.72 10.18 -2.38
N ASP A 105 5.61 9.25 -2.73
CA ASP A 105 6.12 9.15 -4.09
C ASP A 105 4.98 9.17 -5.11
N LEU A 106 3.86 8.57 -4.74
CA LEU A 106 2.69 8.51 -5.61
C LEU A 106 2.11 9.90 -5.84
N TYR A 107 2.22 10.75 -4.82
CA TYR A 107 1.70 12.11 -4.90
C TYR A 107 2.54 12.96 -5.86
N GLU A 108 1.93 13.37 -6.97
CA GLU A 108 2.62 14.17 -7.96
C GLU A 108 2.78 15.61 -7.48
N PRO A 109 3.85 16.27 -7.95
CA PRO A 109 4.15 17.65 -7.59
C PRO A 109 3.14 18.65 -8.18
N VAL A 110 2.00 18.78 -7.52
CA VAL A 110 0.96 19.69 -7.97
C VAL A 110 0.18 20.28 -6.80
N SER A 111 -0.02 21.58 -6.82
CA SER A 111 -0.75 22.27 -5.75
C SER A 111 -0.06 22.06 -4.41
N THR A 112 1.26 22.06 -4.43
CA THR A 112 2.05 21.86 -3.21
C THR A 112 3.38 22.57 -3.30
N PRO A 113 3.81 23.19 -2.19
CA PRO A 113 5.08 23.91 -2.11
C PRO A 113 6.28 22.97 -2.18
N PHE A 114 6.02 21.67 -2.30
CA PHE A 114 7.08 20.68 -2.37
C PHE A 114 7.90 20.85 -3.65
N SER A 115 8.88 21.74 -3.59
CA SER A 115 9.74 22.01 -4.73
C SER A 115 11.17 22.33 -4.29
N SER A 116 12.12 22.10 -5.18
CA SER A 116 13.52 22.36 -4.88
C SER A 116 14.28 22.81 -6.12
N GLY A 117 15.33 23.59 -5.92
CA GLY A 117 16.13 24.08 -7.04
C GLY A 117 17.51 24.54 -6.61
N PRO A 118 18.44 23.59 -6.49
CA PRO A 118 19.82 23.88 -6.09
C PRO A 118 20.59 24.64 -7.17
N SER A 119 20.62 25.95 -7.06
CA SER A 119 21.32 26.79 -8.02
C SER A 119 22.82 26.77 -7.78
N SER A 120 23.59 26.53 -8.83
CA SER A 120 25.04 26.48 -8.73
C SER A 120 25.69 26.56 -10.10
N GLY A 121 26.95 26.98 -10.13
CA GLY A 121 27.67 27.11 -11.40
C GLY A 121 28.06 25.75 -11.97
ZN ZN B . -1.62 -12.08 -2.72
N GLY A 1 17.74 -3.57 21.54
CA GLY A 1 18.35 -2.88 20.41
C GLY A 1 18.88 -3.84 19.37
N SER A 2 18.78 -3.44 18.10
CA SER A 2 19.25 -4.27 16.99
C SER A 2 20.74 -4.08 16.77
N SER A 3 21.35 -5.04 16.08
CA SER A 3 22.78 -4.98 15.79
C SER A 3 23.06 -4.13 14.57
N GLY A 4 23.74 -3.02 14.77
CA GLY A 4 24.06 -2.12 13.67
C GLY A 4 24.80 -2.82 12.55
N SER A 5 24.06 -3.29 11.56
CA SER A 5 24.65 -3.99 10.42
C SER A 5 25.27 -3.00 9.44
N SER A 6 26.59 -3.11 9.26
CA SER A 6 27.31 -2.22 8.35
C SER A 6 28.04 -3.02 7.28
N GLY A 7 28.86 -3.97 7.71
CA GLY A 7 29.60 -4.80 6.78
C GLY A 7 28.70 -5.71 5.96
N GLU A 8 28.00 -6.60 6.65
CA GLU A 8 27.10 -7.54 5.99
C GLU A 8 26.05 -6.81 5.16
N PRO A 9 25.48 -7.51 4.18
CA PRO A 9 24.45 -6.93 3.30
C PRO A 9 23.13 -6.67 4.03
N ALA A 10 22.42 -5.64 3.61
CA ALA A 10 21.14 -5.30 4.22
C ALA A 10 20.12 -6.42 4.04
N HIS A 11 19.92 -7.19 5.10
CA HIS A 11 18.97 -8.30 5.06
C HIS A 11 18.51 -8.67 6.46
N GLY A 12 17.20 -8.80 6.64
CA GLY A 12 16.66 -9.15 7.94
C GLY A 12 15.42 -10.01 7.84
N ARG A 13 14.90 -10.44 8.98
CA ARG A 13 13.70 -11.28 9.02
C ARG A 13 12.44 -10.43 8.90
N GLN A 14 12.48 -9.44 8.00
CA GLN A 14 11.34 -8.56 7.80
C GLN A 14 10.54 -8.98 6.57
N HIS A 15 9.27 -9.31 6.78
CA HIS A 15 8.40 -9.73 5.68
C HIS A 15 6.96 -9.30 5.95
N THR A 16 6.25 -8.97 4.87
CA THR A 16 4.86 -8.53 4.98
C THR A 16 3.94 -9.43 4.16
N PRO A 17 2.87 -9.94 4.80
CA PRO A 17 1.90 -10.81 4.15
C PRO A 17 1.04 -10.07 3.12
N CYS A 18 0.38 -10.82 2.26
CA CYS A 18 -0.47 -10.23 1.22
C CYS A 18 -1.82 -9.83 1.81
N LEU A 19 -2.52 -8.94 1.10
CA LEU A 19 -3.83 -8.47 1.54
C LEU A 19 -4.92 -9.46 1.15
N PHE A 20 -4.84 -9.98 -0.06
CA PHE A 20 -5.83 -10.95 -0.55
C PHE A 20 -5.47 -12.36 -0.11
N CYS A 21 -4.20 -12.72 -0.28
CA CYS A 21 -3.72 -14.05 0.09
C CYS A 21 -2.82 -13.98 1.31
N ASP A 22 -2.24 -15.11 1.68
CA ASP A 22 -1.35 -15.19 2.84
C ASP A 22 0.09 -15.35 2.40
N ARG A 23 0.49 -14.62 1.36
CA ARG A 23 1.85 -14.69 0.84
C ARG A 23 2.73 -13.63 1.48
N LEU A 24 3.89 -14.04 1.97
CA LEU A 24 4.83 -13.13 2.61
C LEU A 24 5.81 -12.56 1.60
N PHE A 25 6.16 -11.28 1.77
CA PHE A 25 7.10 -10.62 0.88
C PHE A 25 8.12 -9.82 1.67
N ALA A 26 9.40 -10.03 1.35
CA ALA A 26 10.47 -9.31 2.03
C ALA A 26 10.16 -7.83 2.17
N SER A 27 9.65 -7.24 1.09
CA SER A 27 9.30 -5.82 1.08
C SER A 27 7.85 -5.62 0.69
N ALA A 28 7.38 -4.38 0.78
CA ALA A 28 6.00 -4.05 0.44
C ALA A 28 5.83 -3.96 -1.07
N GLU A 29 6.91 -3.60 -1.77
CA GLU A 29 6.86 -3.47 -3.22
C GLU A 29 6.69 -4.84 -3.89
N GLU A 30 7.36 -5.84 -3.33
CA GLU A 30 7.28 -7.20 -3.87
C GLU A 30 5.84 -7.69 -3.90
N THR A 31 5.08 -7.33 -2.86
CA THR A 31 3.68 -7.73 -2.76
C THR A 31 2.83 -7.05 -3.81
N PHE A 32 2.81 -5.72 -3.78
CA PHE A 32 2.03 -4.94 -4.74
C PHE A 32 2.09 -5.56 -6.13
N SER A 33 3.30 -5.56 -6.71
CA SER A 33 3.49 -6.12 -8.04
C SER A 33 2.84 -7.50 -8.15
N HIS A 34 3.07 -8.34 -7.16
CA HIS A 34 2.51 -9.69 -7.15
C HIS A 34 0.99 -9.64 -7.27
N CYS A 35 0.37 -8.71 -6.56
CA CYS A 35 -1.08 -8.57 -6.59
C CYS A 35 -1.54 -7.98 -7.92
N LYS A 36 -0.63 -7.25 -8.58
CA LYS A 36 -0.94 -6.63 -9.86
C LYS A 36 -0.89 -7.66 -10.99
N LEU A 37 -0.16 -8.74 -10.75
CA LEU A 37 -0.02 -9.80 -11.75
C LEU A 37 -1.10 -10.85 -11.57
N GLU A 38 -1.37 -11.23 -10.32
CA GLU A 38 -2.38 -12.22 -10.02
C GLU A 38 -3.71 -11.57 -9.66
N HIS A 39 -3.72 -10.79 -8.58
CA HIS A 39 -4.92 -10.11 -8.14
C HIS A 39 -5.23 -8.91 -9.04
N GLN A 40 -4.39 -8.71 -10.04
CA GLN A 40 -4.57 -7.61 -10.98
C GLN A 40 -5.04 -6.35 -10.24
N PHE A 41 -4.63 -6.22 -8.99
CA PHE A 41 -5.01 -5.07 -8.18
C PHE A 41 -3.82 -4.16 -7.94
N ASN A 42 -3.96 -2.89 -8.32
CA ASN A 42 -2.90 -1.91 -8.14
C ASN A 42 -3.21 -0.95 -7.00
N ILE A 43 -2.16 -0.45 -6.34
CA ILE A 43 -2.32 0.46 -5.24
C ILE A 43 -2.24 1.92 -5.70
N ASP A 44 -1.22 2.22 -6.51
CA ASP A 44 -1.03 3.56 -7.02
C ASP A 44 -2.31 4.09 -7.66
N SER A 45 -2.99 3.23 -8.40
CA SER A 45 -4.24 3.61 -9.07
C SER A 45 -5.30 4.01 -8.05
N MET A 46 -5.36 3.27 -6.95
CA MET A 46 -6.33 3.55 -5.89
C MET A 46 -6.02 4.88 -5.21
N VAL A 47 -4.76 5.08 -4.86
CA VAL A 47 -4.33 6.30 -4.20
C VAL A 47 -4.79 7.53 -4.96
N HIS A 48 -4.81 7.41 -6.29
CA HIS A 48 -5.24 8.52 -7.15
C HIS A 48 -6.75 8.48 -7.37
N LYS A 49 -7.23 7.39 -7.97
CA LYS A 49 -8.65 7.23 -8.23
C LYS A 49 -9.49 7.87 -7.13
N HIS A 50 -9.46 7.29 -5.94
CA HIS A 50 -10.21 7.80 -4.81
C HIS A 50 -9.50 9.00 -4.18
N GLY A 51 -8.19 9.08 -4.39
CA GLY A 51 -7.42 10.17 -3.84
C GLY A 51 -7.05 9.96 -2.38
N LEU A 52 -6.70 8.73 -2.03
CA LEU A 52 -6.33 8.39 -0.66
C LEU A 52 -5.23 9.31 -0.15
N GLU A 53 -5.34 9.72 1.11
CA GLU A 53 -4.34 10.59 1.71
C GLU A 53 -3.42 9.81 2.65
N PHE A 54 -2.42 10.50 3.19
CA PHE A 54 -1.48 9.86 4.10
C PHE A 54 -2.17 8.82 4.97
N TYR A 55 -3.18 9.25 5.72
CA TYR A 55 -3.91 8.35 6.60
C TYR A 55 -4.80 7.41 5.79
N GLY A 56 -5.54 7.97 4.83
CA GLY A 56 -6.42 7.17 4.01
C GLY A 56 -5.76 5.88 3.55
N TYR A 57 -4.64 6.00 2.85
CA TYR A 57 -3.93 4.84 2.35
C TYR A 57 -3.82 3.76 3.42
N ILE A 58 -3.53 4.19 4.65
CA ILE A 58 -3.41 3.26 5.77
C ILE A 58 -4.68 2.44 5.96
N LYS A 59 -5.82 3.11 5.87
CA LYS A 59 -7.11 2.45 6.03
C LYS A 59 -7.33 1.41 4.93
N LEU A 60 -6.92 1.77 3.71
CA LEU A 60 -7.08 0.87 2.57
C LEU A 60 -6.39 -0.46 2.83
N ILE A 61 -5.14 -0.40 3.30
CA ILE A 61 -4.37 -1.60 3.59
C ILE A 61 -5.04 -2.42 4.69
N ASN A 62 -5.06 -1.88 5.91
CA ASN A 62 -5.67 -2.57 7.04
C ASN A 62 -7.09 -3.03 6.69
N PHE A 63 -7.77 -2.27 5.86
CA PHE A 63 -9.14 -2.60 5.45
C PHE A 63 -9.20 -4.01 4.87
N ILE A 64 -8.28 -4.30 3.95
CA ILE A 64 -8.23 -5.61 3.31
C ILE A 64 -7.78 -6.68 4.30
N ARG A 65 -6.96 -6.28 5.27
CA ARG A 65 -6.47 -7.20 6.28
C ARG A 65 -7.59 -7.69 7.18
N LEU A 66 -8.53 -6.80 7.47
CA LEU A 66 -9.67 -7.15 8.32
C LEU A 66 -10.81 -7.74 7.50
N LYS A 67 -11.32 -6.95 6.56
CA LYS A 67 -12.42 -7.40 5.72
C LYS A 67 -12.00 -8.60 4.88
N ASN A 68 -10.84 -8.50 4.24
CA ASN A 68 -10.32 -9.58 3.40
C ASN A 68 -11.26 -9.84 2.23
N PRO A 69 -11.69 -8.76 1.55
CA PRO A 69 -12.58 -8.85 0.39
C PRO A 69 -11.89 -9.46 -0.82
N THR A 70 -12.57 -9.41 -1.96
CA THR A 70 -12.02 -9.95 -3.21
C THR A 70 -11.75 -8.83 -4.21
N VAL A 71 -10.79 -9.08 -5.10
CA VAL A 71 -10.43 -8.10 -6.12
C VAL A 71 -11.69 -7.48 -6.75
N GLU A 72 -12.49 -8.32 -7.39
CA GLU A 72 -13.72 -7.85 -8.03
C GLU A 72 -14.35 -6.70 -7.25
N TYR A 73 -14.33 -6.83 -5.92
CA TYR A 73 -14.89 -5.81 -5.05
C TYR A 73 -13.98 -4.58 -4.98
N MET A 74 -12.71 -4.82 -4.67
CA MET A 74 -11.74 -3.73 -4.57
C MET A 74 -11.80 -2.83 -5.79
N ASN A 75 -12.39 -3.34 -6.87
CA ASN A 75 -12.52 -2.57 -8.10
C ASN A 75 -13.82 -1.78 -8.12
N SER A 76 -14.84 -2.31 -7.45
CA SER A 76 -16.14 -1.64 -7.38
C SER A 76 -16.34 -0.97 -6.03
N ILE A 77 -15.75 0.21 -5.87
CA ILE A 77 -15.86 0.96 -4.64
C ILE A 77 -16.31 2.40 -4.90
N TYR A 78 -17.13 2.93 -4.00
CA TYR A 78 -17.62 4.29 -4.14
C TYR A 78 -17.86 4.92 -2.78
N ASN A 79 -17.44 6.18 -2.63
CA ASN A 79 -17.61 6.90 -1.37
C ASN A 79 -19.08 6.93 -0.95
N PRO A 80 -19.33 6.76 0.36
CA PRO A 80 -18.26 6.56 1.35
C PRO A 80 -17.58 5.21 1.21
N VAL A 81 -16.25 5.19 1.33
CA VAL A 81 -15.49 3.97 1.22
C VAL A 81 -15.75 3.04 2.41
N PRO A 82 -15.62 1.73 2.16
CA PRO A 82 -15.84 0.70 3.20
C PRO A 82 -14.75 0.72 4.27
N TRP A 83 -13.79 1.62 4.11
CA TRP A 83 -12.68 1.73 5.06
C TRP A 83 -12.59 3.15 5.62
N GLU A 84 -13.65 3.93 5.41
CA GLU A 84 -13.69 5.31 5.90
C GLU A 84 -13.94 5.35 7.40
N LYS A 85 -13.20 4.53 8.15
CA LYS A 85 -13.33 4.46 9.59
C LYS A 85 -11.98 4.61 10.28
N ASP A 86 -11.97 5.25 11.44
CA ASP A 86 -10.75 5.45 12.19
C ASP A 86 -10.16 4.11 12.64
N GLU A 87 -11.00 3.28 13.25
CA GLU A 87 -10.56 1.97 13.72
C GLU A 87 -9.54 1.36 12.76
N TYR A 88 -9.83 1.45 11.47
CA TYR A 88 -8.95 0.90 10.45
C TYR A 88 -7.55 1.49 10.57
N LEU A 89 -7.48 2.79 10.78
CA LEU A 89 -6.20 3.48 10.90
C LEU A 89 -5.19 2.61 11.65
N LYS A 90 -5.68 1.83 12.61
CA LYS A 90 -4.83 0.94 13.39
C LYS A 90 -4.27 -0.19 12.53
N PRO A 91 -3.00 -0.53 12.76
CA PRO A 91 -2.33 -1.60 12.01
C PRO A 91 -2.86 -2.99 12.37
N VAL A 92 -3.62 -3.58 11.45
CA VAL A 92 -4.19 -4.90 11.68
C VAL A 92 -3.11 -5.91 12.06
N LEU A 93 -1.94 -5.77 11.44
CA LEU A 93 -0.83 -6.67 11.72
C LEU A 93 0.27 -5.96 12.50
N GLU A 94 1.37 -6.65 12.73
CA GLU A 94 2.50 -6.08 13.47
C GLU A 94 3.63 -5.69 12.52
N ASP A 95 4.19 -4.50 12.74
CA ASP A 95 5.28 -4.02 11.90
C ASP A 95 4.96 -4.20 10.42
N ASP A 96 3.80 -3.69 10.01
CA ASP A 96 3.37 -3.80 8.62
C ASP A 96 4.22 -2.90 7.72
N LEU A 97 4.84 -3.50 6.71
CA LEU A 97 5.68 -2.77 5.77
C LEU A 97 4.84 -1.87 4.87
N LEU A 98 3.69 -2.40 4.44
CA LEU A 98 2.79 -1.65 3.57
C LEU A 98 2.39 -0.33 4.21
N LEU A 99 2.27 -0.33 5.53
CA LEU A 99 1.89 0.86 6.27
C LEU A 99 3.04 1.86 6.33
N GLN A 100 4.24 1.36 6.60
CA GLN A 100 5.43 2.21 6.67
C GLN A 100 6.00 2.48 5.29
N PHE A 101 5.22 2.15 4.27
CA PHE A 101 5.65 2.36 2.89
C PHE A 101 5.45 3.81 2.47
N ASP A 102 6.44 4.34 1.74
CA ASP A 102 6.38 5.73 1.28
C ASP A 102 5.28 5.90 0.23
N VAL A 103 4.09 6.29 0.68
CA VAL A 103 2.96 6.49 -0.22
C VAL A 103 2.95 7.91 -0.78
N GLU A 104 3.48 8.84 -0.01
CA GLU A 104 3.54 10.25 -0.42
C GLU A 104 4.27 10.38 -1.75
N ASP A 105 5.18 9.45 -2.02
CA ASP A 105 5.95 9.47 -3.26
C ASP A 105 5.04 9.35 -4.47
N LEU A 106 3.86 8.77 -4.26
CA LEU A 106 2.89 8.59 -5.33
C LEU A 106 2.00 9.81 -5.47
N TYR A 107 2.10 10.73 -4.52
CA TYR A 107 1.29 11.94 -4.53
C TYR A 107 1.90 12.97 -5.47
N GLU A 108 3.06 12.66 -6.02
CA GLU A 108 3.75 13.57 -6.94
C GLU A 108 4.78 12.81 -7.76
N PRO A 109 5.19 13.42 -8.89
CA PRO A 109 6.18 12.83 -9.80
C PRO A 109 7.58 12.80 -9.20
N VAL A 110 8.51 12.14 -9.88
CA VAL A 110 9.88 12.04 -9.41
C VAL A 110 10.77 13.10 -10.08
N SER A 111 10.13 14.10 -10.67
CA SER A 111 10.86 15.17 -11.35
C SER A 111 11.47 16.14 -10.34
N THR A 112 10.72 16.43 -9.28
CA THR A 112 11.18 17.34 -8.24
C THR A 112 12.66 17.14 -7.95
N PRO A 113 13.37 18.26 -7.71
CA PRO A 113 14.81 18.23 -7.42
C PRO A 113 15.10 17.62 -6.05
N PHE A 114 14.06 17.33 -5.29
CA PHE A 114 14.21 16.74 -3.96
C PHE A 114 14.41 15.23 -4.06
N SER A 115 15.42 14.83 -4.82
CA SER A 115 15.72 13.41 -4.98
C SER A 115 17.02 13.04 -4.30
N SER A 116 17.25 13.63 -3.12
CA SER A 116 18.47 13.36 -2.36
C SER A 116 18.14 13.15 -0.88
N GLY A 117 19.19 12.92 -0.08
CA GLY A 117 19.00 12.71 1.33
C GLY A 117 20.27 12.28 2.04
N PRO A 118 21.04 13.27 2.52
CA PRO A 118 22.31 13.02 3.22
C PRO A 118 22.09 12.37 4.59
N SER A 119 23.19 12.15 5.30
CA SER A 119 23.13 11.54 6.63
C SER A 119 24.40 11.81 7.42
N SER A 120 24.24 12.34 8.62
CA SER A 120 25.38 12.66 9.47
C SER A 120 25.30 11.89 10.79
N GLY A 121 26.32 12.06 11.63
CA GLY A 121 26.35 11.37 12.91
C GLY A 121 25.87 12.26 14.04
ZN ZN B . -1.60 -12.17 -3.02
N GLY A 1 13.47 2.49 -19.54
CA GLY A 1 12.09 2.79 -19.20
C GLY A 1 11.92 3.12 -17.74
N SER A 2 11.00 4.04 -17.43
CA SER A 2 10.74 4.44 -16.06
C SER A 2 10.73 3.23 -15.14
N SER A 3 10.06 2.17 -15.57
CA SER A 3 9.96 0.94 -14.78
C SER A 3 11.35 0.47 -14.34
N GLY A 4 11.46 0.04 -13.09
CA GLY A 4 12.73 -0.44 -12.58
C GLY A 4 12.98 0.00 -11.15
N SER A 5 12.37 -0.71 -10.21
CA SER A 5 12.52 -0.39 -8.79
C SER A 5 13.51 -1.34 -8.12
N SER A 6 14.53 -0.76 -7.49
CA SER A 6 15.55 -1.56 -6.82
C SER A 6 16.39 -0.69 -5.88
N GLY A 7 17.31 -1.31 -5.16
CA GLY A 7 18.16 -0.57 -4.24
C GLY A 7 18.32 -1.28 -2.91
N GLU A 8 19.39 -2.05 -2.78
CA GLU A 8 19.65 -2.79 -1.54
C GLU A 8 18.39 -3.52 -1.06
N PRO A 9 17.76 -4.26 -1.99
CA PRO A 9 16.54 -5.02 -1.69
C PRO A 9 16.82 -6.21 -0.77
N ALA A 10 18.07 -6.35 -0.35
CA ALA A 10 18.45 -7.45 0.53
C ALA A 10 17.33 -7.81 1.50
N HIS A 11 17.16 -9.10 1.74
CA HIS A 11 16.11 -9.57 2.64
C HIS A 11 16.60 -9.56 4.09
N GLY A 12 15.71 -9.18 5.00
CA GLY A 12 16.07 -9.13 6.40
C GLY A 12 15.23 -10.06 7.26
N ARG A 13 14.57 -9.50 8.26
CA ARG A 13 13.72 -10.29 9.15
C ARG A 13 12.31 -9.73 9.21
N GLN A 14 12.08 -8.63 8.49
CA GLN A 14 10.78 -7.98 8.46
C GLN A 14 10.06 -8.28 7.15
N HIS A 15 9.04 -9.14 7.22
CA HIS A 15 8.27 -9.50 6.04
C HIS A 15 6.81 -9.09 6.20
N THR A 16 6.20 -8.65 5.10
CA THR A 16 4.81 -8.22 5.12
C THR A 16 3.95 -9.11 4.22
N PRO A 17 2.87 -9.67 4.79
CA PRO A 17 1.95 -10.54 4.06
C PRO A 17 1.14 -9.78 3.02
N CYS A 18 0.41 -10.53 2.19
CA CYS A 18 -0.41 -9.92 1.15
C CYS A 18 -1.77 -9.50 1.71
N LEU A 19 -2.47 -8.65 0.96
CA LEU A 19 -3.78 -8.17 1.39
C LEU A 19 -4.87 -9.16 1.01
N PHE A 20 -4.82 -9.64 -0.23
CA PHE A 20 -5.81 -10.60 -0.71
C PHE A 20 -5.49 -12.01 -0.22
N CYS A 21 -4.22 -12.39 -0.31
CA CYS A 21 -3.77 -13.70 0.12
C CYS A 21 -2.88 -13.61 1.35
N ASP A 22 -2.35 -14.75 1.79
CA ASP A 22 -1.48 -14.78 2.95
C ASP A 22 -0.03 -15.04 2.55
N ARG A 23 0.41 -14.38 1.48
CA ARG A 23 1.78 -14.55 0.98
C ARG A 23 2.71 -13.53 1.63
N LEU A 24 3.77 -14.02 2.27
CA LEU A 24 4.74 -13.16 2.92
C LEU A 24 5.83 -12.71 1.94
N PHE A 25 6.20 -11.45 2.02
CA PHE A 25 7.23 -10.90 1.13
C PHE A 25 8.23 -10.05 1.93
N ALA A 26 9.51 -10.23 1.63
CA ALA A 26 10.56 -9.48 2.31
C ALA A 26 10.17 -8.02 2.49
N SER A 27 9.87 -7.35 1.38
CA SER A 27 9.49 -5.94 1.41
C SER A 27 8.13 -5.74 0.76
N ALA A 28 7.60 -4.52 0.87
CA ALA A 28 6.31 -4.19 0.29
C ALA A 28 6.34 -4.30 -1.23
N GLU A 29 7.25 -3.56 -1.85
CA GLU A 29 7.38 -3.58 -3.31
C GLU A 29 7.09 -4.97 -3.86
N GLU A 30 7.65 -5.99 -3.22
CA GLU A 30 7.45 -7.36 -3.66
C GLU A 30 5.97 -7.72 -3.68
N THR A 31 5.30 -7.51 -2.56
CA THR A 31 3.87 -7.81 -2.45
C THR A 31 3.08 -7.09 -3.54
N PHE A 32 3.19 -5.77 -3.57
CA PHE A 32 2.47 -4.97 -4.56
C PHE A 32 2.59 -5.61 -5.94
N SER A 33 3.81 -5.63 -6.48
CA SER A 33 4.05 -6.20 -7.80
C SER A 33 3.35 -7.55 -7.95
N HIS A 34 3.48 -8.40 -6.93
CA HIS A 34 2.86 -9.72 -6.94
C HIS A 34 1.36 -9.61 -7.18
N CYS A 35 0.72 -8.65 -6.52
CA CYS A 35 -0.72 -8.45 -6.66
C CYS A 35 -1.06 -7.98 -8.07
N LYS A 36 -0.14 -7.24 -8.68
CA LYS A 36 -0.35 -6.72 -10.03
C LYS A 36 -0.21 -7.84 -11.06
N LEU A 37 0.46 -8.92 -10.67
CA LEU A 37 0.66 -10.06 -11.56
C LEU A 37 -0.43 -11.11 -11.35
N GLU A 38 -0.73 -11.40 -10.09
CA GLU A 38 -1.75 -12.40 -9.76
C GLU A 38 -3.11 -11.73 -9.60
N HIS A 39 -3.26 -10.91 -8.57
CA HIS A 39 -4.51 -10.21 -8.32
C HIS A 39 -4.70 -9.04 -9.29
N GLN A 40 -3.80 -8.95 -10.26
CA GLN A 40 -3.86 -7.88 -11.26
C GLN A 40 -4.47 -6.61 -10.65
N PHE A 41 -4.15 -6.35 -9.40
CA PHE A 41 -4.67 -5.17 -8.70
C PHE A 41 -3.54 -4.18 -8.41
N ASN A 42 -3.79 -2.91 -8.73
CA ASN A 42 -2.80 -1.86 -8.52
C ASN A 42 -3.19 -0.99 -7.32
N ILE A 43 -2.19 -0.61 -6.53
CA ILE A 43 -2.43 0.23 -5.35
C ILE A 43 -2.34 1.71 -5.70
N ASP A 44 -1.49 2.02 -6.68
CA ASP A 44 -1.30 3.40 -7.10
C ASP A 44 -2.60 3.98 -7.65
N SER A 45 -3.30 3.19 -8.46
CA SER A 45 -4.56 3.63 -9.05
C SER A 45 -5.57 3.98 -7.97
N MET A 46 -5.67 3.12 -6.95
CA MET A 46 -6.60 3.34 -5.86
C MET A 46 -6.32 4.67 -5.15
N VAL A 47 -5.03 4.93 -4.91
CA VAL A 47 -4.63 6.17 -4.24
C VAL A 47 -5.15 7.40 -4.99
N HIS A 48 -4.89 7.43 -6.30
CA HIS A 48 -5.33 8.55 -7.12
C HIS A 48 -6.85 8.55 -7.27
N LYS A 49 -7.43 7.36 -7.41
CA LYS A 49 -8.87 7.24 -7.55
C LYS A 49 -9.59 7.77 -6.32
N HIS A 50 -9.40 7.10 -5.18
CA HIS A 50 -10.04 7.52 -3.94
C HIS A 50 -9.20 8.59 -3.24
N GLY A 51 -8.35 9.25 -4.00
CA GLY A 51 -7.51 10.30 -3.44
C GLY A 51 -7.06 9.97 -2.02
N LEU A 52 -6.66 8.73 -1.80
CA LEU A 52 -6.21 8.29 -0.48
C LEU A 52 -4.99 9.09 -0.03
N GLU A 53 -5.13 9.80 1.10
CA GLU A 53 -4.04 10.60 1.63
C GLU A 53 -3.21 9.80 2.62
N PHE A 54 -2.25 10.46 3.25
CA PHE A 54 -1.38 9.81 4.23
C PHE A 54 -2.13 8.72 4.99
N TYR A 55 -3.24 9.10 5.61
CA TYR A 55 -4.04 8.15 6.38
C TYR A 55 -4.88 7.28 5.45
N GLY A 56 -5.53 7.91 4.48
CA GLY A 56 -6.35 7.16 3.54
C GLY A 56 -5.71 5.86 3.12
N TYR A 57 -4.50 5.93 2.58
CA TYR A 57 -3.79 4.75 2.14
C TYR A 57 -3.72 3.70 3.24
N ILE A 58 -3.41 4.15 4.44
CA ILE A 58 -3.31 3.25 5.59
C ILE A 58 -4.60 2.45 5.77
N LYS A 59 -5.73 3.15 5.73
CA LYS A 59 -7.03 2.50 5.88
C LYS A 59 -7.28 1.50 4.76
N LEU A 60 -6.93 1.88 3.54
CA LEU A 60 -7.12 1.02 2.38
C LEU A 60 -6.45 -0.34 2.61
N ILE A 61 -5.20 -0.31 3.06
CA ILE A 61 -4.45 -1.54 3.33
C ILE A 61 -5.09 -2.34 4.45
N ASN A 62 -5.06 -1.78 5.66
CA ASN A 62 -5.64 -2.45 6.82
C ASN A 62 -7.05 -2.95 6.52
N PHE A 63 -7.78 -2.18 5.71
CA PHE A 63 -9.14 -2.55 5.34
C PHE A 63 -9.19 -3.95 4.72
N ILE A 64 -8.30 -4.20 3.78
CA ILE A 64 -8.23 -5.49 3.11
C ILE A 64 -7.77 -6.58 4.08
N ARG A 65 -7.08 -6.18 5.13
CA ARG A 65 -6.59 -7.12 6.13
C ARG A 65 -7.71 -7.61 7.03
N LEU A 66 -8.62 -6.70 7.38
CA LEU A 66 -9.75 -7.04 8.22
C LEU A 66 -10.88 -7.66 7.41
N LYS A 67 -11.35 -6.92 6.41
CA LYS A 67 -12.42 -7.40 5.55
C LYS A 67 -11.96 -8.58 4.70
N ASN A 68 -10.89 -8.39 3.96
CA ASN A 68 -10.34 -9.43 3.11
C ASN A 68 -11.26 -9.70 1.92
N PRO A 69 -11.68 -8.63 1.24
CA PRO A 69 -12.57 -8.72 0.08
C PRO A 69 -11.87 -9.33 -1.13
N THR A 70 -12.49 -9.17 -2.30
CA THR A 70 -11.93 -9.71 -3.54
C THR A 70 -11.67 -8.59 -4.55
N VAL A 71 -10.69 -8.81 -5.42
CA VAL A 71 -10.34 -7.83 -6.44
C VAL A 71 -11.60 -7.21 -7.05
N GLU A 72 -12.53 -8.08 -7.46
CA GLU A 72 -13.77 -7.62 -8.07
C GLU A 72 -14.49 -6.63 -7.16
N TYR A 73 -14.67 -7.01 -5.90
CA TYR A 73 -15.35 -6.16 -4.93
C TYR A 73 -14.66 -4.80 -4.84
N MET A 74 -13.34 -4.80 -4.86
CA MET A 74 -12.56 -3.56 -4.78
C MET A 74 -12.97 -2.61 -5.89
N ASN A 75 -13.66 -3.12 -6.88
CA ASN A 75 -14.11 -2.30 -8.02
C ASN A 75 -15.59 -1.94 -7.88
N SER A 76 -16.11 -2.05 -6.65
CA SER A 76 -17.50 -1.73 -6.39
C SER A 76 -17.64 -0.85 -5.15
N ILE A 77 -16.73 0.11 -5.02
CA ILE A 77 -16.73 1.02 -3.88
C ILE A 77 -16.97 2.45 -4.33
N TYR A 78 -17.59 3.24 -3.46
CA TYR A 78 -17.88 4.65 -3.77
C TYR A 78 -18.14 5.44 -2.49
N ASN A 79 -17.46 6.57 -2.35
CA ASN A 79 -17.61 7.42 -1.18
C ASN A 79 -19.08 7.48 -0.75
N PRO A 80 -19.32 7.23 0.55
CA PRO A 80 -18.27 6.92 1.51
C PRO A 80 -17.65 5.55 1.26
N VAL A 81 -16.36 5.42 1.56
CA VAL A 81 -15.64 4.16 1.36
C VAL A 81 -15.79 3.26 2.58
N PRO A 82 -15.74 1.94 2.35
CA PRO A 82 -15.86 0.94 3.42
C PRO A 82 -14.66 0.93 4.34
N TRP A 83 -13.67 1.76 4.03
CA TRP A 83 -12.46 1.84 4.84
C TRP A 83 -12.30 3.23 5.44
N GLU A 84 -13.41 3.95 5.56
CA GLU A 84 -13.39 5.30 6.11
C GLU A 84 -13.68 5.27 7.61
N LYS A 85 -13.10 4.29 8.30
CA LYS A 85 -13.30 4.15 9.74
C LYS A 85 -11.95 4.18 10.47
N ASP A 86 -11.95 4.78 11.66
CA ASP A 86 -10.74 4.88 12.46
C ASP A 86 -10.16 3.49 12.75
N GLU A 87 -11.01 2.60 13.24
CA GLU A 87 -10.58 1.24 13.55
C GLU A 87 -9.58 0.74 12.53
N TYR A 88 -9.80 1.07 11.27
CA TYR A 88 -8.91 0.65 10.19
C TYR A 88 -7.53 1.26 10.35
N LEU A 89 -7.49 2.53 10.72
CA LEU A 89 -6.22 3.24 10.92
C LEU A 89 -5.21 2.36 11.64
N LYS A 90 -5.70 1.59 12.61
CA LYS A 90 -4.83 0.70 13.38
C LYS A 90 -4.30 -0.43 12.49
N PRO A 91 -3.01 -0.76 12.68
CA PRO A 91 -2.35 -1.83 11.91
C PRO A 91 -2.86 -3.21 12.27
N VAL A 92 -3.84 -3.70 11.51
CA VAL A 92 -4.41 -5.01 11.76
C VAL A 92 -3.33 -6.03 12.11
N LEU A 93 -2.16 -5.86 11.52
CA LEU A 93 -1.04 -6.76 11.76
C LEU A 93 0.08 -6.04 12.52
N GLU A 94 1.20 -6.75 12.72
CA GLU A 94 2.33 -6.18 13.43
C GLU A 94 3.47 -5.85 12.46
N ASP A 95 4.20 -4.78 12.76
CA ASP A 95 5.32 -4.36 11.92
C ASP A 95 4.91 -4.35 10.45
N ASP A 96 3.78 -3.71 10.16
CA ASP A 96 3.27 -3.62 8.79
C ASP A 96 4.19 -2.76 7.93
N LEU A 97 4.83 -3.38 6.95
CA LEU A 97 5.74 -2.66 6.05
C LEU A 97 4.95 -1.77 5.09
N LEU A 98 3.88 -2.30 4.52
CA LEU A 98 3.05 -1.56 3.59
C LEU A 98 2.63 -0.22 4.18
N LEU A 99 2.02 -0.26 5.36
CA LEU A 99 1.58 0.96 6.03
C LEU A 99 2.72 1.97 6.14
N GLN A 100 3.95 1.46 6.16
CA GLN A 100 5.12 2.33 6.27
C GLN A 100 5.49 2.90 4.90
N PHE A 101 5.25 2.13 3.85
CA PHE A 101 5.56 2.56 2.50
C PHE A 101 5.23 4.04 2.32
N ASP A 102 6.19 4.80 1.80
CA ASP A 102 6.01 6.23 1.58
C ASP A 102 5.02 6.47 0.45
N VAL A 103 3.73 6.45 0.78
CA VAL A 103 2.69 6.68 -0.21
C VAL A 103 2.87 8.01 -0.92
N GLU A 104 3.57 8.93 -0.26
CA GLU A 104 3.83 10.25 -0.83
C GLU A 104 4.45 10.14 -2.22
N ASP A 105 5.41 9.24 -2.35
CA ASP A 105 6.09 9.03 -3.63
C ASP A 105 5.09 8.90 -4.76
N LEU A 106 3.92 8.34 -4.46
CA LEU A 106 2.87 8.15 -5.45
C LEU A 106 2.41 9.49 -6.02
N TYR A 107 2.37 10.51 -5.15
CA TYR A 107 1.95 11.84 -5.57
C TYR A 107 3.03 12.52 -6.41
N GLU A 108 2.72 12.76 -7.68
CA GLU A 108 3.66 13.39 -8.59
C GLU A 108 3.15 14.76 -9.02
N PRO A 109 4.00 15.79 -8.89
CA PRO A 109 3.65 17.16 -9.27
C PRO A 109 3.54 17.34 -10.77
N VAL A 110 2.62 18.19 -11.20
CA VAL A 110 2.39 18.46 -12.61
C VAL A 110 3.42 19.44 -13.15
N SER A 111 4.48 18.91 -13.76
CA SER A 111 5.53 19.75 -14.33
C SER A 111 6.41 18.94 -15.28
N THR A 112 6.79 19.57 -16.39
CA THR A 112 7.62 18.92 -17.39
C THR A 112 8.90 19.71 -17.65
N PRO A 113 10.00 19.31 -16.98
CA PRO A 113 11.29 19.97 -17.11
C PRO A 113 11.93 19.72 -18.48
N PHE A 114 11.29 18.88 -19.28
CA PHE A 114 11.79 18.55 -20.61
C PHE A 114 10.64 18.48 -21.62
N SER A 115 10.94 18.77 -22.87
CA SER A 115 9.94 18.74 -23.93
C SER A 115 10.55 18.28 -25.25
N SER A 116 10.00 17.19 -25.80
CA SER A 116 10.49 16.65 -27.05
C SER A 116 9.69 17.19 -28.24
N GLY A 117 10.33 17.23 -29.40
CA GLY A 117 9.67 17.73 -30.60
C GLY A 117 10.39 17.34 -31.87
N PRO A 118 10.44 16.03 -32.14
CA PRO A 118 11.11 15.49 -33.34
C PRO A 118 10.35 15.82 -34.62
N SER A 119 10.85 15.32 -35.74
CA SER A 119 10.23 15.57 -37.04
C SER A 119 9.17 14.50 -37.34
N SER A 120 8.21 14.85 -38.19
CA SER A 120 7.15 13.93 -38.55
C SER A 120 6.66 14.20 -39.98
N GLY A 121 6.14 13.16 -40.63
CA GLY A 121 5.66 13.30 -41.99
C GLY A 121 6.13 12.18 -42.90
ZN ZN B . -1.56 -11.99 -2.91
N GLY A 1 7.81 5.84 -14.34
CA GLY A 1 6.69 6.21 -13.48
C GLY A 1 5.84 5.02 -13.09
N SER A 2 5.50 4.93 -11.82
CA SER A 2 4.68 3.84 -11.32
C SER A 2 5.34 2.49 -11.62
N SER A 3 6.65 2.42 -11.43
CA SER A 3 7.40 1.19 -11.70
C SER A 3 8.76 1.23 -11.01
N GLY A 4 9.51 0.14 -11.14
CA GLY A 4 10.82 0.07 -10.52
C GLY A 4 10.98 -1.15 -9.63
N SER A 5 12.09 -1.86 -9.79
CA SER A 5 12.35 -3.05 -9.00
C SER A 5 13.86 -3.26 -8.81
N SER A 6 14.21 -4.18 -7.91
CA SER A 6 15.61 -4.46 -7.63
C SER A 6 15.77 -5.88 -7.06
N GLY A 7 16.98 -6.41 -7.15
CA GLY A 7 17.25 -7.73 -6.64
C GLY A 7 17.37 -7.76 -5.13
N GLU A 8 16.26 -8.02 -4.45
CA GLU A 8 16.25 -8.07 -2.99
C GLU A 8 15.72 -9.41 -2.48
N PRO A 9 16.65 -10.30 -2.11
CA PRO A 9 16.30 -11.64 -1.62
C PRO A 9 15.65 -11.59 -0.24
N ALA A 10 14.72 -12.50 0.01
CA ALA A 10 14.02 -12.56 1.29
C ALA A 10 14.57 -13.70 2.15
N HIS A 11 15.17 -13.33 3.29
CA HIS A 11 15.73 -14.32 4.20
C HIS A 11 16.01 -13.70 5.56
N GLY A 12 15.46 -14.31 6.61
CA GLY A 12 15.66 -13.81 7.95
C GLY A 12 15.56 -12.29 8.02
N ARG A 13 14.34 -11.79 7.98
CA ARG A 13 14.10 -10.35 8.04
C ARG A 13 12.61 -10.05 8.15
N GLN A 14 12.28 -8.77 8.26
CA GLN A 14 10.88 -8.35 8.38
C GLN A 14 10.12 -8.64 7.09
N HIS A 15 9.05 -9.43 7.22
CA HIS A 15 8.23 -9.78 6.07
C HIS A 15 6.80 -9.28 6.24
N THR A 16 6.10 -9.10 5.12
CA THR A 16 4.73 -8.61 5.15
C THR A 16 3.82 -9.46 4.27
N PRO A 17 2.73 -9.97 4.86
CA PRO A 17 1.77 -10.81 4.14
C PRO A 17 0.97 -10.03 3.11
N CYS A 18 0.27 -10.75 2.23
CA CYS A 18 -0.53 -10.12 1.19
C CYS A 18 -1.90 -9.71 1.73
N LEU A 19 -2.58 -8.85 0.99
CA LEU A 19 -3.89 -8.37 1.38
C LEU A 19 -4.98 -9.36 0.98
N PHE A 20 -4.90 -9.84 -0.25
CA PHE A 20 -5.88 -10.79 -0.77
C PHE A 20 -5.53 -12.21 -0.33
N CYS A 21 -4.27 -12.58 -0.49
CA CYS A 21 -3.80 -13.91 -0.12
C CYS A 21 -2.92 -13.85 1.13
N ASP A 22 -2.36 -14.99 1.51
CA ASP A 22 -1.50 -15.07 2.68
C ASP A 22 -0.04 -15.30 2.28
N ARG A 23 0.41 -14.57 1.26
CA ARG A 23 1.77 -14.70 0.77
C ARG A 23 2.69 -13.69 1.47
N LEU A 24 3.76 -14.19 2.08
CA LEU A 24 4.71 -13.33 2.78
C LEU A 24 5.74 -12.76 1.80
N PHE A 25 6.05 -11.48 1.95
CA PHE A 25 7.03 -10.82 1.09
C PHE A 25 8.08 -10.09 1.92
N ALA A 26 9.27 -9.95 1.35
CA ALA A 26 10.37 -9.28 2.04
C ALA A 26 10.13 -7.77 2.11
N SER A 27 9.72 -7.19 1.00
CA SER A 27 9.46 -5.75 0.93
C SER A 27 8.02 -5.48 0.48
N ALA A 28 7.46 -4.38 0.97
CA ALA A 28 6.09 -4.00 0.62
C ALA A 28 5.93 -3.89 -0.89
N GLU A 29 7.01 -3.51 -1.58
CA GLU A 29 6.98 -3.37 -3.03
C GLU A 29 6.85 -4.73 -3.71
N GLU A 30 7.52 -5.73 -3.16
CA GLU A 30 7.48 -7.08 -3.72
C GLU A 30 6.05 -7.61 -3.75
N THR A 31 5.26 -7.22 -2.76
CA THR A 31 3.87 -7.65 -2.67
C THR A 31 3.01 -6.94 -3.71
N PHE A 32 2.97 -5.62 -3.64
CA PHE A 32 2.19 -4.82 -4.57
C PHE A 32 2.27 -5.40 -5.98
N SER A 33 3.49 -5.46 -6.52
CA SER A 33 3.71 -5.99 -7.86
C SER A 33 3.02 -7.34 -8.04
N HIS A 34 3.24 -8.23 -7.08
CA HIS A 34 2.64 -9.56 -7.13
C HIS A 34 1.13 -9.47 -7.34
N CYS A 35 0.49 -8.59 -6.60
CA CYS A 35 -0.95 -8.41 -6.71
C CYS A 35 -1.33 -7.83 -8.06
N LYS A 36 -0.40 -7.11 -8.68
CA LYS A 36 -0.63 -6.51 -9.98
C LYS A 36 -0.50 -7.55 -11.09
N LEU A 37 0.19 -8.64 -10.80
CA LEU A 37 0.37 -9.71 -11.77
C LEU A 37 -0.70 -10.78 -11.61
N GLU A 38 -0.99 -11.15 -10.37
CA GLU A 38 -2.01 -12.16 -10.09
C GLU A 38 -3.36 -11.52 -9.83
N HIS A 39 -3.44 -10.73 -8.75
CA HIS A 39 -4.68 -10.06 -8.39
C HIS A 39 -4.94 -8.87 -9.31
N GLN A 40 -4.08 -8.71 -10.31
CA GLN A 40 -4.22 -7.61 -11.26
C GLN A 40 -4.78 -6.36 -10.58
N PHE A 41 -4.41 -6.17 -9.32
CA PHE A 41 -4.88 -5.02 -8.55
C PHE A 41 -3.72 -4.09 -8.21
N ASN A 42 -3.79 -2.86 -8.68
CA ASN A 42 -2.75 -1.87 -8.42
C ASN A 42 -3.12 -0.98 -7.24
N ILE A 43 -2.20 -0.82 -6.30
CA ILE A 43 -2.44 0.02 -5.13
C ILE A 43 -2.39 1.50 -5.49
N ASP A 44 -1.40 1.86 -6.31
CA ASP A 44 -1.24 3.26 -6.72
C ASP A 44 -2.54 3.80 -7.30
N SER A 45 -3.12 3.07 -8.25
CA SER A 45 -4.37 3.49 -8.89
C SER A 45 -5.41 3.84 -7.84
N MET A 46 -5.45 3.07 -6.76
CA MET A 46 -6.41 3.31 -5.69
C MET A 46 -6.12 4.63 -4.99
N VAL A 47 -4.86 4.88 -4.69
CA VAL A 47 -4.45 6.11 -4.03
C VAL A 47 -4.92 7.34 -4.79
N HIS A 48 -4.89 7.25 -6.12
CA HIS A 48 -5.32 8.35 -6.97
C HIS A 48 -6.84 8.32 -7.18
N LYS A 49 -7.40 7.11 -7.24
CA LYS A 49 -8.83 6.94 -7.44
C LYS A 49 -9.62 7.67 -6.35
N HIS A 50 -9.53 7.16 -5.12
CA HIS A 50 -10.23 7.77 -4.00
C HIS A 50 -9.31 8.71 -3.23
N GLY A 51 -8.32 9.26 -3.92
CA GLY A 51 -7.39 10.17 -3.28
C GLY A 51 -7.06 9.76 -1.86
N LEU A 52 -6.51 8.56 -1.70
CA LEU A 52 -6.15 8.06 -0.38
C LEU A 52 -5.00 8.87 0.22
N GLU A 53 -5.36 9.91 0.96
CA GLU A 53 -4.36 10.77 1.59
C GLU A 53 -3.42 9.96 2.48
N PHE A 54 -2.43 10.62 3.05
CA PHE A 54 -1.46 9.96 3.92
C PHE A 54 -2.15 8.86 4.74
N TYR A 55 -3.19 9.25 5.47
CA TYR A 55 -3.93 8.30 6.30
C TYR A 55 -4.86 7.43 5.45
N GLY A 56 -5.58 8.06 4.54
CA GLY A 56 -6.49 7.34 3.68
C GLY A 56 -5.93 6.00 3.23
N TYR A 57 -4.72 6.02 2.68
CA TYR A 57 -4.07 4.81 2.20
C TYR A 57 -4.02 3.76 3.30
N ILE A 58 -3.48 4.15 4.46
CA ILE A 58 -3.37 3.24 5.59
C ILE A 58 -4.65 2.44 5.78
N LYS A 59 -5.79 3.12 5.77
CA LYS A 59 -7.07 2.48 5.93
C LYS A 59 -7.31 1.44 4.84
N LEU A 60 -6.82 1.74 3.63
CA LEU A 60 -6.98 0.83 2.51
C LEU A 60 -6.29 -0.51 2.78
N ILE A 61 -5.05 -0.44 3.24
CA ILE A 61 -4.29 -1.64 3.55
C ILE A 61 -4.96 -2.47 4.63
N ASN A 62 -5.02 -1.92 5.84
CA ASN A 62 -5.65 -2.62 6.96
C ASN A 62 -7.06 -3.05 6.61
N PHE A 63 -7.77 -2.21 5.86
CA PHE A 63 -9.13 -2.51 5.45
C PHE A 63 -9.24 -3.94 4.93
N ILE A 64 -8.36 -4.29 4.00
CA ILE A 64 -8.35 -5.63 3.42
C ILE A 64 -7.93 -6.68 4.44
N ARG A 65 -7.08 -6.27 5.38
CA ARG A 65 -6.60 -7.17 6.42
C ARG A 65 -7.74 -7.59 7.34
N LEU A 66 -8.64 -6.66 7.64
CA LEU A 66 -9.78 -6.92 8.50
C LEU A 66 -10.94 -7.52 7.71
N LYS A 67 -11.39 -6.80 6.69
CA LYS A 67 -12.49 -7.25 5.85
C LYS A 67 -12.09 -8.48 5.05
N ASN A 68 -11.04 -8.34 4.25
CA ASN A 68 -10.55 -9.45 3.43
C ASN A 68 -11.47 -9.70 2.25
N PRO A 69 -11.86 -8.61 1.56
CA PRO A 69 -12.75 -8.69 0.40
C PRO A 69 -12.08 -9.34 -0.81
N THR A 70 -12.69 -9.19 -1.98
CA THR A 70 -12.15 -9.75 -3.21
C THR A 70 -11.86 -8.67 -4.23
N VAL A 71 -10.87 -8.91 -5.09
CA VAL A 71 -10.49 -7.95 -6.12
C VAL A 71 -11.72 -7.35 -6.78
N GLU A 72 -12.59 -8.20 -7.30
CA GLU A 72 -13.82 -7.74 -7.95
C GLU A 72 -14.43 -6.58 -7.20
N TYR A 73 -14.60 -6.74 -5.90
CA TYR A 73 -15.18 -5.71 -5.06
C TYR A 73 -14.31 -4.45 -5.06
N MET A 74 -13.04 -4.61 -4.73
CA MET A 74 -12.11 -3.49 -4.70
C MET A 74 -12.33 -2.57 -5.90
N ASN A 75 -12.71 -3.16 -7.04
CA ASN A 75 -12.95 -2.39 -8.25
C ASN A 75 -14.30 -1.69 -8.19
N SER A 76 -15.27 -2.33 -7.55
CA SER A 76 -16.62 -1.78 -7.43
C SER A 76 -16.81 -1.14 -6.06
N ILE A 77 -16.12 -0.02 -5.83
CA ILE A 77 -16.22 0.70 -4.56
C ILE A 77 -16.84 2.08 -4.77
N TYR A 78 -17.65 2.50 -3.80
CA TYR A 78 -18.30 3.80 -3.86
C TYR A 78 -18.14 4.55 -2.55
N ASN A 79 -18.37 5.87 -2.60
CA ASN A 79 -18.24 6.71 -1.42
C ASN A 79 -19.56 6.79 -0.66
N PRO A 80 -19.47 6.75 0.68
CA PRO A 80 -18.19 6.65 1.39
C PRO A 80 -17.54 5.28 1.21
N VAL A 81 -16.23 5.26 1.06
CA VAL A 81 -15.49 4.02 0.89
C VAL A 81 -15.62 3.13 2.12
N PRO A 82 -15.52 1.81 1.91
CA PRO A 82 -15.61 0.83 2.99
C PRO A 82 -14.40 0.87 3.92
N TRP A 83 -13.48 1.78 3.65
CA TRP A 83 -12.28 1.93 4.46
C TRP A 83 -12.18 3.33 5.04
N GLU A 84 -13.33 3.98 5.21
CA GLU A 84 -13.37 5.33 5.76
C GLU A 84 -13.59 5.30 7.27
N LYS A 85 -13.05 4.27 7.92
CA LYS A 85 -13.19 4.12 9.37
C LYS A 85 -11.86 4.39 10.08
N ASP A 86 -11.94 5.00 11.26
CA ASP A 86 -10.75 5.31 12.03
C ASP A 86 -10.09 4.04 12.56
N GLU A 87 -10.89 3.18 13.18
CA GLU A 87 -10.38 1.92 13.72
C GLU A 87 -9.39 1.27 12.77
N TYR A 88 -9.56 1.53 11.47
CA TYR A 88 -8.68 0.96 10.45
C TYR A 88 -7.29 1.56 10.56
N LEU A 89 -7.21 2.87 10.78
CA LEU A 89 -5.93 3.56 10.90
C LEU A 89 -4.91 2.70 11.64
N LYS A 90 -5.39 1.93 12.61
CA LYS A 90 -4.52 1.05 13.39
C LYS A 90 -4.04 -0.12 12.55
N PRO A 91 -2.79 -0.53 12.77
CA PRO A 91 -2.18 -1.65 12.05
C PRO A 91 -2.80 -3.00 12.43
N VAL A 92 -3.62 -3.53 11.54
CA VAL A 92 -4.27 -4.81 11.79
C VAL A 92 -3.26 -5.88 12.19
N LEU A 93 -2.05 -5.78 11.64
CA LEU A 93 -1.00 -6.73 11.93
C LEU A 93 0.15 -6.06 12.69
N GLU A 94 1.22 -6.81 12.92
CA GLU A 94 2.38 -6.29 13.63
C GLU A 94 3.57 -6.14 12.69
N ASP A 95 4.29 -5.02 12.82
CA ASP A 95 5.45 -4.76 11.99
C ASP A 95 5.05 -4.72 10.51
N ASP A 96 3.98 -4.00 10.20
CA ASP A 96 3.51 -3.89 8.82
C ASP A 96 4.49 -3.08 7.98
N LEU A 97 4.83 -3.62 6.81
CA LEU A 97 5.76 -2.95 5.90
C LEU A 97 5.01 -2.07 4.92
N LEU A 98 3.77 -2.45 4.60
CA LEU A 98 2.96 -1.70 3.66
C LEU A 98 2.53 -0.36 4.27
N LEU A 99 2.31 -0.36 5.59
CA LEU A 99 1.91 0.86 6.29
C LEU A 99 3.05 1.87 6.33
N GLN A 100 4.27 1.37 6.54
CA GLN A 100 5.44 2.23 6.60
C GLN A 100 5.94 2.57 5.21
N PHE A 101 5.10 2.35 4.21
CA PHE A 101 5.46 2.63 2.82
C PHE A 101 5.27 4.11 2.50
N ASP A 102 6.22 4.68 1.77
CA ASP A 102 6.17 6.08 1.40
C ASP A 102 5.14 6.32 0.29
N VAL A 103 3.91 6.62 0.69
CA VAL A 103 2.84 6.86 -0.26
C VAL A 103 2.99 8.22 -0.93
N GLU A 104 3.65 9.14 -0.24
CA GLU A 104 3.87 10.49 -0.76
C GLU A 104 4.47 10.43 -2.17
N ASP A 105 5.42 9.52 -2.35
CA ASP A 105 6.07 9.37 -3.65
C ASP A 105 5.04 9.20 -4.77
N LEU A 106 3.89 8.63 -4.43
CA LEU A 106 2.83 8.42 -5.40
C LEU A 106 2.29 9.74 -5.91
N TYR A 107 2.18 10.72 -5.02
CA TYR A 107 1.66 12.03 -5.38
C TYR A 107 2.65 12.75 -6.30
N GLU A 108 2.26 12.92 -7.56
CA GLU A 108 3.10 13.60 -8.54
C GLU A 108 2.30 14.66 -9.30
N PRO A 109 2.88 15.86 -9.40
CA PRO A 109 2.24 16.98 -10.10
C PRO A 109 2.20 16.78 -11.62
N VAL A 110 1.55 17.69 -12.32
CA VAL A 110 1.44 17.60 -13.77
C VAL A 110 2.77 17.92 -14.44
N SER A 111 3.69 16.97 -14.41
CA SER A 111 5.01 17.15 -15.01
C SER A 111 5.79 15.84 -15.02
N THR A 112 6.72 15.72 -15.96
CA THR A 112 7.53 14.50 -16.07
C THR A 112 9.02 14.85 -16.08
N PRO A 113 9.65 14.81 -14.89
CA PRO A 113 11.07 15.11 -14.74
C PRO A 113 11.96 14.04 -15.36
N PHE A 114 11.49 12.79 -15.30
CA PHE A 114 12.25 11.68 -15.86
C PHE A 114 11.81 11.38 -17.29
N SER A 115 12.48 12.02 -18.25
CA SER A 115 12.15 11.83 -19.66
C SER A 115 12.16 10.35 -20.02
N SER A 116 11.00 9.84 -20.41
CA SER A 116 10.87 8.43 -20.78
C SER A 116 12.06 7.98 -21.62
N GLY A 117 12.76 6.96 -21.14
CA GLY A 117 13.92 6.45 -21.85
C GLY A 117 14.64 5.35 -21.09
N PRO A 118 13.97 4.19 -20.96
CA PRO A 118 14.53 3.03 -20.26
C PRO A 118 15.69 2.40 -21.01
N SER A 119 16.86 2.36 -20.37
CA SER A 119 18.05 1.78 -20.99
C SER A 119 18.02 0.25 -20.89
N SER A 120 17.63 -0.40 -21.98
CA SER A 120 17.56 -1.85 -22.01
C SER A 120 18.48 -2.42 -23.09
N GLY A 121 19.17 -3.50 -22.76
CA GLY A 121 20.08 -4.13 -23.70
C GLY A 121 20.13 -5.63 -23.56
ZN ZN B . -1.65 -11.99 -3.07
N GLY A 1 25.89 -37.99 17.25
CA GLY A 1 25.99 -36.56 17.46
C GLY A 1 27.40 -36.04 17.25
N SER A 2 27.74 -35.73 16.01
CA SER A 2 29.06 -35.23 15.68
C SER A 2 28.98 -34.06 14.70
N SER A 3 30.03 -33.25 14.65
CA SER A 3 30.06 -32.10 13.76
C SER A 3 28.82 -31.23 13.94
N GLY A 4 28.43 -31.02 15.19
CA GLY A 4 27.26 -30.22 15.47
C GLY A 4 26.09 -30.53 14.56
N SER A 5 25.28 -29.53 14.26
CA SER A 5 24.11 -29.71 13.40
C SER A 5 23.91 -28.50 12.50
N SER A 6 24.04 -28.72 11.19
CA SER A 6 23.88 -27.64 10.21
C SER A 6 22.41 -27.27 10.07
N GLY A 7 22.11 -25.97 10.18
CA GLY A 7 20.75 -25.51 10.06
C GLY A 7 20.56 -24.11 10.61
N GLU A 8 20.26 -24.02 11.91
CA GLU A 8 20.06 -22.73 12.55
C GLU A 8 18.79 -22.06 12.04
N PRO A 9 17.66 -22.80 12.09
CA PRO A 9 16.38 -22.29 11.64
C PRO A 9 15.82 -21.20 12.55
N ALA A 10 14.52 -20.91 12.39
CA ALA A 10 13.88 -19.88 13.20
C ALA A 10 14.56 -18.53 13.04
N HIS A 11 14.87 -18.18 11.80
CA HIS A 11 15.53 -16.91 11.51
C HIS A 11 14.93 -16.26 10.27
N GLY A 12 14.39 -15.05 10.42
CA GLY A 12 13.80 -14.35 9.31
C GLY A 12 13.94 -12.84 9.43
N ARG A 13 13.32 -12.12 8.51
CA ARG A 13 13.38 -10.67 8.53
C ARG A 13 11.98 -10.05 8.40
N GLN A 14 11.84 -8.81 8.86
CA GLN A 14 10.55 -8.13 8.80
C GLN A 14 9.89 -8.33 7.44
N HIS A 15 8.95 -9.25 7.38
CA HIS A 15 8.23 -9.54 6.14
C HIS A 15 6.77 -9.11 6.24
N THR A 16 6.21 -8.64 5.13
CA THR A 16 4.83 -8.19 5.09
C THR A 16 3.99 -9.10 4.20
N PRO A 17 2.94 -9.70 4.79
CA PRO A 17 2.03 -10.59 4.07
C PRO A 17 1.16 -9.86 3.06
N CYS A 18 0.51 -10.60 2.18
CA CYS A 18 -0.36 -10.02 1.17
C CYS A 18 -1.71 -9.63 1.77
N LEU A 19 -2.46 -8.82 1.02
CA LEU A 19 -3.78 -8.37 1.47
C LEU A 19 -4.86 -9.38 1.08
N PHE A 20 -4.68 -10.01 -0.08
CA PHE A 20 -5.64 -10.99 -0.57
C PHE A 20 -5.24 -12.40 -0.14
N CYS A 21 -3.96 -12.71 -0.24
CA CYS A 21 -3.46 -14.02 0.15
C CYS A 21 -2.60 -13.93 1.40
N ASP A 22 -1.98 -15.05 1.78
CA ASP A 22 -1.14 -15.09 2.97
C ASP A 22 0.34 -14.98 2.58
N ARG A 23 0.61 -15.07 1.29
CA ARG A 23 1.98 -14.98 0.79
C ARG A 23 2.75 -13.90 1.53
N LEU A 24 3.96 -14.24 1.97
CA LEU A 24 4.81 -13.30 2.69
C LEU A 24 5.88 -12.72 1.78
N PHE A 25 6.18 -11.44 1.97
CA PHE A 25 7.20 -10.77 1.16
C PHE A 25 8.15 -9.96 2.04
N ALA A 26 9.38 -9.78 1.57
CA ALA A 26 10.37 -9.02 2.31
C ALA A 26 10.05 -7.53 2.30
N SER A 27 9.74 -7.01 1.13
CA SER A 27 9.41 -5.60 0.98
C SER A 27 7.96 -5.40 0.56
N ALA A 28 7.44 -4.19 0.73
CA ALA A 28 6.07 -3.88 0.37
C ALA A 28 5.89 -3.86 -1.14
N GLU A 29 6.95 -3.48 -1.85
CA GLU A 29 6.90 -3.43 -3.31
C GLU A 29 6.77 -4.82 -3.91
N GLU A 30 7.52 -5.77 -3.36
CA GLU A 30 7.48 -7.15 -3.85
C GLU A 30 6.05 -7.69 -3.84
N THR A 31 5.29 -7.32 -2.81
CA THR A 31 3.91 -7.77 -2.69
C THR A 31 3.03 -7.13 -3.76
N PHE A 32 2.89 -5.80 -3.70
CA PHE A 32 2.07 -5.07 -4.66
C PHE A 32 2.18 -5.70 -6.05
N SER A 33 3.39 -5.71 -6.60
CA SER A 33 3.63 -6.27 -7.91
C SER A 33 2.97 -7.63 -8.05
N HIS A 34 3.14 -8.47 -7.04
CA HIS A 34 2.56 -9.82 -7.04
C HIS A 34 1.04 -9.75 -7.13
N CYS A 35 0.45 -8.77 -6.44
CA CYS A 35 -1.00 -8.60 -6.44
C CYS A 35 -1.48 -8.07 -7.78
N LYS A 36 -0.56 -7.50 -8.55
CA LYS A 36 -0.89 -6.94 -9.86
C LYS A 36 -0.68 -7.98 -10.96
N LEU A 37 0.04 -9.05 -10.63
CA LEU A 37 0.31 -10.11 -11.59
C LEU A 37 -0.71 -11.23 -11.46
N GLU A 38 -1.11 -11.51 -10.23
CA GLU A 38 -2.10 -12.56 -9.97
C GLU A 38 -3.49 -11.97 -9.73
N HIS A 39 -3.63 -11.22 -8.65
CA HIS A 39 -4.90 -10.59 -8.31
C HIS A 39 -5.22 -9.47 -9.29
N GLN A 40 -4.19 -8.88 -9.88
CA GLN A 40 -4.37 -7.79 -10.84
C GLN A 40 -4.91 -6.55 -10.15
N PHE A 41 -4.60 -6.40 -8.87
CA PHE A 41 -5.06 -5.26 -8.09
C PHE A 41 -3.91 -4.28 -7.84
N ASN A 42 -3.98 -3.11 -8.49
CA ASN A 42 -2.96 -2.09 -8.33
C ASN A 42 -3.23 -1.23 -7.11
N ILE A 43 -2.20 -1.03 -6.29
CA ILE A 43 -2.33 -0.22 -5.09
C ILE A 43 -2.31 1.27 -5.42
N ASP A 44 -1.38 1.68 -6.27
CA ASP A 44 -1.26 3.07 -6.67
C ASP A 44 -2.58 3.59 -7.24
N SER A 45 -3.17 2.81 -8.14
CA SER A 45 -4.43 3.19 -8.76
C SER A 45 -5.46 3.58 -7.70
N MET A 46 -5.53 2.80 -6.63
CA MET A 46 -6.46 3.06 -5.55
C MET A 46 -6.22 4.45 -4.95
N VAL A 47 -4.97 4.75 -4.66
CA VAL A 47 -4.61 6.04 -4.07
C VAL A 47 -5.10 7.19 -4.95
N HIS A 48 -4.74 7.15 -6.23
CA HIS A 48 -5.15 8.19 -7.17
C HIS A 48 -6.66 8.22 -7.32
N LYS A 49 -7.27 7.04 -7.39
CA LYS A 49 -8.72 6.94 -7.54
C LYS A 49 -9.43 7.62 -6.38
N HIS A 50 -9.33 7.04 -5.20
CA HIS A 50 -9.96 7.60 -4.00
C HIS A 50 -9.05 8.62 -3.33
N GLY A 51 -8.14 9.20 -4.10
CA GLY A 51 -7.22 10.18 -3.56
C GLY A 51 -6.83 9.89 -2.13
N LEU A 52 -6.60 8.61 -1.84
CA LEU A 52 -6.22 8.19 -0.50
C LEU A 52 -5.07 9.03 0.03
N GLU A 53 -5.38 9.97 0.90
CA GLU A 53 -4.37 10.85 1.49
C GLU A 53 -3.48 10.08 2.46
N PHE A 54 -2.59 10.80 3.13
CA PHE A 54 -1.67 10.19 4.10
C PHE A 54 -2.35 9.02 4.80
N TYR A 55 -3.33 9.32 5.65
CA TYR A 55 -4.05 8.30 6.39
C TYR A 55 -4.91 7.44 5.45
N GLY A 56 -5.58 8.10 4.52
CA GLY A 56 -6.42 7.38 3.57
C GLY A 56 -5.79 6.09 3.09
N TYR A 57 -4.54 6.18 2.65
CA TYR A 57 -3.82 5.01 2.16
C TYR A 57 -3.77 3.92 3.23
N ILE A 58 -3.34 4.29 4.43
CA ILE A 58 -3.25 3.35 5.53
C ILE A 58 -4.52 2.52 5.67
N LYS A 59 -5.66 3.21 5.72
CA LYS A 59 -6.95 2.54 5.85
C LYS A 59 -7.15 1.54 4.72
N LEU A 60 -6.70 1.90 3.53
CA LEU A 60 -6.83 1.02 2.37
C LEU A 60 -6.16 -0.32 2.61
N ILE A 61 -4.92 -0.29 3.10
CA ILE A 61 -4.18 -1.50 3.39
C ILE A 61 -4.85 -2.31 4.49
N ASN A 62 -4.91 -1.75 5.69
CA ASN A 62 -5.53 -2.42 6.82
C ASN A 62 -6.93 -2.89 6.47
N PHE A 63 -7.64 -2.10 5.68
CA PHE A 63 -9.00 -2.43 5.27
C PHE A 63 -9.06 -3.84 4.68
N ILE A 64 -8.23 -4.09 3.67
CA ILE A 64 -8.18 -5.39 3.01
C ILE A 64 -7.70 -6.47 3.98
N ARG A 65 -7.07 -6.04 5.07
CA ARG A 65 -6.56 -6.97 6.07
C ARG A 65 -7.69 -7.43 7.00
N LEU A 66 -8.52 -6.48 7.43
CA LEU A 66 -9.63 -6.78 8.34
C LEU A 66 -10.79 -7.40 7.57
N LYS A 67 -11.08 -6.84 6.40
CA LYS A 67 -12.18 -7.33 5.56
C LYS A 67 -11.70 -8.45 4.65
N ASN A 68 -10.73 -8.14 3.80
CA ASN A 68 -10.17 -9.12 2.87
C ASN A 68 -11.18 -9.43 1.76
N PRO A 69 -11.65 -8.38 1.09
CA PRO A 69 -12.62 -8.53 -0.01
C PRO A 69 -12.00 -9.17 -1.25
N THR A 70 -12.69 -9.04 -2.38
CA THR A 70 -12.21 -9.62 -3.63
C THR A 70 -11.79 -8.53 -4.61
N VAL A 71 -10.75 -8.80 -5.38
CA VAL A 71 -10.25 -7.84 -6.36
C VAL A 71 -11.38 -7.00 -6.95
N GLU A 72 -12.35 -7.68 -7.56
CA GLU A 72 -13.49 -7.01 -8.17
C GLU A 72 -14.12 -6.03 -7.18
N TYR A 73 -14.31 -6.48 -5.95
CA TYR A 73 -14.90 -5.65 -4.90
C TYR A 73 -14.02 -4.44 -4.60
N MET A 74 -12.71 -4.64 -4.67
CA MET A 74 -11.76 -3.58 -4.39
C MET A 74 -11.85 -2.48 -5.45
N ASN A 75 -12.66 -2.72 -6.48
CA ASN A 75 -12.84 -1.76 -7.55
C ASN A 75 -14.23 -1.12 -7.48
N SER A 76 -15.18 -1.84 -6.90
CA SER A 76 -16.54 -1.35 -6.78
C SER A 76 -16.73 -0.60 -5.46
N ILE A 77 -16.22 0.62 -5.41
CA ILE A 77 -16.34 1.44 -4.20
C ILE A 77 -16.87 2.83 -4.53
N TYR A 78 -17.59 3.42 -3.58
CA TYR A 78 -18.16 4.76 -3.78
C TYR A 78 -18.42 5.43 -2.44
N ASN A 79 -17.72 6.54 -2.20
CA ASN A 79 -17.88 7.28 -0.95
C ASN A 79 -19.34 7.26 -0.48
N PRO A 80 -19.54 6.96 0.80
CA PRO A 80 -18.45 6.66 1.73
C PRO A 80 -17.78 5.32 1.42
N VAL A 81 -16.46 5.29 1.50
CA VAL A 81 -15.69 4.08 1.23
C VAL A 81 -15.82 3.08 2.38
N PRO A 82 -15.70 1.78 2.06
CA PRO A 82 -15.79 0.71 3.04
C PRO A 82 -14.61 0.69 4.01
N TRP A 83 -13.71 1.66 3.85
CA TRP A 83 -12.54 1.76 4.71
C TRP A 83 -12.44 3.14 5.34
N GLU A 84 -13.54 3.88 5.31
CA GLU A 84 -13.57 5.23 5.88
C GLU A 84 -13.82 5.18 7.38
N LYS A 85 -13.19 4.21 8.04
CA LYS A 85 -13.34 4.04 9.49
C LYS A 85 -11.98 4.03 10.18
N ASP A 86 -11.91 4.68 11.33
CA ASP A 86 -10.66 4.73 12.10
C ASP A 86 -10.16 3.33 12.42
N GLU A 87 -11.07 2.46 12.84
CA GLU A 87 -10.72 1.09 13.18
C GLU A 87 -9.70 0.52 12.19
N TYR A 88 -9.81 0.96 10.94
CA TYR A 88 -8.90 0.49 9.90
C TYR A 88 -7.52 1.12 10.06
N LEU A 89 -7.50 2.41 10.41
CA LEU A 89 -6.24 3.12 10.60
C LEU A 89 -5.24 2.28 11.39
N LYS A 90 -5.74 1.61 12.44
CA LYS A 90 -4.89 0.77 13.27
C LYS A 90 -4.26 -0.35 12.46
N PRO A 91 -3.01 -0.70 12.80
CA PRO A 91 -2.27 -1.76 12.11
C PRO A 91 -2.84 -3.15 12.38
N VAL A 92 -3.75 -3.59 11.52
CA VAL A 92 -4.37 -4.90 11.68
C VAL A 92 -3.33 -5.96 12.06
N LEU A 93 -2.12 -5.80 11.56
CA LEU A 93 -1.04 -6.74 11.84
C LEU A 93 0.10 -6.05 12.59
N GLU A 94 1.18 -6.79 12.82
CA GLU A 94 2.34 -6.25 13.53
C GLU A 94 3.47 -5.96 12.56
N ASP A 95 4.21 -4.89 12.82
CA ASP A 95 5.33 -4.50 11.96
C ASP A 95 4.92 -4.49 10.49
N ASP A 96 3.85 -3.77 10.18
CA ASP A 96 3.36 -3.68 8.82
C ASP A 96 4.31 -2.85 7.95
N LEU A 97 4.67 -3.39 6.79
CA LEU A 97 5.58 -2.70 5.89
C LEU A 97 4.79 -1.87 4.87
N LEU A 98 3.60 -2.36 4.50
CA LEU A 98 2.76 -1.66 3.55
C LEU A 98 2.29 -0.32 4.10
N LEU A 99 2.14 -0.26 5.42
CA LEU A 99 1.70 0.96 6.08
C LEU A 99 2.81 2.00 6.11
N GLN A 100 4.01 1.57 6.51
CA GLN A 100 5.16 2.47 6.59
C GLN A 100 5.60 2.89 5.19
N PHE A 101 5.20 2.12 4.19
CA PHE A 101 5.55 2.41 2.81
C PHE A 101 5.30 3.87 2.47
N ASP A 102 6.27 4.51 1.82
CA ASP A 102 6.15 5.91 1.45
C ASP A 102 5.12 6.09 0.34
N VAL A 103 3.90 6.48 0.72
CA VAL A 103 2.83 6.68 -0.23
C VAL A 103 2.92 8.06 -0.88
N GLU A 104 3.63 8.97 -0.22
CA GLU A 104 3.81 10.32 -0.72
C GLU A 104 4.35 10.31 -2.15
N ASP A 105 5.27 9.38 -2.40
CA ASP A 105 5.88 9.25 -3.73
C ASP A 105 4.82 9.20 -4.82
N LEU A 106 3.67 8.61 -4.48
CA LEU A 106 2.57 8.48 -5.44
C LEU A 106 2.00 9.86 -5.78
N TYR A 107 2.00 10.75 -4.80
CA TYR A 107 1.48 12.10 -4.99
C TYR A 107 2.37 12.90 -5.93
N GLU A 108 1.84 13.27 -7.08
CA GLU A 108 2.59 14.04 -8.08
C GLU A 108 2.54 15.53 -7.75
N PRO A 109 3.53 16.28 -8.27
CA PRO A 109 3.62 17.72 -8.05
C PRO A 109 2.52 18.49 -8.79
N VAL A 110 2.23 19.70 -8.32
CA VAL A 110 1.20 20.54 -8.94
C VAL A 110 1.79 21.86 -9.41
N SER A 111 1.26 22.37 -10.52
CA SER A 111 1.73 23.64 -11.08
C SER A 111 0.69 24.23 -12.03
N THR A 112 0.30 25.46 -11.77
CA THR A 112 -0.70 26.14 -12.60
C THR A 112 -0.42 27.65 -12.67
N PRO A 113 -0.59 28.22 -13.87
CA PRO A 113 -0.37 29.65 -14.10
C PRO A 113 -1.41 30.52 -13.41
N PHE A 114 -2.65 30.03 -13.37
CA PHE A 114 -3.75 30.76 -12.75
C PHE A 114 -4.00 32.08 -13.47
N SER A 115 -3.97 32.03 -14.81
CA SER A 115 -4.20 33.22 -15.62
C SER A 115 -5.70 33.49 -15.78
N SER A 116 -6.10 34.72 -15.46
CA SER A 116 -7.51 35.11 -15.58
C SER A 116 -8.42 34.01 -15.02
N GLY A 117 -8.03 33.44 -13.88
CA GLY A 117 -8.82 32.40 -13.26
C GLY A 117 -8.46 32.19 -11.80
N PRO A 118 -9.03 33.02 -10.92
CA PRO A 118 -8.79 32.94 -9.48
C PRO A 118 -9.41 31.69 -8.85
N SER A 119 -9.08 31.45 -7.59
CA SER A 119 -9.60 30.29 -6.87
C SER A 119 -11.05 30.51 -6.47
N SER A 120 -11.32 31.64 -5.83
CA SER A 120 -12.67 31.97 -5.38
C SER A 120 -13.12 33.31 -5.96
N GLY A 121 -14.42 33.58 -5.86
CA GLY A 121 -14.96 34.82 -6.38
C GLY A 121 -14.58 36.02 -5.52
ZN ZN B . -1.57 -11.97 -3.03
N GLY A 1 12.98 9.24 -19.02
CA GLY A 1 12.53 9.87 -17.80
C GLY A 1 12.84 9.05 -16.57
N SER A 2 12.49 7.77 -16.61
CA SER A 2 12.73 6.88 -15.49
C SER A 2 14.19 6.45 -15.43
N SER A 3 14.82 6.65 -14.28
CA SER A 3 16.22 6.29 -14.10
C SER A 3 16.38 5.31 -12.95
N GLY A 4 17.58 4.74 -12.82
CA GLY A 4 17.85 3.80 -11.76
C GLY A 4 17.33 4.27 -10.42
N SER A 5 16.66 3.38 -9.70
CA SER A 5 16.11 3.71 -8.38
C SER A 5 16.56 2.71 -7.33
N SER A 6 16.45 1.43 -7.66
CA SER A 6 16.85 0.37 -6.74
C SER A 6 17.45 -0.81 -7.49
N GLY A 7 18.16 -1.67 -6.77
CA GLY A 7 18.78 -2.82 -7.38
C GLY A 7 19.74 -3.55 -6.45
N GLU A 8 19.49 -4.83 -6.21
CA GLU A 8 20.33 -5.61 -5.33
C GLU A 8 20.13 -5.21 -3.86
N PRO A 9 18.85 -5.04 -3.48
CA PRO A 9 18.50 -4.65 -2.11
C PRO A 9 18.75 -5.76 -1.10
N ALA A 10 19.03 -5.39 0.14
CA ALA A 10 19.29 -6.36 1.20
C ALA A 10 18.11 -7.30 1.38
N HIS A 11 18.37 -8.45 2.00
CA HIS A 11 17.33 -9.45 2.23
C HIS A 11 16.30 -8.93 3.23
N GLY A 12 16.77 -8.43 4.36
CA GLY A 12 15.89 -7.92 5.39
C GLY A 12 15.27 -9.02 6.23
N ARG A 13 14.99 -8.70 7.49
CA ARG A 13 14.40 -9.67 8.41
C ARG A 13 12.90 -9.42 8.58
N GLN A 14 12.43 -8.31 8.01
CA GLN A 14 11.02 -7.95 8.11
C GLN A 14 10.26 -8.36 6.85
N HIS A 15 9.12 -9.00 7.03
CA HIS A 15 8.30 -9.45 5.92
C HIS A 15 6.85 -8.99 6.08
N THR A 16 6.19 -8.71 4.96
CA THR A 16 4.81 -8.26 4.98
C THR A 16 3.92 -9.17 4.15
N PRO A 17 2.87 -9.71 4.78
CA PRO A 17 1.92 -10.61 4.11
C PRO A 17 1.06 -9.88 3.08
N CYS A 18 0.38 -10.65 2.24
CA CYS A 18 -0.48 -10.09 1.21
C CYS A 18 -1.83 -9.69 1.80
N LEU A 19 -2.57 -8.87 1.06
CA LEU A 19 -3.88 -8.41 1.50
C LEU A 19 -4.97 -9.40 1.08
N PHE A 20 -4.89 -9.87 -0.15
CA PHE A 20 -5.86 -10.82 -0.68
C PHE A 20 -5.54 -12.23 -0.21
N CYS A 21 -4.27 -12.61 -0.29
CA CYS A 21 -3.83 -13.94 0.13
C CYS A 21 -2.92 -13.86 1.34
N ASP A 22 -2.37 -15.00 1.75
CA ASP A 22 -1.48 -15.05 2.91
C ASP A 22 -0.05 -15.30 2.47
N ARG A 23 0.42 -14.52 1.49
CA ARG A 23 1.79 -14.65 0.99
C ARG A 23 2.69 -13.60 1.59
N LEU A 24 3.79 -14.04 2.22
CA LEU A 24 4.74 -13.13 2.84
C LEU A 24 5.76 -12.63 1.81
N PHE A 25 6.16 -11.38 1.96
CA PHE A 25 7.13 -10.77 1.04
C PHE A 25 8.16 -9.96 1.81
N ALA A 26 9.43 -10.12 1.45
CA ALA A 26 10.52 -9.40 2.10
C ALA A 26 10.14 -7.93 2.32
N SER A 27 9.77 -7.26 1.23
CA SER A 27 9.39 -5.85 1.31
C SER A 27 7.96 -5.64 0.82
N ALA A 28 7.49 -4.40 0.90
CA ALA A 28 6.15 -4.07 0.46
C ALA A 28 6.02 -4.13 -1.05
N GLU A 29 6.92 -3.43 -1.74
CA GLU A 29 6.92 -3.40 -3.20
C GLU A 29 6.71 -4.80 -3.76
N GLU A 30 7.36 -5.78 -3.14
CA GLU A 30 7.25 -7.17 -3.59
C GLU A 30 5.79 -7.59 -3.68
N THR A 31 5.05 -7.40 -2.59
CA THR A 31 3.64 -7.76 -2.54
C THR A 31 2.85 -7.07 -3.65
N PHE A 32 2.82 -5.74 -3.59
CA PHE A 32 2.09 -4.95 -4.59
C PHE A 32 2.27 -5.56 -5.98
N SER A 33 3.52 -5.64 -6.44
CA SER A 33 3.81 -6.18 -7.76
C SER A 33 3.17 -7.55 -7.93
N HIS A 34 3.26 -8.38 -6.90
CA HIS A 34 2.69 -9.71 -6.94
C HIS A 34 1.18 -9.65 -7.19
N CYS A 35 0.51 -8.76 -6.48
CA CYS A 35 -0.93 -8.60 -6.63
C CYS A 35 -1.29 -8.02 -7.99
N LYS A 36 -0.36 -7.27 -8.56
CA LYS A 36 -0.57 -6.66 -9.87
C LYS A 36 -0.46 -7.70 -10.98
N LEU A 37 0.23 -8.79 -10.69
CA LEU A 37 0.41 -9.87 -11.67
C LEU A 37 -0.61 -10.98 -11.45
N GLU A 38 -0.85 -11.32 -10.18
CA GLU A 38 -1.80 -12.37 -9.83
C GLU A 38 -3.19 -11.79 -9.64
N HIS A 39 -3.34 -10.99 -8.59
CA HIS A 39 -4.63 -10.37 -8.27
C HIS A 39 -4.92 -9.22 -9.24
N GLN A 40 -4.02 -9.00 -10.18
CA GLN A 40 -4.17 -7.94 -11.16
C GLN A 40 -4.81 -6.70 -10.52
N PHE A 41 -4.39 -6.39 -9.30
CA PHE A 41 -4.92 -5.24 -8.58
C PHE A 41 -3.83 -4.21 -8.32
N ASN A 42 -4.05 -2.99 -8.78
CA ASN A 42 -3.08 -1.91 -8.61
C ASN A 42 -3.40 -1.09 -7.36
N ILE A 43 -2.41 -0.91 -6.50
CA ILE A 43 -2.60 -0.13 -5.27
C ILE A 43 -2.48 1.35 -5.54
N ASP A 44 -1.48 1.73 -6.34
CA ASP A 44 -1.25 3.14 -6.67
C ASP A 44 -2.51 3.76 -7.27
N SER A 45 -3.15 3.03 -8.18
CA SER A 45 -4.36 3.52 -8.83
C SER A 45 -5.42 3.91 -7.80
N MET A 46 -5.48 3.14 -6.71
CA MET A 46 -6.45 3.39 -5.65
C MET A 46 -6.12 4.70 -4.93
N VAL A 47 -4.84 4.91 -4.66
CA VAL A 47 -4.39 6.13 -3.98
C VAL A 47 -4.86 7.37 -4.71
N HIS A 48 -4.83 7.32 -6.04
CA HIS A 48 -5.25 8.45 -6.86
C HIS A 48 -6.75 8.44 -7.08
N LYS A 49 -7.33 7.24 -7.14
CA LYS A 49 -8.76 7.08 -7.34
C LYS A 49 -9.55 7.85 -6.29
N HIS A 50 -9.44 7.41 -5.04
CA HIS A 50 -10.14 8.06 -3.93
C HIS A 50 -9.19 8.96 -3.14
N GLY A 51 -8.14 9.44 -3.81
CA GLY A 51 -7.18 10.30 -3.16
C GLY A 51 -6.88 9.86 -1.73
N LEU A 52 -6.28 8.68 -1.59
CA LEU A 52 -5.94 8.15 -0.28
C LEU A 52 -4.79 8.93 0.34
N GLU A 53 -5.13 9.97 1.11
CA GLU A 53 -4.13 10.80 1.77
C GLU A 53 -3.25 9.96 2.69
N PHE A 54 -2.28 10.62 3.33
CA PHE A 54 -1.37 9.93 4.24
C PHE A 54 -2.11 8.86 5.04
N TYR A 55 -3.18 9.26 5.70
CA TYR A 55 -3.97 8.33 6.51
C TYR A 55 -4.88 7.48 5.63
N GLY A 56 -5.58 8.14 4.71
CA GLY A 56 -6.48 7.44 3.82
C GLY A 56 -5.91 6.11 3.35
N TYR A 57 -4.71 6.15 2.77
CA TYR A 57 -4.07 4.93 2.28
C TYR A 57 -3.97 3.88 3.38
N ILE A 58 -3.47 4.30 4.54
CA ILE A 58 -3.33 3.39 5.68
C ILE A 58 -4.59 2.57 5.88
N LYS A 59 -5.74 3.23 5.84
CA LYS A 59 -7.02 2.56 6.02
C LYS A 59 -7.27 1.54 4.90
N LEU A 60 -6.78 1.85 3.70
CA LEU A 60 -6.94 0.96 2.56
C LEU A 60 -6.28 -0.39 2.82
N ILE A 61 -5.02 -0.36 3.25
CA ILE A 61 -4.29 -1.58 3.54
C ILE A 61 -4.99 -2.40 4.62
N ASN A 62 -5.03 -1.86 5.83
CA ASN A 62 -5.68 -2.54 6.94
C ASN A 62 -7.06 -3.05 6.55
N PHE A 63 -7.81 -2.21 5.84
CA PHE A 63 -9.16 -2.57 5.41
C PHE A 63 -9.18 -3.99 4.84
N ILE A 64 -8.37 -4.24 3.82
CA ILE A 64 -8.31 -5.55 3.19
C ILE A 64 -7.82 -6.60 4.18
N ARG A 65 -7.06 -6.17 5.17
CA ARG A 65 -6.52 -7.07 6.19
C ARG A 65 -7.64 -7.54 7.12
N LEU A 66 -8.60 -6.67 7.38
CA LEU A 66 -9.71 -7.00 8.26
C LEU A 66 -10.85 -7.63 7.48
N LYS A 67 -11.39 -6.89 6.52
CA LYS A 67 -12.49 -7.37 5.68
C LYS A 67 -12.06 -8.59 4.88
N ASN A 68 -11.00 -8.44 4.09
CA ASN A 68 -10.48 -9.52 3.27
C ASN A 68 -11.39 -9.78 2.07
N PRO A 69 -11.80 -8.69 1.40
CA PRO A 69 -12.67 -8.76 0.23
C PRO A 69 -11.97 -9.36 -0.98
N THR A 70 -12.61 -9.26 -2.14
CA THR A 70 -12.04 -9.79 -3.38
C THR A 70 -11.78 -8.68 -4.39
N VAL A 71 -10.77 -8.87 -5.22
CA VAL A 71 -10.41 -7.88 -6.24
C VAL A 71 -11.67 -7.27 -6.87
N GLU A 72 -12.47 -8.12 -7.51
CA GLU A 72 -13.70 -7.66 -8.16
C GLU A 72 -14.34 -6.52 -7.36
N TYR A 73 -14.53 -6.76 -6.07
CA TYR A 73 -15.14 -5.76 -5.19
C TYR A 73 -14.29 -4.48 -5.15
N MET A 74 -13.00 -4.65 -4.93
CA MET A 74 -12.09 -3.52 -4.86
C MET A 74 -12.26 -2.61 -6.08
N ASN A 75 -12.56 -3.22 -7.22
CA ASN A 75 -12.75 -2.46 -8.45
C ASN A 75 -14.06 -1.68 -8.41
N SER A 76 -15.01 -2.15 -7.61
CA SER A 76 -16.30 -1.49 -7.49
C SER A 76 -16.47 -0.89 -6.10
N ILE A 77 -15.90 0.30 -5.91
CA ILE A 77 -15.98 0.99 -4.63
C ILE A 77 -16.55 2.39 -4.79
N TYR A 78 -17.37 2.81 -3.83
CA TYR A 78 -18.00 4.13 -3.87
C TYR A 78 -17.85 4.84 -2.53
N ASN A 79 -18.24 6.11 -2.49
CA ASN A 79 -18.15 6.90 -1.27
C ASN A 79 -19.49 6.94 -0.55
N PRO A 80 -19.45 6.85 0.79
CA PRO A 80 -18.20 6.72 1.53
C PRO A 80 -17.53 5.36 1.32
N VAL A 81 -16.20 5.34 1.39
CA VAL A 81 -15.46 4.10 1.20
C VAL A 81 -15.66 3.15 2.38
N PRO A 82 -15.55 1.85 2.12
CA PRO A 82 -15.71 0.81 3.14
C PRO A 82 -14.57 0.81 4.15
N TRP A 83 -13.64 1.73 3.99
CA TRP A 83 -12.49 1.84 4.88
C TRP A 83 -12.44 3.21 5.54
N GLU A 84 -13.58 3.90 5.56
CA GLU A 84 -13.66 5.23 6.16
C GLU A 84 -13.90 5.12 7.66
N LYS A 85 -13.27 4.15 8.30
CA LYS A 85 -13.42 3.94 9.73
C LYS A 85 -12.12 4.25 10.46
N ASP A 86 -12.24 4.76 11.69
CA ASP A 86 -11.07 5.09 12.49
C ASP A 86 -10.33 3.84 12.92
N GLU A 87 -11.08 2.84 13.38
CA GLU A 87 -10.49 1.58 13.82
C GLU A 87 -9.48 1.05 12.80
N TYR A 88 -9.78 1.28 11.53
CA TYR A 88 -8.90 0.84 10.46
C TYR A 88 -7.51 1.45 10.58
N LEU A 89 -7.47 2.72 10.96
CA LEU A 89 -6.21 3.43 11.13
C LEU A 89 -5.18 2.55 11.85
N LYS A 90 -5.65 1.74 12.79
CA LYS A 90 -4.78 0.86 13.55
C LYS A 90 -4.28 -0.28 12.67
N PRO A 91 -3.00 -0.66 12.86
CA PRO A 91 -2.38 -1.74 12.09
C PRO A 91 -2.95 -3.11 12.47
N VAL A 92 -3.73 -3.69 11.57
CA VAL A 92 -4.32 -5.00 11.81
C VAL A 92 -3.26 -6.03 12.17
N LEU A 93 -2.11 -5.95 11.50
CA LEU A 93 -1.02 -6.87 11.76
C LEU A 93 0.11 -6.19 12.53
N GLU A 94 1.21 -6.92 12.73
CA GLU A 94 2.35 -6.38 13.46
C GLU A 94 3.51 -6.08 12.51
N ASP A 95 4.15 -4.93 12.70
CA ASP A 95 5.27 -4.53 11.87
C ASP A 95 4.90 -4.57 10.39
N ASP A 96 3.81 -3.90 10.05
CA ASP A 96 3.35 -3.86 8.67
C ASP A 96 4.22 -2.93 7.82
N LEU A 97 4.83 -3.49 6.78
CA LEU A 97 5.70 -2.72 5.90
C LEU A 97 4.88 -1.82 4.98
N LEU A 98 3.78 -2.36 4.46
CA LEU A 98 2.91 -1.59 3.57
C LEU A 98 2.48 -0.28 4.22
N LEU A 99 2.22 -0.32 5.52
CA LEU A 99 1.81 0.86 6.26
C LEU A 99 2.94 1.88 6.32
N GLN A 100 4.17 1.39 6.23
CA GLN A 100 5.34 2.27 6.27
C GLN A 100 5.87 2.54 4.88
N PHE A 101 5.04 2.28 3.87
CA PHE A 101 5.43 2.50 2.49
C PHE A 101 5.33 3.98 2.11
N ASP A 102 6.15 4.40 1.15
CA ASP A 102 6.15 5.78 0.71
C ASP A 102 5.04 6.03 -0.30
N VAL A 103 3.91 6.54 0.18
CA VAL A 103 2.77 6.83 -0.69
C VAL A 103 2.88 8.23 -1.29
N GLU A 104 3.65 9.08 -0.64
CA GLU A 104 3.84 10.45 -1.12
C GLU A 104 4.42 10.47 -2.53
N ASP A 105 5.40 9.59 -2.76
CA ASP A 105 6.04 9.50 -4.07
C ASP A 105 5.00 9.43 -5.19
N LEU A 106 3.84 8.86 -4.88
CA LEU A 106 2.76 8.73 -5.85
C LEU A 106 2.28 10.11 -6.31
N TYR A 107 2.27 11.06 -5.39
CA TYR A 107 1.83 12.42 -5.70
C TYR A 107 2.96 13.23 -6.33
N GLU A 108 2.70 14.50 -6.57
CA GLU A 108 3.69 15.38 -7.17
C GLU A 108 4.11 16.48 -6.19
N PRO A 109 5.44 16.65 -6.02
CA PRO A 109 6.00 17.65 -5.11
C PRO A 109 5.78 19.08 -5.62
N VAL A 110 4.74 19.73 -5.13
CA VAL A 110 4.42 21.10 -5.54
C VAL A 110 4.81 22.09 -4.45
N SER A 111 5.61 21.63 -3.49
CA SER A 111 6.05 22.48 -2.39
C SER A 111 7.53 22.80 -2.51
N THR A 112 7.84 24.05 -2.87
CA THR A 112 9.22 24.48 -3.02
C THR A 112 9.42 25.89 -2.48
N PRO A 113 10.56 26.12 -1.82
CA PRO A 113 10.90 27.43 -1.24
C PRO A 113 11.20 28.48 -2.31
N PHE A 114 12.07 28.12 -3.24
CA PHE A 114 12.44 29.03 -4.32
C PHE A 114 12.67 30.45 -3.79
N SER A 115 13.33 30.54 -2.64
CA SER A 115 13.61 31.84 -2.03
C SER A 115 14.71 31.72 -0.99
N SER A 116 15.69 32.61 -1.07
CA SER A 116 16.81 32.61 -0.14
C SER A 116 16.49 33.42 1.10
N GLY A 117 17.39 33.39 2.08
CA GLY A 117 17.19 34.12 3.32
C GLY A 117 17.53 33.30 4.54
N PRO A 118 18.83 33.11 4.78
CA PRO A 118 19.32 32.35 5.94
C PRO A 118 19.08 33.07 7.26
N SER A 119 18.61 32.32 8.26
CA SER A 119 18.34 32.89 9.57
C SER A 119 19.47 33.81 10.02
N SER A 120 19.22 34.61 11.05
CA SER A 120 20.21 35.54 11.57
C SER A 120 20.62 35.15 12.99
N GLY A 121 21.91 35.25 13.28
CA GLY A 121 22.41 34.93 14.60
C GLY A 121 21.51 35.44 15.70
ZN ZN B . -1.59 -12.20 -2.86
N GLY A 1 22.38 -10.35 -18.93
CA GLY A 1 21.47 -10.33 -17.79
C GLY A 1 20.97 -8.94 -17.47
N SER A 2 21.02 -8.57 -16.18
CA SER A 2 20.58 -7.26 -15.75
C SER A 2 21.61 -6.61 -14.85
N SER A 3 21.51 -5.28 -14.70
CA SER A 3 22.45 -4.53 -13.88
C SER A 3 21.71 -3.72 -12.81
N GLY A 4 22.45 -3.31 -11.78
CA GLY A 4 21.84 -2.53 -10.71
C GLY A 4 22.64 -2.59 -9.43
N SER A 5 22.88 -1.43 -8.84
CA SER A 5 23.64 -1.34 -7.59
C SER A 5 22.89 -2.00 -6.45
N SER A 6 23.41 -3.14 -5.98
CA SER A 6 22.79 -3.88 -4.88
C SER A 6 23.02 -3.16 -3.55
N GLY A 7 21.93 -2.89 -2.84
CA GLY A 7 22.03 -2.22 -1.56
C GLY A 7 21.81 -3.16 -0.39
N GLU A 8 20.55 -3.31 0.02
CA GLU A 8 20.21 -4.19 1.14
C GLU A 8 20.86 -5.56 0.96
N PRO A 9 21.73 -5.93 1.91
CA PRO A 9 22.42 -7.21 1.89
C PRO A 9 21.49 -8.39 2.16
N ALA A 10 20.19 -8.11 2.18
CA ALA A 10 19.19 -9.15 2.42
C ALA A 10 19.18 -9.57 3.89
N HIS A 11 19.44 -8.61 4.77
CA HIS A 11 19.46 -8.89 6.20
C HIS A 11 18.21 -8.34 6.89
N GLY A 12 17.80 -8.99 7.97
CA GLY A 12 16.63 -8.55 8.70
C GLY A 12 15.54 -9.61 8.72
N ARG A 13 14.54 -9.41 9.58
CA ARG A 13 13.43 -10.35 9.70
C ARG A 13 12.09 -9.63 9.59
N GLN A 14 12.01 -8.69 8.66
CA GLN A 14 10.77 -7.93 8.45
C GLN A 14 10.10 -8.33 7.15
N HIS A 15 8.94 -8.98 7.27
CA HIS A 15 8.20 -9.43 6.10
C HIS A 15 6.73 -9.02 6.21
N THR A 16 6.18 -8.49 5.12
CA THR A 16 4.79 -8.05 5.09
C THR A 16 3.94 -8.98 4.22
N PRO A 17 2.89 -9.54 4.83
CA PRO A 17 1.98 -10.46 4.12
C PRO A 17 1.13 -9.74 3.08
N CYS A 18 0.40 -10.51 2.28
CA CYS A 18 -0.45 -9.95 1.24
C CYS A 18 -1.83 -9.59 1.79
N LEU A 19 -2.53 -8.69 1.10
CA LEU A 19 -3.86 -8.27 1.54
C LEU A 19 -4.91 -9.29 1.13
N PHE A 20 -4.84 -9.75 -0.12
CA PHE A 20 -5.79 -10.73 -0.63
C PHE A 20 -5.42 -12.14 -0.16
N CYS A 21 -4.15 -12.48 -0.28
CA CYS A 21 -3.66 -13.79 0.13
C CYS A 21 -2.73 -13.68 1.34
N ASP A 22 -2.15 -14.80 1.72
CA ASP A 22 -1.25 -14.84 2.86
C ASP A 22 0.20 -15.00 2.41
N ARG A 23 0.58 -14.26 1.38
CA ARG A 23 1.94 -14.32 0.84
C ARG A 23 2.85 -13.33 1.56
N LEU A 24 3.97 -13.82 2.06
CA LEU A 24 4.93 -12.98 2.76
C LEU A 24 5.95 -12.39 1.79
N PHE A 25 6.28 -11.12 1.99
CA PHE A 25 7.25 -10.43 1.14
C PHE A 25 8.19 -9.55 1.97
N ALA A 26 9.47 -9.63 1.66
CA ALA A 26 10.47 -8.85 2.38
C ALA A 26 10.11 -7.37 2.37
N SER A 27 9.74 -6.85 1.20
CA SER A 27 9.38 -5.45 1.05
C SER A 27 7.94 -5.31 0.55
N ALA A 28 7.32 -4.18 0.86
CA ALA A 28 5.95 -3.91 0.44
C ALA A 28 5.82 -3.96 -1.07
N GLU A 29 6.73 -3.28 -1.76
CA GLU A 29 6.71 -3.25 -3.22
C GLU A 29 6.55 -4.65 -3.79
N GLU A 30 7.37 -5.58 -3.32
CA GLU A 30 7.30 -6.96 -3.78
C GLU A 30 5.87 -7.47 -3.80
N THR A 31 5.10 -7.09 -2.78
CA THR A 31 3.70 -7.51 -2.67
C THR A 31 2.85 -6.83 -3.74
N PHE A 32 2.78 -5.51 -3.69
CA PHE A 32 1.99 -4.75 -4.65
C PHE A 32 2.11 -5.34 -6.05
N SER A 33 3.33 -5.37 -6.57
CA SER A 33 3.60 -5.91 -7.89
C SER A 33 2.98 -7.29 -8.04
N HIS A 34 3.16 -8.14 -7.04
CA HIS A 34 2.61 -9.49 -7.06
C HIS A 34 1.10 -9.47 -7.27
N CYS A 35 0.43 -8.55 -6.57
CA CYS A 35 -1.01 -8.42 -6.67
C CYS A 35 -1.42 -7.91 -8.06
N LYS A 36 -0.56 -7.09 -8.65
CA LYS A 36 -0.82 -6.53 -9.97
C LYS A 36 -0.70 -7.59 -11.06
N LEU A 37 0.00 -8.68 -10.73
CA LEU A 37 0.19 -9.77 -11.67
C LEU A 37 -0.82 -10.89 -11.42
N GLU A 38 -0.94 -11.30 -10.17
CA GLU A 38 -1.88 -12.36 -9.80
C GLU A 38 -3.28 -11.80 -9.59
N HIS A 39 -3.44 -11.00 -8.55
CA HIS A 39 -4.73 -10.39 -8.23
C HIS A 39 -5.04 -9.26 -9.20
N GLN A 40 -4.16 -9.05 -10.17
CA GLN A 40 -4.34 -7.99 -11.15
C GLN A 40 -4.94 -6.74 -10.51
N PHE A 41 -4.47 -6.41 -9.32
CA PHE A 41 -4.95 -5.25 -8.60
C PHE A 41 -3.82 -4.26 -8.30
N ASN A 42 -4.00 -3.01 -8.71
CA ASN A 42 -3.00 -1.98 -8.49
C ASN A 42 -3.32 -1.15 -7.25
N ILE A 43 -2.33 -0.96 -6.40
CA ILE A 43 -2.50 -0.19 -5.18
C ILE A 43 -2.44 1.31 -5.46
N ASP A 44 -1.49 1.71 -6.30
CA ASP A 44 -1.33 3.12 -6.66
C ASP A 44 -2.63 3.69 -7.20
N SER A 45 -3.24 2.99 -8.14
CA SER A 45 -4.50 3.43 -8.74
C SER A 45 -5.52 3.80 -7.67
N MET A 46 -5.63 2.96 -6.64
CA MET A 46 -6.56 3.20 -5.55
C MET A 46 -6.27 4.54 -4.88
N VAL A 47 -5.00 4.78 -4.59
CA VAL A 47 -4.59 6.02 -3.94
C VAL A 47 -4.95 7.23 -4.80
N HIS A 48 -4.74 7.11 -6.11
CA HIS A 48 -5.04 8.19 -7.04
C HIS A 48 -6.55 8.39 -7.17
N LYS A 49 -7.29 7.29 -7.21
CA LYS A 49 -8.74 7.34 -7.33
C LYS A 49 -9.37 7.92 -6.07
N HIS A 50 -9.20 7.23 -4.96
CA HIS A 50 -9.75 7.68 -3.68
C HIS A 50 -8.82 8.70 -3.02
N GLY A 51 -7.96 9.32 -3.82
CA GLY A 51 -7.04 10.30 -3.29
C GLY A 51 -6.54 9.95 -1.90
N LEU A 52 -6.30 8.67 -1.67
CA LEU A 52 -5.82 8.20 -0.38
C LEU A 52 -4.62 9.02 0.09
N GLU A 53 -4.68 9.49 1.33
CA GLU A 53 -3.60 10.29 1.90
C GLU A 53 -2.76 9.45 2.86
N PHE A 54 -1.76 10.09 3.46
CA PHE A 54 -0.88 9.42 4.40
C PHE A 54 -1.64 8.36 5.20
N TYR A 55 -2.72 8.79 5.85
CA TYR A 55 -3.54 7.89 6.66
C TYR A 55 -4.53 7.13 5.78
N GLY A 56 -5.24 7.86 4.93
CA GLY A 56 -6.21 7.25 4.04
C GLY A 56 -5.73 5.93 3.48
N TYR A 57 -4.53 5.94 2.91
CA TYR A 57 -3.95 4.73 2.32
C TYR A 57 -3.91 3.60 3.34
N ILE A 58 -3.49 3.92 4.56
CA ILE A 58 -3.41 2.93 5.62
C ILE A 58 -4.75 2.20 5.81
N LYS A 59 -5.83 2.98 5.80
CA LYS A 59 -7.17 2.42 5.97
C LYS A 59 -7.47 1.39 4.89
N LEU A 60 -7.00 1.67 3.68
CA LEU A 60 -7.22 0.75 2.55
C LEU A 60 -6.52 -0.58 2.79
N ILE A 61 -5.27 -0.51 3.26
CA ILE A 61 -4.50 -1.71 3.52
C ILE A 61 -5.16 -2.57 4.61
N ASN A 62 -5.29 -2.00 5.80
CA ASN A 62 -5.90 -2.71 6.92
C ASN A 62 -7.31 -3.17 6.57
N PHE A 63 -8.02 -2.33 5.83
CA PHE A 63 -9.39 -2.65 5.42
C PHE A 63 -9.46 -4.05 4.82
N ILE A 64 -8.50 -4.37 3.96
CA ILE A 64 -8.46 -5.68 3.32
C ILE A 64 -8.01 -6.76 4.30
N ARG A 65 -7.16 -6.38 5.25
CA ARG A 65 -6.67 -7.31 6.25
C ARG A 65 -7.79 -7.77 7.17
N LEU A 66 -8.74 -6.88 7.42
CA LEU A 66 -9.87 -7.20 8.28
C LEU A 66 -11.04 -7.76 7.48
N LYS A 67 -11.49 -7.01 6.49
CA LYS A 67 -12.59 -7.45 5.64
C LYS A 67 -12.18 -8.62 4.77
N ASN A 68 -11.03 -8.49 4.11
CA ASN A 68 -10.53 -9.55 3.25
C ASN A 68 -11.47 -9.78 2.06
N PRO A 69 -11.83 -8.68 1.37
CA PRO A 69 -12.72 -8.74 0.21
C PRO A 69 -12.07 -9.40 -1.00
N THR A 70 -12.65 -9.19 -2.17
CA THR A 70 -12.12 -9.77 -3.40
C THR A 70 -11.86 -8.69 -4.44
N VAL A 71 -10.80 -8.86 -5.22
CA VAL A 71 -10.44 -7.90 -6.25
C VAL A 71 -11.69 -7.28 -6.88
N GLU A 72 -12.64 -8.12 -7.25
CA GLU A 72 -13.88 -7.65 -7.86
C GLU A 72 -14.45 -6.47 -7.08
N TYR A 73 -14.58 -6.63 -5.78
CA TYR A 73 -15.11 -5.58 -4.91
C TYR A 73 -14.23 -4.34 -4.96
N MET A 74 -12.96 -4.52 -4.58
CA MET A 74 -12.01 -3.42 -4.57
C MET A 74 -12.16 -2.56 -5.82
N ASN A 75 -12.50 -3.20 -6.94
CA ASN A 75 -12.68 -2.48 -8.20
C ASN A 75 -13.89 -1.56 -8.14
N SER A 76 -15.01 -2.08 -7.63
CA SER A 76 -16.23 -1.31 -7.53
C SER A 76 -16.37 -0.71 -6.13
N ILE A 77 -15.66 0.38 -5.89
CA ILE A 77 -15.70 1.05 -4.60
C ILE A 77 -16.05 2.53 -4.76
N TYR A 78 -16.89 3.03 -3.86
CA TYR A 78 -17.31 4.43 -3.90
C TYR A 78 -17.40 5.01 -2.49
N ASN A 79 -17.68 6.31 -2.41
CA ASN A 79 -17.80 6.98 -1.12
C ASN A 79 -19.25 7.01 -0.65
N PRO A 80 -19.44 6.81 0.66
CA PRO A 80 -18.35 6.58 1.60
C PRO A 80 -17.69 5.22 1.39
N VAL A 81 -16.36 5.22 1.28
CA VAL A 81 -15.61 3.99 1.08
C VAL A 81 -15.79 3.04 2.26
N PRO A 82 -15.68 1.73 1.99
CA PRO A 82 -15.83 0.69 3.01
C PRO A 82 -14.66 0.68 3.99
N TRP A 83 -13.71 1.57 3.78
CA TRP A 83 -12.54 1.66 4.64
C TRP A 83 -12.42 3.06 5.26
N GLU A 84 -13.54 3.77 5.29
CA GLU A 84 -13.56 5.12 5.86
C GLU A 84 -13.78 5.07 7.37
N LYS A 85 -13.30 4.00 7.99
CA LYS A 85 -13.45 3.83 9.43
C LYS A 85 -12.14 4.18 10.15
N ASP A 86 -12.26 4.93 11.24
CA ASP A 86 -11.10 5.33 12.02
C ASP A 86 -10.39 4.12 12.61
N GLU A 87 -11.17 3.12 13.02
CA GLU A 87 -10.62 1.91 13.61
C GLU A 87 -9.59 1.28 12.68
N TYR A 88 -9.82 1.40 11.38
CA TYR A 88 -8.92 0.83 10.38
C TYR A 88 -7.51 1.41 10.53
N LEU A 89 -7.44 2.71 10.82
CA LEU A 89 -6.16 3.38 10.99
C LEU A 89 -5.17 2.49 11.73
N LYS A 90 -5.66 1.73 12.70
CA LYS A 90 -4.82 0.83 13.47
C LYS A 90 -4.28 -0.29 12.59
N PRO A 91 -3.01 -0.66 12.82
CA PRO A 91 -2.35 -1.73 12.05
C PRO A 91 -2.91 -3.11 12.39
N VAL A 92 -3.73 -3.64 11.49
CA VAL A 92 -4.33 -4.95 11.68
C VAL A 92 -3.29 -5.98 12.10
N LEU A 93 -2.09 -5.84 11.53
CA LEU A 93 -1.00 -6.77 11.84
C LEU A 93 0.13 -6.05 12.56
N GLU A 94 1.23 -6.76 12.80
CA GLU A 94 2.39 -6.18 13.48
C GLU A 94 3.51 -5.90 12.49
N ASP A 95 4.16 -4.75 12.65
CA ASP A 95 5.25 -4.36 11.78
C ASP A 95 4.80 -4.30 10.32
N ASP A 96 3.61 -3.75 10.10
CA ASP A 96 3.06 -3.64 8.76
C ASP A 96 3.90 -2.69 7.90
N LEU A 97 4.74 -3.26 7.05
CA LEU A 97 5.60 -2.47 6.17
C LEU A 97 4.76 -1.64 5.20
N LEU A 98 3.67 -2.22 4.72
CA LEU A 98 2.79 -1.54 3.78
C LEU A 98 2.42 -0.15 4.29
N LEU A 99 2.02 -0.07 5.56
CA LEU A 99 1.65 1.20 6.17
C LEU A 99 2.82 2.18 6.16
N GLN A 100 4.03 1.64 6.22
CA GLN A 100 5.24 2.46 6.20
C GLN A 100 5.91 2.44 4.83
N PHE A 101 5.09 2.36 3.78
CA PHE A 101 5.60 2.32 2.42
C PHE A 101 5.67 3.72 1.83
N ASP A 102 6.51 3.89 0.81
CA ASP A 102 6.66 5.20 0.15
C ASP A 102 5.44 5.51 -0.71
N VAL A 103 4.38 5.99 -0.08
CA VAL A 103 3.16 6.33 -0.79
C VAL A 103 3.17 7.79 -1.24
N GLU A 104 3.92 8.61 -0.52
CA GLU A 104 4.03 10.03 -0.84
C GLU A 104 4.39 10.23 -2.31
N ASP A 105 5.41 9.48 -2.76
CA ASP A 105 5.86 9.58 -4.14
C ASP A 105 4.70 9.43 -5.11
N LEU A 106 3.72 8.61 -4.74
CA LEU A 106 2.55 8.37 -5.58
C LEU A 106 1.86 9.68 -5.92
N TYR A 107 1.90 10.63 -4.99
CA TYR A 107 1.28 11.93 -5.19
C TYR A 107 2.10 12.79 -6.14
N GLU A 108 1.69 14.04 -6.30
CA GLU A 108 2.39 14.97 -7.19
C GLU A 108 2.34 16.39 -6.64
N PRO A 109 3.50 17.07 -6.65
CA PRO A 109 3.61 18.44 -6.16
C PRO A 109 2.90 19.45 -7.05
N VAL A 110 1.60 19.61 -6.83
CA VAL A 110 0.80 20.55 -7.63
C VAL A 110 0.05 21.53 -6.73
N SER A 111 0.80 22.39 -6.05
CA SER A 111 0.20 23.37 -5.15
C SER A 111 0.55 24.79 -5.59
N THR A 112 0.53 25.01 -6.90
CA THR A 112 0.85 26.33 -7.46
C THR A 112 -0.33 26.88 -8.25
N PRO A 113 -0.66 28.16 -8.00
CA PRO A 113 -1.76 28.84 -8.68
C PRO A 113 -1.46 29.10 -10.16
N PHE A 114 -0.19 29.01 -10.52
CA PHE A 114 0.23 29.24 -11.90
C PHE A 114 0.31 27.92 -12.66
N SER A 115 0.40 28.02 -13.98
CA SER A 115 0.47 26.85 -14.84
C SER A 115 1.89 26.65 -15.37
N SER A 116 2.33 25.40 -15.40
CA SER A 116 3.67 25.08 -15.88
C SER A 116 3.83 25.49 -17.35
N GLY A 117 3.08 24.84 -18.22
CA GLY A 117 3.14 25.14 -19.64
C GLY A 117 2.03 24.48 -20.44
N PRO A 118 0.79 24.91 -20.19
CA PRO A 118 -0.38 24.37 -20.88
C PRO A 118 -0.44 24.77 -22.34
N SER A 119 0.22 23.98 -23.19
CA SER A 119 0.25 24.25 -24.62
C SER A 119 -0.02 22.98 -25.42
N SER A 120 -0.14 23.14 -26.74
CA SER A 120 -0.40 22.00 -27.62
C SER A 120 0.26 22.21 -28.98
N GLY A 121 0.89 21.16 -29.49
CA GLY A 121 1.55 21.24 -30.78
C GLY A 121 1.01 20.24 -31.78
ZN ZN B . -1.55 -11.96 -2.95
N GLY A 1 12.96 4.36 -21.61
CA GLY A 1 13.98 5.20 -21.00
C GLY A 1 15.02 4.40 -20.24
N SER A 2 15.85 5.09 -19.46
CA SER A 2 16.89 4.44 -18.69
C SER A 2 16.91 4.97 -17.26
N SER A 3 16.03 4.42 -16.42
CA SER A 3 15.95 4.83 -15.02
C SER A 3 16.53 3.77 -14.10
N GLY A 4 17.61 4.12 -13.41
CA GLY A 4 18.24 3.19 -12.50
C GLY A 4 17.81 3.37 -11.07
N SER A 5 17.32 2.30 -10.45
CA SER A 5 16.87 2.37 -9.06
C SER A 5 16.96 0.99 -8.40
N SER A 6 17.84 0.86 -7.42
CA SER A 6 18.03 -0.39 -6.71
C SER A 6 18.90 -0.19 -5.47
N GLY A 7 18.33 -0.47 -4.30
CA GLY A 7 19.07 -0.32 -3.07
C GLY A 7 19.92 -1.52 -2.74
N GLU A 8 19.72 -2.09 -1.55
CA GLU A 8 20.48 -3.26 -1.13
C GLU A 8 19.74 -4.55 -1.49
N PRO A 9 20.35 -5.34 -2.39
CA PRO A 9 19.76 -6.61 -2.83
C PRO A 9 19.78 -7.67 -1.73
N ALA A 10 20.31 -7.30 -0.57
CA ALA A 10 20.37 -8.23 0.56
C ALA A 10 19.00 -8.42 1.20
N HIS A 11 18.83 -9.54 1.88
CA HIS A 11 17.56 -9.86 2.53
C HIS A 11 17.57 -9.37 3.98
N GLY A 12 16.42 -9.44 4.63
CA GLY A 12 16.31 -9.01 6.01
C GLY A 12 15.56 -10.01 6.87
N ARG A 13 14.99 -9.52 7.97
CA ARG A 13 14.24 -10.38 8.89
C ARG A 13 12.79 -9.93 8.99
N GLN A 14 12.47 -8.84 8.31
CA GLN A 14 11.11 -8.31 8.32
C GLN A 14 10.38 -8.62 7.01
N HIS A 15 9.19 -9.22 7.13
CA HIS A 15 8.40 -9.58 5.97
C HIS A 15 6.93 -9.20 6.17
N THR A 16 6.27 -8.80 5.09
CA THR A 16 4.87 -8.41 5.16
C THR A 16 4.01 -9.31 4.28
N PRO A 17 2.96 -9.88 4.89
CA PRO A 17 2.03 -10.78 4.18
C PRO A 17 1.17 -10.04 3.16
N CYS A 18 0.48 -10.80 2.33
CA CYS A 18 -0.38 -10.22 1.29
C CYS A 18 -1.74 -9.83 1.87
N LEU A 19 -2.47 -9.00 1.14
CA LEU A 19 -3.79 -8.57 1.58
C LEU A 19 -4.86 -9.58 1.19
N PHE A 20 -4.81 -10.05 -0.05
CA PHE A 20 -5.78 -11.02 -0.54
C PHE A 20 -5.39 -12.43 -0.11
N CYS A 21 -4.11 -12.77 -0.26
CA CYS A 21 -3.61 -14.08 0.13
C CYS A 21 -2.69 -13.98 1.33
N ASP A 22 -2.08 -15.12 1.69
CA ASP A 22 -1.18 -15.15 2.84
C ASP A 22 0.27 -15.29 2.38
N ARG A 23 0.65 -14.48 1.39
CA ARG A 23 2.00 -14.51 0.85
C ARG A 23 2.88 -13.48 1.55
N LEU A 24 4.02 -13.93 2.07
CA LEU A 24 4.94 -13.05 2.77
C LEU A 24 5.95 -12.44 1.80
N PHE A 25 6.26 -11.16 1.99
CA PHE A 25 7.22 -10.47 1.14
C PHE A 25 8.12 -9.56 1.95
N ALA A 26 9.43 -9.77 1.84
CA ALA A 26 10.41 -8.97 2.58
C ALA A 26 10.05 -7.49 2.51
N SER A 27 9.70 -7.02 1.31
CA SER A 27 9.34 -5.62 1.12
C SER A 27 7.91 -5.49 0.62
N ALA A 28 7.38 -4.27 0.67
CA ALA A 28 6.01 -4.01 0.22
C ALA A 28 5.92 -4.08 -1.30
N GLU A 29 6.88 -3.45 -1.98
CA GLU A 29 6.89 -3.44 -3.44
C GLU A 29 6.67 -4.85 -4.00
N GLU A 30 7.34 -5.83 -3.41
CA GLU A 30 7.22 -7.21 -3.84
C GLU A 30 5.76 -7.64 -3.87
N THR A 31 5.04 -7.37 -2.79
CA THR A 31 3.63 -7.73 -2.69
C THR A 31 2.82 -7.08 -3.81
N PHE A 32 2.77 -5.75 -3.79
CA PHE A 32 2.02 -5.00 -4.80
C PHE A 32 2.20 -5.62 -6.18
N SER A 33 3.45 -5.67 -6.64
CA SER A 33 3.75 -6.25 -7.95
C SER A 33 3.10 -7.61 -8.11
N HIS A 34 3.11 -8.40 -7.04
CA HIS A 34 2.52 -9.73 -7.06
C HIS A 34 1.00 -9.66 -7.18
N CYS A 35 0.40 -8.71 -6.47
CA CYS A 35 -1.05 -8.52 -6.50
C CYS A 35 -1.49 -7.86 -7.80
N LYS A 36 -0.57 -7.15 -8.43
CA LYS A 36 -0.86 -6.47 -9.69
C LYS A 36 -0.83 -7.44 -10.86
N LEU A 37 -0.14 -8.57 -10.67
CA LEU A 37 -0.04 -9.59 -11.71
C LEU A 37 -1.10 -10.66 -11.53
N GLU A 38 -1.27 -11.11 -10.28
CA GLU A 38 -2.25 -12.15 -9.96
C GLU A 38 -3.60 -11.52 -9.64
N HIS A 39 -3.66 -10.80 -8.52
CA HIS A 39 -4.89 -10.16 -8.09
C HIS A 39 -5.21 -8.94 -8.96
N GLN A 40 -4.36 -8.71 -9.96
CA GLN A 40 -4.55 -7.58 -10.87
C GLN A 40 -5.04 -6.35 -10.11
N PHE A 41 -4.63 -6.23 -8.86
CA PHE A 41 -5.04 -5.10 -8.02
C PHE A 41 -3.87 -4.14 -7.80
N ASN A 42 -3.95 -2.97 -8.41
CA ASN A 42 -2.90 -1.96 -8.29
C ASN A 42 -3.20 -1.00 -7.15
N ILE A 43 -2.24 -0.83 -6.24
CA ILE A 43 -2.40 0.06 -5.11
C ILE A 43 -2.35 1.52 -5.54
N ASP A 44 -1.38 1.85 -6.38
CA ASP A 44 -1.23 3.21 -6.87
C ASP A 44 -2.55 3.76 -7.40
N SER A 45 -3.14 3.03 -8.34
CA SER A 45 -4.41 3.44 -8.94
C SER A 45 -5.42 3.80 -7.85
N MET A 46 -5.49 2.97 -6.82
CA MET A 46 -6.42 3.19 -5.72
C MET A 46 -6.14 4.52 -5.03
N VAL A 47 -4.87 4.75 -4.69
CA VAL A 47 -4.46 5.98 -4.03
C VAL A 47 -4.94 7.20 -4.81
N HIS A 48 -4.65 7.24 -6.10
CA HIS A 48 -5.05 8.34 -6.96
C HIS A 48 -6.57 8.41 -7.09
N LYS A 49 -7.19 7.24 -7.29
CA LYS A 49 -8.64 7.16 -7.44
C LYS A 49 -9.34 7.79 -6.23
N HIS A 50 -9.25 7.12 -5.09
CA HIS A 50 -9.87 7.62 -3.86
C HIS A 50 -8.95 8.59 -3.14
N GLY A 51 -8.04 9.21 -3.88
CA GLY A 51 -7.10 10.15 -3.29
C GLY A 51 -6.70 9.76 -1.88
N LEU A 52 -6.38 8.48 -1.69
CA LEU A 52 -5.98 7.99 -0.38
C LEU A 52 -4.86 8.84 0.21
N GLU A 53 -5.24 9.81 1.03
CA GLU A 53 -4.27 10.70 1.66
C GLU A 53 -3.33 9.91 2.57
N PHE A 54 -2.34 10.60 3.12
CA PHE A 54 -1.37 9.98 4.02
C PHE A 54 -2.04 8.88 4.85
N TYR A 55 -3.12 9.25 5.53
CA TYR A 55 -3.85 8.30 6.36
C TYR A 55 -4.72 7.38 5.52
N GLY A 56 -5.50 7.98 4.61
CA GLY A 56 -6.38 7.21 3.76
C GLY A 56 -5.74 5.91 3.29
N TYR A 57 -4.53 6.01 2.73
CA TYR A 57 -3.82 4.84 2.23
C TYR A 57 -3.74 3.76 3.31
N ILE A 58 -3.34 4.17 4.51
CA ILE A 58 -3.22 3.23 5.63
C ILE A 58 -4.50 2.43 5.81
N LYS A 59 -5.64 3.11 5.80
CA LYS A 59 -6.93 2.46 5.96
C LYS A 59 -7.16 1.43 4.85
N LEU A 60 -6.75 1.78 3.64
CA LEU A 60 -6.91 0.89 2.49
C LEU A 60 -6.22 -0.45 2.74
N ILE A 61 -4.97 -0.38 3.20
CA ILE A 61 -4.20 -1.58 3.49
C ILE A 61 -4.86 -2.42 4.57
N ASN A 62 -4.90 -1.89 5.78
CA ASN A 62 -5.52 -2.60 6.90
C ASN A 62 -6.92 -3.08 6.55
N PHE A 63 -7.66 -2.23 5.83
CA PHE A 63 -9.02 -2.56 5.43
C PHE A 63 -9.09 -3.96 4.84
N ILE A 64 -8.24 -4.23 3.84
CA ILE A 64 -8.20 -5.52 3.19
C ILE A 64 -7.76 -6.61 4.18
N ARG A 65 -7.07 -6.21 5.23
CA ARG A 65 -6.59 -7.14 6.24
C ARG A 65 -7.72 -7.56 7.18
N LEU A 66 -8.57 -6.59 7.54
CA LEU A 66 -9.69 -6.85 8.44
C LEU A 66 -10.85 -7.47 7.68
N LYS A 67 -11.19 -6.89 6.53
CA LYS A 67 -12.29 -7.38 5.72
C LYS A 67 -11.82 -8.52 4.81
N ASN A 68 -10.86 -8.22 3.94
CA ASN A 68 -10.32 -9.21 3.02
C ASN A 68 -11.30 -9.49 1.89
N PRO A 69 -11.74 -8.42 1.20
CA PRO A 69 -12.68 -8.52 0.08
C PRO A 69 -12.05 -9.17 -1.15
N THR A 70 -12.75 -9.09 -2.28
CA THR A 70 -12.27 -9.68 -3.52
C THR A 70 -11.97 -8.59 -4.55
N VAL A 71 -10.91 -8.80 -5.33
CA VAL A 71 -10.50 -7.85 -6.35
C VAL A 71 -11.72 -7.19 -6.98
N GLU A 72 -12.56 -7.98 -7.63
CA GLU A 72 -13.76 -7.47 -8.28
C GLU A 72 -14.41 -6.37 -7.44
N TYR A 73 -14.47 -6.60 -6.14
CA TYR A 73 -15.07 -5.63 -5.22
C TYR A 73 -14.28 -4.33 -5.22
N MET A 74 -12.98 -4.44 -5.00
CA MET A 74 -12.11 -3.27 -4.98
C MET A 74 -12.48 -2.28 -6.09
N ASN A 75 -13.00 -2.82 -7.18
CA ASN A 75 -13.39 -1.99 -8.31
C ASN A 75 -14.78 -1.40 -8.10
N SER A 76 -15.67 -2.17 -7.50
CA SER A 76 -17.03 -1.73 -7.23
C SER A 76 -17.11 -1.03 -5.88
N ILE A 77 -16.23 -0.06 -5.67
CA ILE A 77 -16.20 0.71 -4.42
C ILE A 77 -16.35 2.19 -4.68
N TYR A 78 -17.22 2.84 -3.90
CA TYR A 78 -17.44 4.27 -4.04
C TYR A 78 -17.70 4.92 -2.68
N ASN A 79 -17.48 6.23 -2.61
CA ASN A 79 -17.68 6.98 -1.37
C ASN A 79 -19.16 7.01 -0.99
N PRO A 80 -19.43 6.78 0.31
CA PRO A 80 -18.38 6.54 1.31
C PRO A 80 -17.72 5.18 1.13
N VAL A 81 -16.40 5.15 1.30
CA VAL A 81 -15.64 3.92 1.15
C VAL A 81 -15.83 3.00 2.36
N PRO A 82 -15.74 1.69 2.13
CA PRO A 82 -15.89 0.69 3.18
C PRO A 82 -14.74 0.70 4.18
N TRP A 83 -13.79 1.61 3.96
CA TRP A 83 -12.62 1.72 4.83
C TRP A 83 -12.51 3.13 5.40
N GLU A 84 -13.60 3.89 5.31
CA GLU A 84 -13.62 5.26 5.81
C GLU A 84 -13.88 5.30 7.32
N LYS A 85 -13.35 4.30 8.03
CA LYS A 85 -13.54 4.22 9.47
C LYS A 85 -12.25 4.57 10.20
N ASP A 86 -12.30 4.56 11.53
CA ASP A 86 -11.14 4.88 12.35
C ASP A 86 -10.41 3.60 12.77
N GLU A 87 -11.16 2.57 13.10
CA GLU A 87 -10.59 1.30 13.52
C GLU A 87 -9.54 0.82 12.52
N TYR A 88 -9.79 1.09 11.24
CA TYR A 88 -8.87 0.68 10.18
C TYR A 88 -7.52 1.37 10.34
N LEU A 89 -7.55 2.65 10.71
CA LEU A 89 -6.33 3.42 10.90
C LEU A 89 -5.26 2.58 11.59
N LYS A 90 -5.67 1.81 12.60
CA LYS A 90 -4.75 0.96 13.34
C LYS A 90 -4.22 -0.17 12.46
N PRO A 91 -2.94 -0.50 12.62
CA PRO A 91 -2.28 -1.56 11.85
C PRO A 91 -2.78 -2.95 12.24
N VAL A 92 -3.73 -3.47 11.45
CA VAL A 92 -4.29 -4.80 11.72
C VAL A 92 -3.20 -5.78 12.11
N LEU A 93 -2.03 -5.65 11.50
CA LEU A 93 -0.92 -6.54 11.78
C LEU A 93 0.19 -5.80 12.53
N GLU A 94 1.32 -6.48 12.74
CA GLU A 94 2.45 -5.87 13.44
C GLU A 94 3.59 -5.58 12.46
N ASP A 95 4.30 -4.48 12.71
CA ASP A 95 5.41 -4.10 11.85
C ASP A 95 5.05 -4.23 10.38
N ASP A 96 3.96 -3.58 9.99
CA ASP A 96 3.50 -3.62 8.61
C ASP A 96 4.38 -2.76 7.71
N LEU A 97 4.95 -3.38 6.68
CA LEU A 97 5.81 -2.66 5.74
C LEU A 97 5.00 -1.79 4.80
N LEU A 98 3.82 -2.27 4.42
CA LEU A 98 2.95 -1.52 3.52
C LEU A 98 2.55 -0.19 4.13
N LEU A 99 2.38 -0.18 5.45
CA LEU A 99 2.00 1.04 6.16
C LEU A 99 3.15 2.04 6.19
N GLN A 100 4.36 1.54 6.45
CA GLN A 100 5.54 2.39 6.51
C GLN A 100 5.96 2.82 5.10
N PHE A 101 5.47 2.11 4.10
CA PHE A 101 5.79 2.43 2.71
C PHE A 101 5.41 3.87 2.37
N ASP A 102 6.40 4.65 1.94
CA ASP A 102 6.18 6.04 1.59
C ASP A 102 5.11 6.17 0.51
N VAL A 103 3.85 6.09 0.92
CA VAL A 103 2.74 6.19 -0.01
C VAL A 103 2.73 7.54 -0.71
N GLU A 104 3.26 8.55 -0.04
CA GLU A 104 3.32 9.90 -0.60
C GLU A 104 4.10 9.92 -1.91
N ASP A 105 5.02 8.96 -2.05
CA ASP A 105 5.84 8.86 -3.25
C ASP A 105 4.98 8.75 -4.50
N LEU A 106 3.71 8.41 -4.30
CA LEU A 106 2.77 8.26 -5.41
C LEU A 106 2.34 9.63 -5.94
N TYR A 107 2.21 10.60 -5.04
CA TYR A 107 1.81 11.95 -5.42
C TYR A 107 2.67 12.47 -6.56
N GLU A 108 2.07 12.61 -7.74
CA GLU A 108 2.79 13.11 -8.91
C GLU A 108 3.56 14.37 -8.58
N PRO A 109 4.89 14.33 -8.80
CA PRO A 109 5.77 15.46 -8.53
C PRO A 109 5.55 16.62 -9.51
N VAL A 110 4.51 17.40 -9.26
CA VAL A 110 4.18 18.53 -10.12
C VAL A 110 3.85 19.77 -9.29
N SER A 111 4.84 20.26 -8.55
CA SER A 111 4.65 21.44 -7.71
C SER A 111 5.97 21.89 -7.09
N THR A 112 6.17 23.20 -7.04
CA THR A 112 7.40 23.76 -6.48
C THR A 112 7.20 24.17 -5.02
N PRO A 113 7.97 23.53 -4.12
CA PRO A 113 7.91 23.81 -2.69
C PRO A 113 8.45 25.19 -2.33
N PHE A 114 9.44 25.65 -3.11
CA PHE A 114 10.05 26.95 -2.87
C PHE A 114 10.44 27.12 -1.41
N SER A 115 10.93 26.04 -0.81
CA SER A 115 11.33 26.06 0.59
C SER A 115 12.82 26.36 0.72
N SER A 116 13.17 27.22 1.66
CA SER A 116 14.57 27.59 1.88
C SER A 116 14.86 27.72 3.37
N GLY A 117 15.57 26.74 3.92
CA GLY A 117 15.90 26.76 5.33
C GLY A 117 16.76 25.57 5.74
N PRO A 118 18.08 25.75 5.67
CA PRO A 118 19.04 24.69 6.04
C PRO A 118 19.05 24.42 7.54
N SER A 119 18.11 25.03 8.25
CA SER A 119 18.02 24.85 9.70
C SER A 119 19.25 25.42 10.40
N SER A 120 19.69 26.59 9.95
CA SER A 120 20.85 27.24 10.53
C SER A 120 20.52 27.83 11.90
N GLY A 121 19.33 28.41 12.01
CA GLY A 121 18.91 29.00 13.27
C GLY A 121 20.04 29.73 13.98
ZN ZN B . -1.58 -12.16 -2.92
N GLY A 1 -4.53 16.27 17.72
CA GLY A 1 -5.12 14.96 17.51
C GLY A 1 -4.44 13.88 18.33
N SER A 2 -3.66 13.04 17.65
CA SER A 2 -2.96 11.95 18.32
C SER A 2 -1.62 11.66 17.63
N SER A 3 -0.72 10.99 18.35
CA SER A 3 0.58 10.65 17.81
C SER A 3 0.87 9.17 17.98
N GLY A 4 1.05 8.47 16.85
CA GLY A 4 1.33 7.05 16.89
C GLY A 4 2.31 6.63 15.81
N SER A 5 3.60 6.78 16.10
CA SER A 5 4.65 6.42 15.15
C SER A 5 5.72 5.58 15.82
N SER A 6 6.42 4.76 15.03
CA SER A 6 7.47 3.91 15.54
C SER A 6 8.60 3.74 14.51
N GLY A 7 9.79 3.42 15.00
CA GLY A 7 10.92 3.24 14.11
C GLY A 7 10.91 1.89 13.42
N GLU A 8 11.84 1.03 13.78
CA GLU A 8 11.93 -0.30 13.18
C GLU A 8 12.91 -1.18 13.95
N PRO A 9 12.65 -2.50 13.96
CA PRO A 9 13.49 -3.47 14.66
C PRO A 9 14.85 -3.65 13.98
N ALA A 10 15.85 -4.07 14.76
CA ALA A 10 17.19 -4.29 14.23
C ALA A 10 17.24 -5.52 13.35
N HIS A 11 16.77 -6.64 13.89
CA HIS A 11 16.76 -7.90 13.15
C HIS A 11 16.21 -7.71 11.74
N GLY A 12 17.01 -8.03 10.74
CA GLY A 12 16.58 -7.88 9.36
C GLY A 12 15.67 -9.01 8.92
N ARG A 13 14.55 -9.17 9.62
CA ARG A 13 13.60 -10.22 9.28
C ARG A 13 12.17 -9.67 9.27
N GLN A 14 12.00 -8.52 8.63
CA GLN A 14 10.68 -7.89 8.54
C GLN A 14 10.00 -8.24 7.23
N HIS A 15 8.93 -9.04 7.32
CA HIS A 15 8.18 -9.44 6.14
C HIS A 15 6.70 -9.09 6.28
N THR A 16 6.14 -8.50 5.23
CA THR A 16 4.73 -8.12 5.24
C THR A 16 3.91 -9.01 4.32
N PRO A 17 2.85 -9.63 4.89
CA PRO A 17 1.97 -10.52 4.13
C PRO A 17 1.12 -9.77 3.12
N CYS A 18 0.40 -10.51 2.29
CA CYS A 18 -0.45 -9.92 1.26
C CYS A 18 -1.82 -9.59 1.84
N LEU A 19 -2.55 -8.69 1.17
CA LEU A 19 -3.87 -8.29 1.61
C LEU A 19 -4.92 -9.32 1.19
N PHE A 20 -4.83 -9.77 -0.06
CA PHE A 20 -5.78 -10.75 -0.58
C PHE A 20 -5.42 -12.15 -0.10
N CYS A 21 -4.14 -12.51 -0.25
CA CYS A 21 -3.67 -13.82 0.16
C CYS A 21 -2.78 -13.72 1.39
N ASP A 22 -2.20 -14.85 1.80
CA ASP A 22 -1.33 -14.88 2.97
C ASP A 22 0.13 -15.08 2.55
N ARG A 23 0.53 -14.39 1.49
CA ARG A 23 1.90 -14.49 0.99
C ARG A 23 2.79 -13.45 1.65
N LEU A 24 3.91 -13.91 2.22
CA LEU A 24 4.85 -13.01 2.88
C LEU A 24 5.88 -12.48 1.90
N PHE A 25 6.23 -11.21 2.06
CA PHE A 25 7.21 -10.56 1.19
C PHE A 25 8.18 -9.70 1.99
N ALA A 26 9.47 -9.82 1.69
CA ALA A 26 10.49 -9.05 2.37
C ALA A 26 10.07 -7.58 2.52
N SER A 27 9.76 -6.95 1.39
CA SER A 27 9.34 -5.55 1.39
C SER A 27 7.93 -5.40 0.84
N ALA A 28 7.42 -4.18 0.89
CA ALA A 28 6.07 -3.90 0.39
C ALA A 28 6.01 -4.02 -1.12
N GLU A 29 6.86 -3.27 -1.81
CA GLU A 29 6.91 -3.30 -3.27
C GLU A 29 6.76 -4.73 -3.79
N GLU A 30 7.44 -5.66 -3.13
CA GLU A 30 7.39 -7.07 -3.52
C GLU A 30 5.95 -7.57 -3.59
N THR A 31 5.15 -7.17 -2.60
CA THR A 31 3.76 -7.59 -2.55
C THR A 31 2.94 -6.94 -3.67
N PHE A 32 2.93 -5.61 -3.69
CA PHE A 32 2.20 -4.87 -4.70
C PHE A 32 2.33 -5.55 -6.07
N SER A 33 3.56 -5.61 -6.56
CA SER A 33 3.83 -6.23 -7.86
C SER A 33 3.15 -7.59 -7.97
N HIS A 34 3.31 -8.41 -6.93
CA HIS A 34 2.72 -9.74 -6.90
C HIS A 34 1.21 -9.66 -7.13
N CYS A 35 0.56 -8.70 -6.49
CA CYS A 35 -0.88 -8.53 -6.62
C CYS A 35 -1.24 -8.03 -8.01
N LYS A 36 -0.30 -7.33 -8.65
CA LYS A 36 -0.52 -6.80 -9.99
C LYS A 36 -0.41 -7.90 -11.04
N LEU A 37 0.26 -8.99 -10.67
CA LEU A 37 0.44 -10.12 -11.58
C LEU A 37 -0.63 -11.18 -11.35
N GLU A 38 -0.89 -11.49 -10.09
CA GLU A 38 -1.90 -12.48 -9.74
C GLU A 38 -3.27 -11.84 -9.56
N HIS A 39 -3.40 -11.01 -8.53
CA HIS A 39 -4.65 -10.32 -8.26
C HIS A 39 -4.87 -9.18 -9.22
N GLN A 40 -3.96 -9.04 -10.18
CA GLN A 40 -4.05 -7.97 -11.18
C GLN A 40 -4.68 -6.72 -10.58
N PHE A 41 -4.32 -6.42 -9.33
CA PHE A 41 -4.85 -5.24 -8.65
C PHE A 41 -3.74 -4.24 -8.35
N ASN A 42 -3.94 -3.00 -8.77
CA ASN A 42 -2.96 -1.95 -8.56
C ASN A 42 -3.36 -1.06 -7.38
N ILE A 43 -2.41 -0.82 -6.48
CA ILE A 43 -2.67 0.02 -5.31
C ILE A 43 -2.62 1.50 -5.67
N ASP A 44 -1.77 1.84 -6.65
CA ASP A 44 -1.63 3.22 -7.09
C ASP A 44 -2.96 3.78 -7.57
N SER A 45 -3.68 2.98 -8.35
CA SER A 45 -4.97 3.40 -8.87
C SER A 45 -5.90 3.86 -7.75
N MET A 46 -5.89 3.13 -6.65
CA MET A 46 -6.72 3.47 -5.50
C MET A 46 -6.29 4.80 -4.88
N VAL A 47 -5.03 4.87 -4.46
CA VAL A 47 -4.49 6.08 -3.85
C VAL A 47 -4.95 7.32 -4.62
N HIS A 48 -5.05 7.20 -5.93
CA HIS A 48 -5.47 8.30 -6.78
C HIS A 48 -6.99 8.37 -6.89
N LYS A 49 -7.62 7.20 -6.96
CA LYS A 49 -9.07 7.11 -7.06
C LYS A 49 -9.74 7.89 -5.92
N HIS A 50 -9.59 7.39 -4.70
CA HIS A 50 -10.18 8.04 -3.53
C HIS A 50 -9.15 8.94 -2.84
N GLY A 51 -8.18 9.42 -3.61
CA GLY A 51 -7.16 10.29 -3.05
C GLY A 51 -6.76 9.89 -1.64
N LEU A 52 -6.15 8.72 -1.51
CA LEU A 52 -5.72 8.22 -0.20
C LEU A 52 -4.47 8.96 0.27
N GLU A 53 -4.62 9.74 1.33
CA GLU A 53 -3.51 10.50 1.89
C GLU A 53 -2.65 9.62 2.79
N PHE A 54 -1.62 10.21 3.38
CA PHE A 54 -0.72 9.48 4.27
C PHE A 54 -1.48 8.41 5.05
N TYR A 55 -2.50 8.84 5.79
CA TYR A 55 -3.30 7.92 6.59
C TYR A 55 -4.37 7.23 5.72
N GLY A 56 -5.01 8.01 4.86
CA GLY A 56 -6.03 7.45 4.00
C GLY A 56 -5.64 6.10 3.43
N TYR A 57 -4.47 6.03 2.81
CA TYR A 57 -3.99 4.79 2.22
C TYR A 57 -3.95 3.67 3.26
N ILE A 58 -3.39 3.98 4.43
CA ILE A 58 -3.30 3.00 5.51
C ILE A 58 -4.64 2.31 5.74
N LYS A 59 -5.71 3.11 5.77
CA LYS A 59 -7.04 2.58 5.99
C LYS A 59 -7.40 1.54 4.93
N LEU A 60 -6.91 1.75 3.71
CA LEU A 60 -7.17 0.82 2.61
C LEU A 60 -6.52 -0.53 2.87
N ILE A 61 -5.27 -0.49 3.31
CA ILE A 61 -4.52 -1.72 3.60
C ILE A 61 -5.22 -2.55 4.67
N ASN A 62 -5.29 -2.01 5.88
CA ASN A 62 -5.94 -2.69 6.99
C ASN A 62 -7.33 -3.16 6.61
N PHE A 63 -8.05 -2.32 5.87
CA PHE A 63 -9.41 -2.65 5.43
C PHE A 63 -9.45 -4.04 4.82
N ILE A 64 -8.49 -4.34 3.95
CA ILE A 64 -8.42 -5.64 3.30
C ILE A 64 -7.96 -6.72 4.27
N ARG A 65 -7.19 -6.32 5.27
CA ARG A 65 -6.69 -7.25 6.27
C ARG A 65 -7.81 -7.72 7.20
N LEU A 66 -8.73 -6.81 7.51
CA LEU A 66 -9.85 -7.13 8.39
C LEU A 66 -11.02 -7.72 7.59
N LYS A 67 -11.46 -6.98 6.57
CA LYS A 67 -12.56 -7.43 5.73
C LYS A 67 -12.16 -8.65 4.91
N ASN A 68 -11.11 -8.49 4.11
CA ASN A 68 -10.61 -9.58 3.27
C ASN A 68 -11.53 -9.78 2.06
N PRO A 69 -11.89 -8.68 1.39
CA PRO A 69 -12.77 -8.72 0.22
C PRO A 69 -12.09 -9.36 -0.99
N THR A 70 -12.71 -9.21 -2.16
CA THR A 70 -12.16 -9.77 -3.39
C THR A 70 -11.89 -8.68 -4.42
N VAL A 71 -10.87 -8.87 -5.23
CA VAL A 71 -10.50 -7.90 -6.26
C VAL A 71 -11.74 -7.38 -6.98
N GLU A 72 -12.55 -8.31 -7.50
CA GLU A 72 -13.76 -7.96 -8.22
C GLU A 72 -14.53 -6.85 -7.48
N TYR A 73 -14.48 -6.88 -6.16
CA TYR A 73 -15.16 -5.89 -5.34
C TYR A 73 -14.35 -4.60 -5.26
N MET A 74 -13.05 -4.74 -4.99
CA MET A 74 -12.16 -3.59 -4.89
C MET A 74 -12.24 -2.72 -6.14
N ASN A 75 -12.75 -3.30 -7.22
CA ASN A 75 -12.89 -2.58 -8.48
C ASN A 75 -14.12 -1.68 -8.46
N SER A 76 -15.14 -2.10 -7.72
CA SER A 76 -16.37 -1.33 -7.62
C SER A 76 -16.53 -0.74 -6.23
N ILE A 77 -15.91 0.41 -6.00
CA ILE A 77 -15.98 1.08 -4.71
C ILE A 77 -16.46 2.52 -4.87
N TYR A 78 -17.27 2.97 -3.92
CA TYR A 78 -17.81 4.33 -3.95
C TYR A 78 -17.64 5.01 -2.60
N ASN A 79 -18.01 6.29 -2.53
CA ASN A 79 -17.90 7.05 -1.29
C ASN A 79 -19.25 7.14 -0.60
N PRO A 80 -19.23 7.09 0.74
CA PRO A 80 -17.99 6.95 1.51
C PRO A 80 -17.36 5.57 1.34
N VAL A 81 -16.05 5.54 1.18
CA VAL A 81 -15.33 4.28 1.01
C VAL A 81 -15.58 3.34 2.18
N PRO A 82 -15.48 2.03 1.92
CA PRO A 82 -15.70 1.01 2.94
C PRO A 82 -14.58 0.98 3.98
N TRP A 83 -13.62 1.89 3.84
CA TRP A 83 -12.51 1.97 4.77
C TRP A 83 -12.41 3.36 5.39
N GLU A 84 -13.54 4.06 5.45
CA GLU A 84 -13.58 5.40 6.00
C GLU A 84 -13.76 5.35 7.52
N LYS A 85 -13.26 4.29 8.14
CA LYS A 85 -13.36 4.12 9.58
C LYS A 85 -11.99 4.23 10.24
N ASP A 86 -11.94 4.93 11.37
CA ASP A 86 -10.69 5.11 12.10
C ASP A 86 -10.10 3.77 12.51
N GLU A 87 -10.94 2.91 13.11
CA GLU A 87 -10.50 1.59 13.54
C GLU A 87 -9.49 0.99 12.57
N TYR A 88 -9.75 1.18 11.27
CA TYR A 88 -8.87 0.66 10.24
C TYR A 88 -7.45 1.20 10.40
N LEU A 89 -7.35 2.50 10.66
CA LEU A 89 -6.06 3.15 10.83
C LEU A 89 -5.10 2.24 11.60
N LYS A 90 -5.62 1.56 12.61
CA LYS A 90 -4.80 0.65 13.42
C LYS A 90 -4.26 -0.49 12.57
N PRO A 91 -2.98 -0.84 12.80
CA PRO A 91 -2.32 -1.93 12.07
C PRO A 91 -2.87 -3.30 12.43
N VAL A 92 -3.79 -3.80 11.62
CA VAL A 92 -4.40 -5.11 11.85
C VAL A 92 -3.34 -6.15 12.20
N LEU A 93 -2.17 -6.02 11.58
CA LEU A 93 -1.07 -6.95 11.82
C LEU A 93 0.07 -6.27 12.56
N GLU A 94 1.17 -6.99 12.75
CA GLU A 94 2.33 -6.45 13.44
C GLU A 94 3.49 -6.20 12.47
N ASP A 95 4.11 -5.04 12.58
CA ASP A 95 5.22 -4.67 11.72
C ASP A 95 4.77 -4.55 10.26
N ASP A 96 3.65 -3.86 10.06
CA ASP A 96 3.10 -3.67 8.72
C ASP A 96 3.97 -2.71 7.92
N LEU A 97 4.75 -3.25 7.00
CA LEU A 97 5.64 -2.44 6.16
C LEU A 97 4.83 -1.61 5.17
N LEU A 98 3.78 -2.21 4.60
CA LEU A 98 2.93 -1.53 3.64
C LEU A 98 2.50 -0.16 4.17
N LEU A 99 2.19 -0.10 5.46
CA LEU A 99 1.77 1.15 6.08
C LEU A 99 2.90 2.17 6.09
N GLN A 100 4.13 1.67 6.03
CA GLN A 100 5.31 2.54 6.03
C GLN A 100 5.93 2.60 4.63
N PHE A 101 5.10 2.43 3.61
CA PHE A 101 5.56 2.46 2.23
C PHE A 101 5.50 3.88 1.67
N ASP A 102 6.50 4.24 0.88
CA ASP A 102 6.57 5.57 0.29
C ASP A 102 5.35 5.82 -0.61
N VAL A 103 4.28 6.34 -0.01
CA VAL A 103 3.06 6.63 -0.75
C VAL A 103 3.04 8.07 -1.25
N GLU A 104 3.71 8.95 -0.50
CA GLU A 104 3.77 10.36 -0.87
C GLU A 104 4.28 10.54 -2.28
N ASP A 105 5.25 9.71 -2.66
CA ASP A 105 5.83 9.78 -4.00
C ASP A 105 4.76 9.66 -5.07
N LEU A 106 3.70 8.93 -4.76
CA LEU A 106 2.59 8.74 -5.69
C LEU A 106 1.88 10.06 -5.97
N TYR A 107 1.76 10.89 -4.94
CA TYR A 107 1.10 12.18 -5.06
C TYR A 107 1.82 13.06 -6.09
N GLU A 108 1.13 13.36 -7.18
CA GLU A 108 1.70 14.20 -8.24
C GLU A 108 2.14 15.55 -7.68
N PRO A 109 3.46 15.78 -7.69
CA PRO A 109 4.05 17.03 -7.19
C PRO A 109 3.73 18.21 -8.10
N VAL A 110 2.62 18.90 -7.82
CA VAL A 110 2.22 20.05 -8.62
C VAL A 110 2.73 21.35 -8.00
N SER A 111 3.88 21.81 -8.47
CA SER A 111 4.48 23.04 -7.97
C SER A 111 5.71 23.41 -8.77
N THR A 112 6.19 24.64 -8.57
CA THR A 112 7.37 25.13 -9.28
C THR A 112 8.65 24.54 -8.70
N PRO A 113 9.61 24.20 -9.56
CA PRO A 113 10.90 23.63 -9.16
C PRO A 113 11.77 24.64 -8.43
N PHE A 114 11.27 25.86 -8.31
CA PHE A 114 12.01 26.93 -7.63
C PHE A 114 12.03 26.71 -6.12
N SER A 115 13.22 26.42 -5.58
CA SER A 115 13.38 26.18 -4.16
C SER A 115 13.74 27.48 -3.43
N SER A 116 12.99 27.78 -2.38
CA SER A 116 13.23 28.99 -1.59
C SER A 116 14.24 28.73 -0.48
N GLY A 117 13.95 27.73 0.35
CA GLY A 117 14.84 27.40 1.44
C GLY A 117 14.10 26.90 2.67
N PRO A 118 13.54 25.68 2.57
CA PRO A 118 12.79 25.07 3.67
C PRO A 118 13.69 24.68 4.85
N SER A 119 15.00 24.76 4.64
CA SER A 119 15.96 24.41 5.67
C SER A 119 15.87 25.38 6.85
N SER A 120 15.65 24.85 8.04
CA SER A 120 15.55 25.67 9.23
C SER A 120 16.93 26.06 9.77
N GLY A 121 17.77 25.06 9.96
CA GLY A 121 19.12 25.30 10.46
C GLY A 121 19.86 24.03 10.80
ZN ZN B . -1.61 -11.92 -2.86
N GLY A 1 -1.10 16.58 11.93
CA GLY A 1 -0.77 17.19 10.66
C GLY A 1 0.66 16.92 10.24
N SER A 2 1.42 17.99 10.02
CA SER A 2 2.82 17.85 9.60
C SER A 2 3.75 17.93 10.81
N SER A 3 4.39 16.80 11.12
CA SER A 3 5.31 16.73 12.25
C SER A 3 6.03 15.39 12.28
N GLY A 4 7.31 15.43 12.65
CA GLY A 4 8.09 14.21 12.70
C GLY A 4 8.27 13.56 11.34
N SER A 5 9.21 14.08 10.56
CA SER A 5 9.47 13.56 9.22
C SER A 5 10.85 12.92 9.16
N SER A 6 10.94 11.69 9.65
CA SER A 6 12.21 10.96 9.65
C SER A 6 12.01 9.51 10.07
N GLY A 7 13.04 8.70 9.88
CA GLY A 7 12.95 7.29 10.26
C GLY A 7 14.25 6.77 10.85
N GLU A 8 14.15 6.14 12.01
CA GLU A 8 15.33 5.59 12.68
C GLU A 8 16.09 4.64 11.75
N PRO A 9 17.39 4.50 11.98
CA PRO A 9 18.25 3.62 11.19
C PRO A 9 17.96 2.14 11.44
N ALA A 10 16.96 1.88 12.28
CA ALA A 10 16.58 0.51 12.61
C ALA A 10 16.38 -0.32 11.34
N HIS A 11 17.01 -1.50 11.30
CA HIS A 11 16.90 -2.38 10.15
C HIS A 11 17.05 -3.83 10.57
N GLY A 12 17.01 -4.74 9.59
CA GLY A 12 17.15 -6.16 9.88
C GLY A 12 16.20 -7.01 9.05
N ARG A 13 15.48 -7.91 9.72
CA ARG A 13 14.54 -8.78 9.04
C ARG A 13 13.10 -8.29 9.23
N GLN A 14 12.29 -8.42 8.18
CA GLN A 14 10.90 -8.01 8.24
C GLN A 14 10.16 -8.38 6.96
N HIS A 15 9.01 -9.03 7.12
CA HIS A 15 8.20 -9.45 5.98
C HIS A 15 6.75 -9.04 6.16
N THR A 16 6.11 -8.65 5.06
CA THR A 16 4.72 -8.22 5.10
C THR A 16 3.84 -9.13 4.24
N PRO A 17 2.80 -9.70 4.85
CA PRO A 17 1.87 -10.60 4.17
C PRO A 17 1.00 -9.87 3.15
N CYS A 18 0.34 -10.63 2.28
CA CYS A 18 -0.51 -10.05 1.25
C CYS A 18 -1.88 -9.69 1.83
N LEU A 19 -2.58 -8.77 1.17
CA LEU A 19 -3.88 -8.33 1.61
C LEU A 19 -4.96 -9.32 1.21
N PHE A 20 -4.91 -9.77 -0.05
CA PHE A 20 -5.89 -10.72 -0.55
C PHE A 20 -5.56 -12.14 -0.09
N CYS A 21 -4.29 -12.53 -0.21
CA CYS A 21 -3.85 -13.85 0.20
C CYS A 21 -2.92 -13.76 1.40
N ASP A 22 -2.37 -14.90 1.81
CA ASP A 22 -1.47 -14.95 2.95
C ASP A 22 -0.02 -15.14 2.48
N ARG A 23 0.37 -14.37 1.47
CA ARG A 23 1.72 -14.46 0.93
C ARG A 23 2.64 -13.43 1.59
N LEU A 24 3.76 -13.90 2.13
CA LEU A 24 4.72 -13.02 2.80
C LEU A 24 5.76 -12.51 1.82
N PHE A 25 6.14 -11.25 1.97
CA PHE A 25 7.13 -10.64 1.09
C PHE A 25 8.13 -9.81 1.90
N ALA A 26 9.35 -9.67 1.37
CA ALA A 26 10.38 -8.91 2.04
C ALA A 26 10.01 -7.42 2.11
N SER A 27 9.70 -6.84 0.96
CA SER A 27 9.33 -5.43 0.90
C SER A 27 7.88 -5.27 0.46
N ALA A 28 7.39 -4.03 0.51
CA ALA A 28 6.02 -3.74 0.12
C ALA A 28 5.86 -3.78 -1.40
N GLU A 29 6.92 -3.42 -2.12
CA GLU A 29 6.90 -3.42 -3.58
C GLU A 29 6.68 -4.82 -4.12
N GLU A 30 7.42 -5.79 -3.59
CA GLU A 30 7.30 -7.18 -4.03
C GLU A 30 5.84 -7.62 -4.02
N THR A 31 5.10 -7.16 -3.01
CA THR A 31 3.69 -7.52 -2.89
C THR A 31 2.85 -6.80 -3.93
N PHE A 32 2.81 -5.48 -3.84
CA PHE A 32 2.03 -4.67 -4.78
C PHE A 32 2.09 -5.25 -6.18
N SER A 33 3.31 -5.40 -6.70
CA SER A 33 3.50 -5.95 -8.04
C SER A 33 2.84 -7.31 -8.18
N HIS A 34 3.05 -8.16 -7.17
CA HIS A 34 2.47 -9.51 -7.17
C HIS A 34 0.95 -9.45 -7.35
N CYS A 35 0.32 -8.50 -6.64
CA CYS A 35 -1.12 -8.33 -6.72
C CYS A 35 -1.54 -7.77 -8.06
N LYS A 36 -0.65 -7.00 -8.67
CA LYS A 36 -0.93 -6.39 -9.97
C LYS A 36 -0.87 -7.44 -11.08
N LEU A 37 -0.20 -8.54 -10.81
CA LEU A 37 -0.06 -9.63 -11.78
C LEU A 37 -1.13 -10.70 -11.56
N GLU A 38 -1.31 -11.09 -10.30
CA GLU A 38 -2.30 -12.11 -9.95
C GLU A 38 -3.64 -11.47 -9.63
N HIS A 39 -3.68 -10.69 -8.56
CA HIS A 39 -4.90 -10.01 -8.14
C HIS A 39 -5.22 -8.84 -9.07
N GLN A 40 -4.41 -8.68 -10.11
CA GLN A 40 -4.61 -7.60 -11.06
C GLN A 40 -5.10 -6.33 -10.36
N PHE A 41 -4.65 -6.14 -9.12
CA PHE A 41 -5.04 -4.98 -8.35
C PHE A 41 -3.82 -4.12 -8.00
N ASN A 42 -3.86 -2.86 -8.39
CA ASN A 42 -2.76 -1.94 -8.12
C ASN A 42 -3.07 -1.05 -6.92
N ILE A 43 -2.05 -0.73 -6.15
CA ILE A 43 -2.21 0.11 -4.97
C ILE A 43 -2.22 1.59 -5.35
N ASP A 44 -1.29 1.98 -6.21
CA ASP A 44 -1.20 3.37 -6.66
C ASP A 44 -2.53 3.85 -7.23
N SER A 45 -3.15 3.00 -8.03
CA SER A 45 -4.44 3.34 -8.66
C SER A 45 -5.47 3.71 -7.59
N MET A 46 -5.48 2.96 -6.50
CA MET A 46 -6.43 3.21 -5.42
C MET A 46 -6.11 4.54 -4.73
N VAL A 47 -4.83 4.83 -4.57
CA VAL A 47 -4.41 6.06 -3.93
C VAL A 47 -4.87 7.28 -4.71
N HIS A 48 -4.85 7.17 -6.03
CA HIS A 48 -5.28 8.26 -6.90
C HIS A 48 -6.80 8.27 -7.05
N LYS A 49 -7.39 7.09 -7.09
CA LYS A 49 -8.84 6.96 -7.23
C LYS A 49 -9.56 7.61 -6.06
N HIS A 50 -9.43 7.00 -4.88
CA HIS A 50 -10.07 7.51 -3.68
C HIS A 50 -9.17 8.54 -2.99
N GLY A 51 -8.26 9.12 -3.75
CA GLY A 51 -7.35 10.12 -3.20
C GLY A 51 -6.92 9.79 -1.78
N LEU A 52 -6.60 8.53 -1.54
CA LEU A 52 -6.16 8.08 -0.22
C LEU A 52 -5.02 8.94 0.31
N GLU A 53 -5.35 9.94 1.11
CA GLU A 53 -4.35 10.83 1.67
C GLU A 53 -3.40 10.07 2.60
N PHE A 54 -2.50 10.80 3.25
CA PHE A 54 -1.54 10.20 4.16
C PHE A 54 -2.15 9.00 4.89
N TYR A 55 -3.11 9.28 5.76
CA TYR A 55 -3.78 8.22 6.51
C TYR A 55 -4.63 7.34 5.60
N GLY A 56 -5.34 7.98 4.67
CA GLY A 56 -6.18 7.25 3.74
C GLY A 56 -5.51 5.98 3.24
N TYR A 57 -4.31 6.11 2.68
CA TYR A 57 -3.58 4.97 2.16
C TYR A 57 -3.54 3.83 3.18
N ILE A 58 -3.27 4.18 4.43
CA ILE A 58 -3.20 3.19 5.50
C ILE A 58 -4.51 2.41 5.60
N LYS A 59 -5.60 3.13 5.82
CA LYS A 59 -6.91 2.50 5.94
C LYS A 59 -7.12 1.45 4.85
N LEU A 60 -6.86 1.84 3.61
CA LEU A 60 -7.00 0.93 2.47
C LEU A 60 -6.40 -0.43 2.79
N ILE A 61 -5.20 -0.42 3.37
CA ILE A 61 -4.51 -1.66 3.72
C ILE A 61 -5.25 -2.40 4.84
N ASN A 62 -5.25 -1.81 6.03
CA ASN A 62 -5.92 -2.42 7.18
C ASN A 62 -7.28 -2.96 6.78
N PHE A 63 -7.97 -2.25 5.89
CA PHE A 63 -9.29 -2.66 5.43
C PHE A 63 -9.24 -4.07 4.83
N ILE A 64 -8.49 -4.21 3.74
CA ILE A 64 -8.37 -5.49 3.07
C ILE A 64 -7.82 -6.56 4.01
N ARG A 65 -7.22 -6.11 5.11
CA ARG A 65 -6.66 -7.03 6.09
C ARG A 65 -7.73 -7.52 7.06
N LEU A 66 -8.70 -6.64 7.35
CA LEU A 66 -9.79 -6.98 8.26
C LEU A 66 -10.94 -7.63 7.51
N LYS A 67 -11.46 -6.94 6.50
CA LYS A 67 -12.57 -7.46 5.70
C LYS A 67 -12.12 -8.65 4.87
N ASN A 68 -11.06 -8.46 4.08
CA ASN A 68 -10.55 -9.54 3.23
C ASN A 68 -11.45 -9.77 2.04
N PRO A 69 -11.81 -8.67 1.34
CA PRO A 69 -12.68 -8.75 0.16
C PRO A 69 -11.99 -9.40 -1.03
N THR A 70 -12.58 -9.23 -2.22
CA THR A 70 -12.02 -9.80 -3.43
C THR A 70 -11.76 -8.73 -4.48
N VAL A 71 -10.74 -8.95 -5.30
CA VAL A 71 -10.39 -7.99 -6.35
C VAL A 71 -11.63 -7.40 -6.99
N GLU A 72 -12.51 -8.27 -7.50
CA GLU A 72 -13.74 -7.83 -8.14
C GLU A 72 -14.46 -6.80 -7.28
N TYR A 73 -14.53 -7.06 -5.98
CA TYR A 73 -15.20 -6.16 -5.05
C TYR A 73 -14.45 -4.84 -4.95
N MET A 74 -13.15 -4.92 -4.64
CA MET A 74 -12.32 -3.73 -4.51
C MET A 74 -12.60 -2.75 -5.64
N ASN A 75 -12.82 -3.28 -6.84
CA ASN A 75 -13.10 -2.45 -8.00
C ASN A 75 -14.45 -1.78 -7.88
N SER A 76 -15.46 -2.55 -7.47
CA SER A 76 -16.82 -2.02 -7.32
C SER A 76 -16.86 -0.95 -6.23
N ILE A 77 -16.17 -1.21 -5.13
CA ILE A 77 -16.13 -0.27 -4.02
C ILE A 77 -16.19 1.17 -4.52
N TYR A 78 -16.91 2.01 -3.79
CA TYR A 78 -17.05 3.42 -4.15
C TYR A 78 -17.21 4.30 -2.91
N ASN A 79 -17.16 5.61 -3.11
CA ASN A 79 -17.30 6.56 -2.01
C ASN A 79 -18.77 6.73 -1.63
N PRO A 80 -19.05 6.74 -0.32
CA PRO A 80 -18.02 6.57 0.71
C PRO A 80 -17.45 5.16 0.73
N VAL A 81 -16.15 5.06 1.01
CA VAL A 81 -15.48 3.76 1.06
C VAL A 81 -15.75 3.05 2.39
N PRO A 82 -15.72 1.72 2.36
CA PRO A 82 -15.96 0.90 3.55
C PRO A 82 -14.83 1.00 4.56
N TRP A 83 -13.76 1.70 4.19
CA TRP A 83 -12.61 1.88 5.06
C TRP A 83 -12.47 3.34 5.49
N GLU A 84 -13.56 4.09 5.40
CA GLU A 84 -13.55 5.50 5.78
C GLU A 84 -13.68 5.67 7.29
N LYS A 85 -13.17 4.69 8.03
CA LYS A 85 -13.23 4.73 9.49
C LYS A 85 -11.84 4.65 10.10
N ASP A 86 -11.50 5.62 10.92
CA ASP A 86 -10.19 5.66 11.57
C ASP A 86 -9.82 4.29 12.13
N GLU A 87 -10.77 3.65 12.79
CA GLU A 87 -10.54 2.33 13.37
C GLU A 87 -9.66 1.49 12.47
N TYR A 88 -9.94 1.51 11.17
CA TYR A 88 -9.16 0.75 10.21
C TYR A 88 -7.68 1.13 10.26
N LEU A 89 -7.42 2.42 10.35
CA LEU A 89 -6.04 2.93 10.41
C LEU A 89 -5.17 1.99 11.25
N LYS A 90 -5.73 1.49 12.36
CA LYS A 90 -5.01 0.58 13.23
C LYS A 90 -4.35 -0.54 12.44
N PRO A 91 -3.10 -0.86 12.78
CA PRO A 91 -2.33 -1.92 12.12
C PRO A 91 -2.88 -3.31 12.45
N VAL A 92 -3.74 -3.82 11.60
CA VAL A 92 -4.34 -5.14 11.79
C VAL A 92 -3.27 -6.17 12.13
N LEU A 93 -2.07 -5.99 11.57
CA LEU A 93 -0.96 -6.90 11.81
C LEU A 93 0.20 -6.18 12.48
N GLU A 94 1.31 -6.89 12.65
CA GLU A 94 2.50 -6.31 13.27
C GLU A 94 3.56 -6.00 12.22
N ASP A 95 4.61 -5.29 12.64
CA ASP A 95 5.70 -4.93 11.74
C ASP A 95 5.17 -4.67 10.34
N ASP A 96 4.02 -4.01 10.25
CA ASP A 96 3.41 -3.68 8.96
C ASP A 96 4.34 -2.82 8.12
N LEU A 97 4.79 -3.37 6.99
CA LEU A 97 5.69 -2.64 6.10
C LEU A 97 4.91 -1.71 5.18
N LEU A 98 3.89 -2.26 4.52
CA LEU A 98 3.06 -1.48 3.61
C LEU A 98 2.68 -0.14 4.23
N LEU A 99 2.22 -0.17 5.48
CA LEU A 99 1.83 1.04 6.18
C LEU A 99 2.97 2.04 6.22
N GLN A 100 4.19 1.53 6.33
CA GLN A 100 5.37 2.38 6.38
C GLN A 100 5.66 2.99 5.01
N PHE A 101 5.38 2.24 3.96
CA PHE A 101 5.61 2.71 2.60
C PHE A 101 5.27 4.19 2.47
N ASP A 102 6.27 4.99 2.11
CA ASP A 102 6.08 6.43 1.95
C ASP A 102 5.14 6.73 0.78
N VAL A 103 3.85 6.55 1.01
CA VAL A 103 2.85 6.81 -0.02
C VAL A 103 3.18 8.08 -0.79
N GLU A 104 3.85 9.01 -0.13
CA GLU A 104 4.22 10.27 -0.76
C GLU A 104 4.83 10.03 -2.14
N ASP A 105 5.70 9.03 -2.23
CA ASP A 105 6.34 8.70 -3.50
C ASP A 105 5.33 8.66 -4.64
N LEU A 106 4.10 8.26 -4.32
CA LEU A 106 3.05 8.18 -5.32
C LEU A 106 2.60 9.58 -5.75
N TYR A 107 2.67 10.54 -4.84
CA TYR A 107 2.28 11.91 -5.12
C TYR A 107 3.35 12.62 -5.94
N GLU A 108 2.99 13.00 -7.16
CA GLU A 108 3.93 13.69 -8.06
C GLU A 108 4.86 14.60 -7.26
N PRO A 109 6.17 14.47 -7.52
CA PRO A 109 7.19 15.27 -6.85
C PRO A 109 7.15 16.74 -7.27
N VAL A 110 7.05 17.62 -6.28
CA VAL A 110 7.00 19.05 -6.55
C VAL A 110 8.19 19.77 -5.92
N SER A 111 9.24 19.02 -5.62
CA SER A 111 10.44 19.58 -4.99
C SER A 111 11.68 19.24 -5.81
N THR A 112 12.73 20.03 -5.63
CA THR A 112 13.98 19.82 -6.36
C THR A 112 15.03 19.17 -5.46
N PRO A 113 15.59 18.05 -5.92
CA PRO A 113 16.62 17.32 -5.17
C PRO A 113 17.94 18.07 -5.11
N PHE A 114 17.98 19.24 -5.73
CA PHE A 114 19.18 20.06 -5.75
C PHE A 114 19.31 20.88 -4.47
N SER A 115 20.37 20.61 -3.71
CA SER A 115 20.60 21.32 -2.45
C SER A 115 22.08 21.27 -2.07
N SER A 116 22.59 22.37 -1.54
CA SER A 116 23.99 22.45 -1.13
C SER A 116 24.11 22.49 0.38
N GLY A 117 25.09 21.77 0.90
CA GLY A 117 25.30 21.74 2.35
C GLY A 117 26.16 20.57 2.78
N PRO A 118 27.48 20.77 2.82
CA PRO A 118 28.44 19.74 3.22
C PRO A 118 28.34 19.41 4.70
N SER A 119 28.89 18.26 5.09
CA SER A 119 28.86 17.82 6.48
C SER A 119 29.85 16.69 6.71
N SER A 120 30.56 16.74 7.83
CA SER A 120 31.53 15.71 8.16
C SER A 120 31.81 15.70 9.67
N GLY A 121 31.92 14.50 10.23
CA GLY A 121 32.18 14.37 11.66
C GLY A 121 33.47 15.04 12.07
ZN ZN B . -1.61 -12.09 -2.90
N GLY A 1 38.07 5.49 -7.99
CA GLY A 1 38.08 4.24 -7.27
C GLY A 1 36.69 3.75 -6.92
N SER A 2 35.86 3.55 -7.94
CA SER A 2 34.49 3.09 -7.72
C SER A 2 34.46 1.92 -6.73
N SER A 3 33.25 1.54 -6.32
CA SER A 3 33.08 0.45 -5.36
C SER A 3 31.84 -0.37 -5.71
N GLY A 4 31.72 -1.54 -5.09
CA GLY A 4 30.59 -2.40 -5.34
C GLY A 4 29.31 -1.89 -4.68
N SER A 5 29.45 -1.37 -3.46
CA SER A 5 28.30 -0.84 -2.73
C SER A 5 27.32 -1.96 -2.39
N SER A 6 27.86 -3.10 -1.94
CA SER A 6 27.03 -4.24 -1.59
C SER A 6 26.92 -4.38 -0.07
N GLY A 7 25.74 -4.77 0.39
CA GLY A 7 25.53 -4.93 1.82
C GLY A 7 25.20 -6.37 2.20
N GLU A 8 25.21 -6.65 3.50
CA GLU A 8 24.91 -7.99 3.99
C GLU A 8 23.81 -7.95 5.05
N PRO A 9 22.84 -8.86 4.93
CA PRO A 9 21.71 -8.95 5.87
C PRO A 9 22.14 -9.46 7.24
N ALA A 10 21.26 -9.31 8.22
CA ALA A 10 21.54 -9.75 9.58
C ALA A 10 20.53 -10.80 10.04
N HIS A 11 20.94 -11.60 11.02
CA HIS A 11 20.07 -12.65 11.54
C HIS A 11 18.69 -12.09 11.88
N GLY A 12 17.77 -12.17 10.92
CA GLY A 12 16.44 -11.66 11.14
C GLY A 12 16.02 -10.64 10.08
N ARG A 13 14.78 -10.76 9.61
CA ARG A 13 14.28 -9.84 8.59
C ARG A 13 12.78 -9.62 8.77
N GLN A 14 12.27 -8.55 8.16
CA GLN A 14 10.85 -8.22 8.25
C GLN A 14 10.12 -8.60 6.96
N HIS A 15 8.98 -9.28 7.11
CA HIS A 15 8.19 -9.69 5.95
C HIS A 15 6.75 -9.25 6.10
N THR A 16 6.13 -8.85 4.99
CA THR A 16 4.75 -8.40 5.00
C THR A 16 3.87 -9.30 4.12
N PRO A 17 2.82 -9.86 4.74
CA PRO A 17 1.88 -10.74 4.04
C PRO A 17 1.03 -10.00 3.01
N CYS A 18 0.34 -10.75 2.16
CA CYS A 18 -0.51 -10.17 1.14
C CYS A 18 -1.87 -9.75 1.72
N LEU A 19 -2.57 -8.88 1.01
CA LEU A 19 -3.88 -8.41 1.46
C LEU A 19 -4.98 -9.37 1.04
N PHE A 20 -4.86 -9.91 -0.17
CA PHE A 20 -5.85 -10.86 -0.69
C PHE A 20 -5.50 -12.28 -0.29
N CYS A 21 -4.23 -12.66 -0.48
CA CYS A 21 -3.78 -14.00 -0.14
C CYS A 21 -2.91 -13.97 1.11
N ASP A 22 -2.33 -15.11 1.45
CA ASP A 22 -1.47 -15.22 2.62
C ASP A 22 -0.01 -15.44 2.20
N ARG A 23 0.45 -14.62 1.26
CA ARG A 23 1.82 -14.72 0.78
C ARG A 23 2.72 -13.68 1.46
N LEU A 24 3.80 -14.16 2.05
CA LEU A 24 4.74 -13.27 2.75
C LEU A 24 5.78 -12.72 1.77
N PHE A 25 6.10 -11.44 1.93
CA PHE A 25 7.09 -10.79 1.07
C PHE A 25 8.10 -10.02 1.90
N ALA A 26 9.29 -9.81 1.33
CA ALA A 26 10.35 -9.09 2.01
C ALA A 26 9.97 -7.62 2.21
N SER A 27 9.62 -6.96 1.12
CA SER A 27 9.23 -5.55 1.17
C SER A 27 7.82 -5.34 0.64
N ALA A 28 7.32 -4.12 0.75
CA ALA A 28 5.98 -3.79 0.28
C ALA A 28 5.87 -3.99 -1.23
N GLU A 29 6.71 -3.29 -1.97
CA GLU A 29 6.70 -3.39 -3.44
C GLU A 29 6.53 -4.84 -3.88
N GLU A 30 7.39 -5.70 -3.36
CA GLU A 30 7.35 -7.12 -3.71
C GLU A 30 5.91 -7.64 -3.71
N THR A 31 5.16 -7.26 -2.67
CA THR A 31 3.77 -7.69 -2.55
C THR A 31 2.89 -7.04 -3.62
N PHE A 32 2.94 -5.72 -3.68
CA PHE A 32 2.15 -4.97 -4.67
C PHE A 32 2.35 -5.54 -6.07
N SER A 33 3.60 -5.55 -6.53
CA SER A 33 3.93 -6.08 -7.85
C SER A 33 3.30 -7.45 -8.07
N HIS A 34 3.26 -8.25 -7.00
CA HIS A 34 2.68 -9.59 -7.07
C HIS A 34 1.18 -9.52 -7.33
N CYS A 35 0.48 -8.72 -6.54
CA CYS A 35 -0.96 -8.58 -6.67
C CYS A 35 -1.32 -8.06 -8.06
N LYS A 36 -0.42 -7.27 -8.65
CA LYS A 36 -0.65 -6.72 -9.97
C LYS A 36 -0.47 -7.78 -11.05
N LEU A 37 0.22 -8.86 -10.70
CA LEU A 37 0.44 -9.95 -11.64
C LEU A 37 -0.61 -11.04 -11.48
N GLU A 38 -0.87 -11.43 -10.23
CA GLU A 38 -1.86 -12.45 -9.95
C GLU A 38 -3.25 -11.85 -9.76
N HIS A 39 -3.41 -11.06 -8.70
CA HIS A 39 -4.68 -10.42 -8.41
C HIS A 39 -4.89 -9.20 -9.32
N GLN A 40 -4.01 -9.04 -10.29
CA GLN A 40 -4.09 -7.93 -11.22
C GLN A 40 -4.74 -6.71 -10.55
N PHE A 41 -4.35 -6.45 -9.31
CA PHE A 41 -4.88 -5.33 -8.56
C PHE A 41 -3.76 -4.36 -8.17
N ASN A 42 -3.77 -3.18 -8.77
CA ASN A 42 -2.77 -2.16 -8.49
C ASN A 42 -3.18 -1.29 -7.31
N ILE A 43 -2.22 -0.98 -6.44
CA ILE A 43 -2.50 -0.15 -5.27
C ILE A 43 -2.43 1.34 -5.63
N ASP A 44 -1.44 1.70 -6.44
CA ASP A 44 -1.26 3.08 -6.85
C ASP A 44 -2.56 3.64 -7.41
N SER A 45 -3.22 2.86 -8.26
CA SER A 45 -4.47 3.29 -8.88
C SER A 45 -5.46 3.77 -7.82
N MET A 46 -5.56 3.03 -6.72
CA MET A 46 -6.46 3.38 -5.64
C MET A 46 -6.14 4.76 -5.09
N VAL A 47 -4.92 4.92 -4.59
CA VAL A 47 -4.49 6.20 -4.03
C VAL A 47 -4.97 7.36 -4.88
N HIS A 48 -4.98 7.17 -6.19
CA HIS A 48 -5.41 8.20 -7.12
C HIS A 48 -6.94 8.22 -7.22
N LYS A 49 -7.54 7.04 -7.33
CA LYS A 49 -8.99 6.92 -7.44
C LYS A 49 -9.69 7.69 -6.32
N HIS A 50 -9.51 7.22 -5.09
CA HIS A 50 -10.13 7.85 -3.93
C HIS A 50 -9.21 8.93 -3.36
N GLY A 51 -8.27 9.40 -4.18
CA GLY A 51 -7.34 10.42 -3.73
C GLY A 51 -6.88 10.21 -2.31
N LEU A 52 -6.62 8.95 -1.95
CA LEU A 52 -6.18 8.61 -0.60
C LEU A 52 -5.12 9.60 -0.11
N GLU A 53 -4.96 9.69 1.20
CA GLU A 53 -3.97 10.60 1.79
C GLU A 53 -3.09 9.85 2.79
N PHE A 54 -2.14 10.57 3.37
CA PHE A 54 -1.23 10.00 4.35
C PHE A 54 -1.94 8.94 5.19
N TYR A 55 -3.07 9.32 5.78
CA TYR A 55 -3.84 8.40 6.61
C TYR A 55 -4.76 7.54 5.77
N GLY A 56 -5.48 8.18 4.83
CA GLY A 56 -6.39 7.45 3.98
C GLY A 56 -5.79 6.15 3.46
N TYR A 57 -4.62 6.24 2.85
CA TYR A 57 -3.94 5.06 2.31
C TYR A 57 -3.81 3.98 3.38
N ILE A 58 -3.38 4.38 4.56
CA ILE A 58 -3.21 3.44 5.67
C ILE A 58 -4.45 2.58 5.85
N LYS A 59 -5.62 3.22 5.88
CA LYS A 59 -6.88 2.50 6.04
C LYS A 59 -7.07 1.47 4.94
N LEU A 60 -6.77 1.86 3.70
CA LEU A 60 -6.90 0.96 2.56
C LEU A 60 -6.22 -0.37 2.84
N ILE A 61 -4.99 -0.31 3.34
CA ILE A 61 -4.23 -1.51 3.65
C ILE A 61 -4.90 -2.31 4.76
N ASN A 62 -4.93 -1.74 5.96
CA ASN A 62 -5.54 -2.40 7.11
C ASN A 62 -6.96 -2.87 6.78
N PHE A 63 -7.60 -2.19 5.84
CA PHE A 63 -8.95 -2.54 5.43
C PHE A 63 -9.00 -3.94 4.85
N ILE A 64 -8.28 -4.15 3.76
CA ILE A 64 -8.24 -5.45 3.11
C ILE A 64 -7.74 -6.53 4.06
N ARG A 65 -7.10 -6.10 5.14
CA ARG A 65 -6.57 -7.03 6.13
C ARG A 65 -7.67 -7.52 7.07
N LEU A 66 -8.57 -6.61 7.43
CA LEU A 66 -9.68 -6.94 8.32
C LEU A 66 -10.85 -7.53 7.54
N LYS A 67 -11.17 -6.91 6.41
CA LYS A 67 -12.27 -7.37 5.56
C LYS A 67 -11.80 -8.49 4.64
N ASN A 68 -10.73 -8.24 3.89
CA ASN A 68 -10.19 -9.22 2.97
C ASN A 68 -11.21 -9.57 1.88
N PRO A 69 -11.72 -8.54 1.19
CA PRO A 69 -12.71 -8.70 0.12
C PRO A 69 -12.10 -9.35 -1.11
N THR A 70 -12.82 -9.24 -2.24
CA THR A 70 -12.35 -9.82 -3.50
C THR A 70 -12.00 -8.73 -4.51
N VAL A 71 -10.91 -8.94 -5.22
CA VAL A 71 -10.46 -7.98 -6.24
C VAL A 71 -11.65 -7.33 -6.94
N GLU A 72 -12.51 -8.16 -7.51
CA GLU A 72 -13.69 -7.67 -8.22
C GLU A 72 -14.45 -6.64 -7.36
N TYR A 73 -14.58 -6.94 -6.07
CA TYR A 73 -15.28 -6.05 -5.16
C TYR A 73 -14.53 -4.73 -5.00
N MET A 74 -13.26 -4.82 -4.60
CA MET A 74 -12.43 -3.64 -4.41
C MET A 74 -12.66 -2.63 -5.53
N ASN A 75 -12.60 -3.12 -6.77
CA ASN A 75 -12.79 -2.25 -7.93
C ASN A 75 -14.18 -1.62 -7.91
N SER A 76 -15.15 -2.36 -7.38
CA SER A 76 -16.52 -1.87 -7.31
C SER A 76 -16.82 -1.28 -5.94
N ILE A 77 -16.33 -0.07 -5.71
CA ILE A 77 -16.55 0.61 -4.43
C ILE A 77 -16.74 2.11 -4.63
N TYR A 78 -17.45 2.74 -3.70
CA TYR A 78 -17.70 4.17 -3.77
C TYR A 78 -17.63 4.81 -2.39
N ASN A 79 -17.91 6.11 -2.33
CA ASN A 79 -17.89 6.83 -1.07
C ASN A 79 -19.29 6.97 -0.49
N PRO A 80 -19.39 6.89 0.85
CA PRO A 80 -18.23 6.69 1.72
C PRO A 80 -17.63 5.29 1.58
N VAL A 81 -16.32 5.23 1.36
CA VAL A 81 -15.63 3.96 1.22
C VAL A 81 -15.77 3.10 2.48
N PRO A 82 -15.74 1.78 2.31
CA PRO A 82 -15.85 0.83 3.42
C PRO A 82 -14.62 0.85 4.33
N TRP A 83 -13.66 1.70 4.00
CA TRP A 83 -12.44 1.81 4.79
C TRP A 83 -12.25 3.24 5.30
N GLU A 84 -13.36 3.97 5.41
CA GLU A 84 -13.31 5.35 5.90
C GLU A 84 -13.53 5.40 7.40
N LYS A 85 -13.41 4.24 8.05
CA LYS A 85 -13.59 4.16 9.51
C LYS A 85 -12.30 4.52 10.23
N ASP A 86 -12.41 4.77 11.53
CA ASP A 86 -11.25 5.13 12.35
C ASP A 86 -10.52 3.88 12.83
N GLU A 87 -11.29 2.86 13.18
CA GLU A 87 -10.71 1.60 13.67
C GLU A 87 -9.64 1.10 12.71
N TYR A 88 -9.90 1.23 11.41
CA TYR A 88 -8.96 0.78 10.39
C TYR A 88 -7.59 1.44 10.59
N LEU A 89 -7.60 2.75 10.87
CA LEU A 89 -6.37 3.49 11.08
C LEU A 89 -5.33 2.63 11.79
N LYS A 90 -5.79 1.79 12.71
CA LYS A 90 -4.90 0.92 13.46
C LYS A 90 -4.41 -0.24 12.59
N PRO A 91 -3.13 -0.61 12.78
CA PRO A 91 -2.50 -1.71 12.02
C PRO A 91 -3.07 -3.07 12.39
N VAL A 92 -3.85 -3.65 11.49
CA VAL A 92 -4.45 -4.96 11.72
C VAL A 92 -3.40 -5.98 12.15
N LEU A 93 -2.19 -5.81 11.64
CA LEU A 93 -1.09 -6.72 11.95
C LEU A 93 0.04 -5.97 12.68
N GLU A 94 1.14 -6.68 12.91
CA GLU A 94 2.29 -6.10 13.59
C GLU A 94 3.47 -5.94 12.63
N ASP A 95 4.16 -4.81 12.72
CA ASP A 95 5.31 -4.55 11.86
C ASP A 95 4.89 -4.51 10.40
N ASP A 96 3.84 -3.77 10.10
CA ASP A 96 3.33 -3.65 8.74
C ASP A 96 4.27 -2.80 7.89
N LEU A 97 4.80 -3.39 6.82
CA LEU A 97 5.72 -2.69 5.93
C LEU A 97 4.94 -1.85 4.92
N LEU A 98 3.71 -2.26 4.63
CA LEU A 98 2.87 -1.55 3.68
C LEU A 98 2.45 -0.19 4.23
N LEU A 99 2.37 -0.10 5.55
CA LEU A 99 1.98 1.15 6.21
C LEU A 99 3.13 2.16 6.18
N GLN A 100 4.34 1.67 6.38
CA GLN A 100 5.52 2.54 6.38
C GLN A 100 5.93 2.88 4.95
N PHE A 101 5.33 2.19 3.98
CA PHE A 101 5.64 2.43 2.57
C PHE A 101 5.39 3.88 2.20
N ASP A 102 6.44 4.55 1.74
CA ASP A 102 6.34 5.96 1.35
C ASP A 102 5.27 6.14 0.27
N VAL A 103 4.06 6.49 0.71
CA VAL A 103 2.95 6.70 -0.22
C VAL A 103 3.03 8.07 -0.88
N GLU A 104 3.86 8.95 -0.30
CA GLU A 104 4.02 10.30 -0.84
C GLU A 104 4.62 10.25 -2.24
N ASP A 105 5.51 9.31 -2.47
CA ASP A 105 6.15 9.17 -3.77
C ASP A 105 5.12 9.19 -4.89
N LEU A 106 3.96 8.61 -4.63
CA LEU A 106 2.88 8.56 -5.61
C LEU A 106 2.46 9.97 -6.02
N TYR A 107 2.48 10.89 -5.06
CA TYR A 107 2.09 12.26 -5.31
C TYR A 107 3.27 13.07 -5.85
N GLU A 108 3.06 14.37 -6.03
CA GLU A 108 4.10 15.24 -6.54
C GLU A 108 4.06 16.60 -5.84
N PRO A 109 5.19 16.99 -5.24
CA PRO A 109 5.30 18.27 -4.53
C PRO A 109 5.28 19.47 -5.48
N VAL A 110 4.07 19.93 -5.81
CA VAL A 110 3.91 21.06 -6.71
C VAL A 110 2.63 21.83 -6.40
N SER A 111 2.72 23.16 -6.44
CA SER A 111 1.56 24.01 -6.16
C SER A 111 1.14 23.87 -4.70
N THR A 112 2.11 23.84 -3.80
CA THR A 112 1.83 23.71 -2.38
C THR A 112 0.66 24.59 -1.96
N PRO A 113 -0.49 23.96 -1.69
CA PRO A 113 -1.70 24.66 -1.28
C PRO A 113 -1.59 25.24 0.12
N PHE A 114 -0.95 24.51 1.02
CA PHE A 114 -0.76 24.95 2.39
C PHE A 114 -1.95 25.78 2.86
N SER A 115 -3.16 25.28 2.59
CA SER A 115 -4.38 25.97 2.98
C SER A 115 -5.21 25.11 3.93
N SER A 116 -5.61 25.70 5.05
CA SER A 116 -6.41 25.00 6.05
C SER A 116 -7.06 25.96 7.01
N GLY A 117 -8.39 25.99 7.01
CA GLY A 117 -9.11 26.89 7.90
C GLY A 117 -10.62 26.78 7.74
N PRO A 118 -11.16 25.59 8.03
CA PRO A 118 -12.60 25.32 7.91
C PRO A 118 -13.41 26.07 8.98
N SER A 119 -14.10 27.12 8.56
CA SER A 119 -14.91 27.91 9.47
C SER A 119 -16.35 27.39 9.53
N SER A 120 -16.56 26.37 10.34
CA SER A 120 -17.88 25.76 10.49
C SER A 120 -18.30 25.73 11.95
N GLY A 121 -19.32 26.52 12.28
CA GLY A 121 -19.80 26.57 13.65
C GLY A 121 -20.81 27.69 13.86
ZN ZN B . -1.65 -12.16 -3.05
N GLY A 1 11.79 -14.31 -10.02
CA GLY A 1 13.07 -13.88 -10.52
C GLY A 1 14.19 -14.86 -10.17
N SER A 2 15.35 -14.32 -9.80
CA SER A 2 16.50 -15.15 -9.45
C SER A 2 17.21 -14.60 -8.23
N SER A 3 17.04 -15.27 -7.09
CA SER A 3 17.66 -14.85 -5.85
C SER A 3 18.25 -16.05 -5.10
N GLY A 4 19.29 -15.78 -4.30
CA GLY A 4 19.92 -16.84 -3.54
C GLY A 4 21.22 -16.40 -2.89
N SER A 5 21.89 -17.33 -2.22
CA SER A 5 23.15 -17.03 -1.55
C SER A 5 22.95 -15.93 -0.50
N SER A 6 21.86 -16.03 0.24
CA SER A 6 21.56 -15.05 1.28
C SER A 6 20.90 -15.72 2.48
N GLY A 7 21.39 -15.40 3.68
CA GLY A 7 20.84 -15.97 4.88
C GLY A 7 20.50 -14.93 5.92
N GLU A 8 20.88 -15.19 7.17
CA GLU A 8 20.60 -14.27 8.27
C GLU A 8 21.90 -13.90 9.01
N PRO A 9 22.92 -13.50 8.23
CA PRO A 9 24.22 -13.11 8.79
C PRO A 9 24.16 -11.81 9.57
N ALA A 10 22.96 -11.24 9.68
CA ALA A 10 22.75 -10.00 10.41
C ALA A 10 21.36 -9.94 11.02
N HIS A 11 21.30 -9.42 12.25
CA HIS A 11 20.02 -9.32 12.95
C HIS A 11 19.17 -8.19 12.35
N GLY A 12 18.38 -8.54 11.33
CA GLY A 12 17.53 -7.56 10.69
C GLY A 12 16.68 -8.15 9.58
N ARG A 13 15.43 -8.45 9.89
CA ARG A 13 14.51 -9.04 8.92
C ARG A 13 13.08 -8.56 9.16
N GLN A 14 12.30 -8.52 8.09
CA GLN A 14 10.91 -8.08 8.18
C GLN A 14 10.15 -8.38 6.89
N HIS A 15 9.08 -9.16 7.01
CA HIS A 15 8.27 -9.52 5.85
C HIS A 15 6.80 -9.14 6.07
N THR A 16 6.15 -8.71 5.00
CA THR A 16 4.75 -8.30 5.07
C THR A 16 3.87 -9.22 4.23
N PRO A 17 2.84 -9.79 4.87
CA PRO A 17 1.90 -10.70 4.20
C PRO A 17 1.01 -9.98 3.18
N CYS A 18 0.34 -10.75 2.34
CA CYS A 18 -0.54 -10.18 1.33
C CYS A 18 -1.91 -9.82 1.92
N LEU A 19 -2.66 -9.00 1.21
CA LEU A 19 -3.98 -8.57 1.67
C LEU A 19 -5.05 -9.58 1.27
N PHE A 20 -4.97 -10.05 0.03
CA PHE A 20 -5.94 -11.02 -0.47
C PHE A 20 -5.56 -12.44 -0.04
N CYS A 21 -4.27 -12.78 -0.20
CA CYS A 21 -3.78 -14.10 0.17
C CYS A 21 -2.89 -14.01 1.41
N ASP A 22 -2.32 -15.15 1.79
CA ASP A 22 -1.45 -15.20 2.96
C ASP A 22 0.01 -15.42 2.55
N ARG A 23 0.44 -14.70 1.52
CA ARG A 23 1.80 -14.81 1.03
C ARG A 23 2.69 -13.74 1.63
N LEU A 24 3.78 -14.16 2.27
CA LEU A 24 4.72 -13.24 2.90
C LEU A 24 5.73 -12.71 1.88
N PHE A 25 6.09 -11.45 2.02
CA PHE A 25 7.05 -10.82 1.12
C PHE A 25 8.13 -10.07 1.89
N ALA A 26 9.24 -9.80 1.24
CA ALA A 26 10.35 -9.08 1.87
C ALA A 26 10.09 -7.58 1.89
N SER A 27 9.69 -7.03 0.74
CA SER A 27 9.41 -5.60 0.63
C SER A 27 7.96 -5.37 0.23
N ALA A 28 7.45 -4.19 0.56
CA ALA A 28 6.08 -3.83 0.24
C ALA A 28 5.85 -3.79 -1.26
N GLU A 29 6.90 -3.42 -2.00
CA GLU A 29 6.82 -3.34 -3.46
C GLU A 29 6.64 -4.73 -4.06
N GLU A 30 7.33 -5.72 -3.50
CA GLU A 30 7.25 -7.09 -3.99
C GLU A 30 5.81 -7.60 -3.95
N THR A 31 5.09 -7.21 -2.90
CA THR A 31 3.69 -7.63 -2.75
C THR A 31 2.80 -6.95 -3.78
N PHE A 32 2.69 -5.63 -3.69
CA PHE A 32 1.86 -4.87 -4.61
C PHE A 32 1.96 -5.44 -6.03
N SER A 33 3.18 -5.48 -6.55
CA SER A 33 3.42 -5.99 -7.90
C SER A 33 2.80 -7.38 -8.07
N HIS A 34 3.00 -8.23 -7.07
CA HIS A 34 2.45 -9.59 -7.10
C HIS A 34 0.95 -9.57 -7.28
N CYS A 35 0.28 -8.67 -6.55
CA CYS A 35 -1.18 -8.55 -6.63
C CYS A 35 -1.61 -8.04 -7.99
N LYS A 36 -0.79 -7.17 -8.58
CA LYS A 36 -1.09 -6.61 -9.90
C LYS A 36 -0.98 -7.68 -10.98
N LEU A 37 -0.27 -8.76 -10.68
CA LEU A 37 -0.08 -9.85 -11.63
C LEU A 37 -1.13 -10.93 -11.41
N GLU A 38 -1.22 -11.43 -10.18
CA GLU A 38 -2.17 -12.48 -9.84
C GLU A 38 -3.56 -11.88 -9.58
N HIS A 39 -3.65 -11.07 -8.52
CA HIS A 39 -4.91 -10.44 -8.17
C HIS A 39 -5.25 -9.30 -9.12
N GLN A 40 -4.40 -9.10 -10.12
CA GLN A 40 -4.60 -8.05 -11.10
C GLN A 40 -5.13 -6.79 -10.43
N PHE A 41 -4.62 -6.49 -9.24
CA PHE A 41 -5.04 -5.31 -8.50
C PHE A 41 -3.84 -4.44 -8.14
N ASN A 42 -3.97 -3.14 -8.39
CA ASN A 42 -2.88 -2.21 -8.10
C ASN A 42 -3.22 -1.37 -6.86
N ILE A 43 -2.19 -0.92 -6.16
CA ILE A 43 -2.36 -0.11 -4.96
C ILE A 43 -2.18 1.37 -5.27
N ASP A 44 -1.21 1.68 -6.13
CA ASP A 44 -0.93 3.06 -6.50
C ASP A 44 -2.15 3.70 -7.17
N SER A 45 -2.65 3.06 -8.22
CA SER A 45 -3.80 3.56 -8.95
C SER A 45 -4.92 3.95 -7.98
N MET A 46 -5.16 3.10 -6.99
CA MET A 46 -6.20 3.37 -6.00
C MET A 46 -5.97 4.70 -5.30
N VAL A 47 -4.72 4.95 -4.92
CA VAL A 47 -4.37 6.20 -4.24
C VAL A 47 -4.76 7.41 -5.07
N HIS A 48 -4.64 7.28 -6.39
CA HIS A 48 -4.99 8.36 -7.30
C HIS A 48 -6.50 8.46 -7.50
N LYS A 49 -7.15 7.30 -7.57
CA LYS A 49 -8.60 7.25 -7.75
C LYS A 49 -9.32 7.88 -6.56
N HIS A 50 -9.30 7.20 -5.43
CA HIS A 50 -9.94 7.70 -4.22
C HIS A 50 -9.08 8.75 -3.53
N GLY A 51 -8.09 9.25 -4.26
CA GLY A 51 -7.20 10.26 -3.70
C GLY A 51 -6.83 9.98 -2.26
N LEU A 52 -6.46 8.73 -1.98
CA LEU A 52 -6.07 8.33 -0.63
C LEU A 52 -4.99 9.27 -0.08
N GLU A 53 -5.26 9.84 1.09
CA GLU A 53 -4.32 10.75 1.73
C GLU A 53 -3.37 9.99 2.66
N PHE A 54 -2.42 10.71 3.25
CA PHE A 54 -1.45 10.09 4.15
C PHE A 54 -2.09 8.96 4.95
N TYR A 55 -3.19 9.27 5.62
CA TYR A 55 -3.89 8.28 6.42
C TYR A 55 -4.75 7.37 5.55
N GLY A 56 -5.38 7.95 4.53
CA GLY A 56 -6.22 7.19 3.63
C GLY A 56 -5.57 5.87 3.23
N TYR A 57 -4.41 5.95 2.61
CA TYR A 57 -3.69 4.76 2.16
C TYR A 57 -3.67 3.70 3.25
N ILE A 58 -3.33 4.12 4.47
CA ILE A 58 -3.27 3.21 5.60
C ILE A 58 -4.58 2.43 5.76
N LYS A 59 -5.68 3.16 5.81
CA LYS A 59 -6.99 2.54 5.95
C LYS A 59 -7.23 1.49 4.87
N LEU A 60 -6.84 1.83 3.64
CA LEU A 60 -7.00 0.92 2.51
C LEU A 60 -6.34 -0.42 2.80
N ILE A 61 -5.08 -0.37 3.24
CA ILE A 61 -4.35 -1.59 3.56
C ILE A 61 -5.03 -2.39 4.65
N ASN A 62 -5.06 -1.82 5.86
CA ASN A 62 -5.69 -2.48 7.00
C ASN A 62 -7.12 -2.89 6.66
N PHE A 63 -7.77 -2.11 5.82
CA PHE A 63 -9.14 -2.39 5.42
C PHE A 63 -9.27 -3.81 4.86
N ILE A 64 -8.37 -4.16 3.95
CA ILE A 64 -8.38 -5.48 3.35
C ILE A 64 -7.87 -6.54 4.32
N ARG A 65 -7.09 -6.10 5.31
CA ARG A 65 -6.54 -7.01 6.30
C ARG A 65 -7.63 -7.48 7.27
N LEU A 66 -8.61 -6.62 7.51
CA LEU A 66 -9.72 -6.95 8.41
C LEU A 66 -10.89 -7.54 7.64
N LYS A 67 -11.38 -6.80 6.67
CA LYS A 67 -12.51 -7.24 5.85
C LYS A 67 -12.13 -8.44 5.00
N ASN A 68 -10.97 -8.36 4.35
CA ASN A 68 -10.48 -9.45 3.51
C ASN A 68 -11.43 -9.70 2.33
N PRO A 69 -11.82 -8.61 1.65
CA PRO A 69 -12.73 -8.68 0.50
C PRO A 69 -12.08 -9.34 -0.72
N THR A 70 -12.73 -9.23 -1.86
CA THR A 70 -12.22 -9.82 -3.09
C THR A 70 -11.99 -8.75 -4.16
N VAL A 71 -11.01 -8.97 -5.02
CA VAL A 71 -10.70 -8.03 -6.09
C VAL A 71 -11.96 -7.52 -6.77
N GLU A 72 -12.77 -8.44 -7.26
CA GLU A 72 -14.02 -8.09 -7.94
C GLU A 72 -14.69 -6.90 -7.25
N TYR A 73 -14.57 -6.85 -5.92
CA TYR A 73 -15.17 -5.78 -5.14
C TYR A 73 -14.37 -4.48 -5.30
N MET A 74 -13.07 -4.57 -5.04
CA MET A 74 -12.19 -3.41 -5.15
C MET A 74 -12.38 -2.71 -6.49
N ASN A 75 -12.77 -3.47 -7.50
CA ASN A 75 -12.99 -2.92 -8.83
C ASN A 75 -14.10 -1.87 -8.82
N SER A 76 -15.08 -2.07 -7.94
CA SER A 76 -16.21 -1.14 -7.83
C SER A 76 -16.31 -0.58 -6.41
N ILE A 77 -15.55 0.48 -6.15
CA ILE A 77 -15.56 1.11 -4.84
C ILE A 77 -16.03 2.55 -4.93
N TYR A 78 -16.88 2.95 -3.99
CA TYR A 78 -17.41 4.31 -3.96
C TYR A 78 -17.45 4.85 -2.54
N ASN A 79 -17.83 6.12 -2.40
CA ASN A 79 -17.91 6.75 -1.09
C ASN A 79 -19.33 6.69 -0.54
N PRO A 80 -19.43 6.50 0.79
CA PRO A 80 -18.27 6.36 1.67
C PRO A 80 -17.52 5.05 1.44
N VAL A 81 -16.20 5.13 1.27
CA VAL A 81 -15.38 3.96 1.05
C VAL A 81 -15.50 2.97 2.21
N PRO A 82 -15.31 1.68 1.90
CA PRO A 82 -15.40 0.61 2.90
C PRO A 82 -14.25 0.65 3.89
N TRP A 83 -13.37 1.64 3.74
CA TRP A 83 -12.22 1.78 4.63
C TRP A 83 -12.23 3.15 5.30
N GLU A 84 -13.41 3.75 5.41
CA GLU A 84 -13.55 5.06 6.03
C GLU A 84 -13.84 4.94 7.53
N LYS A 85 -13.13 4.02 8.18
CA LYS A 85 -13.31 3.79 9.61
C LYS A 85 -11.99 3.93 10.35
N ASP A 86 -11.95 4.81 11.35
CA ASP A 86 -10.75 5.04 12.14
C ASP A 86 -10.11 3.71 12.53
N GLU A 87 -10.89 2.83 13.13
CA GLU A 87 -10.40 1.53 13.56
C GLU A 87 -9.36 0.99 12.58
N TYR A 88 -9.64 1.13 11.29
CA TYR A 88 -8.73 0.66 10.26
C TYR A 88 -7.35 1.28 10.43
N LEU A 89 -7.32 2.59 10.65
CA LEU A 89 -6.05 3.31 10.84
C LEU A 89 -5.04 2.45 11.57
N LYS A 90 -5.51 1.69 12.55
CA LYS A 90 -4.64 0.81 13.33
C LYS A 90 -4.09 -0.31 12.47
N PRO A 91 -2.81 -0.66 12.69
CA PRO A 91 -2.14 -1.72 11.94
C PRO A 91 -2.67 -3.10 12.29
N VAL A 92 -3.63 -3.57 11.50
CA VAL A 92 -4.24 -4.89 11.72
C VAL A 92 -3.18 -5.92 12.08
N LEU A 93 -2.01 -5.79 11.47
CA LEU A 93 -0.90 -6.72 11.72
C LEU A 93 0.22 -6.03 12.48
N GLU A 94 1.29 -6.77 12.74
CA GLU A 94 2.44 -6.23 13.46
C GLU A 94 3.55 -5.85 12.50
N ASP A 95 4.21 -4.73 12.78
CA ASP A 95 5.31 -4.25 11.94
C ASP A 95 4.92 -4.31 10.46
N ASP A 96 3.73 -3.81 10.15
CA ASP A 96 3.24 -3.79 8.78
C ASP A 96 4.13 -2.93 7.89
N LEU A 97 4.83 -3.56 6.96
CA LEU A 97 5.71 -2.85 6.04
C LEU A 97 4.92 -1.93 5.13
N LEU A 98 3.87 -2.47 4.50
CA LEU A 98 3.03 -1.69 3.60
C LEU A 98 2.71 -0.32 4.20
N LEU A 99 2.37 -0.31 5.48
CA LEU A 99 2.05 0.94 6.16
C LEU A 99 3.22 1.90 6.14
N GLN A 100 4.43 1.35 6.15
CA GLN A 100 5.65 2.15 6.13
C GLN A 100 5.77 2.92 4.82
N PHE A 101 5.42 2.26 3.72
CA PHE A 101 5.49 2.88 2.40
C PHE A 101 5.07 4.35 2.47
N ASP A 102 5.91 5.22 1.94
CA ASP A 102 5.64 6.65 1.94
C ASP A 102 4.68 7.02 0.81
N VAL A 103 3.39 6.78 1.02
CA VAL A 103 2.38 7.09 0.02
C VAL A 103 2.62 8.45 -0.62
N GLU A 104 3.18 9.37 0.18
CA GLU A 104 3.46 10.72 -0.31
C GLU A 104 4.17 10.67 -1.65
N ASP A 105 5.20 9.84 -1.76
CA ASP A 105 5.96 9.71 -2.98
C ASP A 105 5.03 9.57 -4.18
N LEU A 106 3.88 8.93 -3.97
CA LEU A 106 2.91 8.73 -5.03
C LEU A 106 2.38 10.07 -5.54
N TYR A 107 2.16 11.00 -4.62
CA TYR A 107 1.66 12.32 -4.99
C TYR A 107 2.67 13.08 -5.86
N GLU A 108 2.27 13.36 -7.10
CA GLU A 108 3.14 14.07 -8.03
C GLU A 108 2.77 15.55 -8.08
N PRO A 109 3.78 16.42 -7.94
CA PRO A 109 3.60 17.87 -7.97
C PRO A 109 3.23 18.38 -9.36
N VAL A 110 2.26 19.28 -9.41
CA VAL A 110 1.82 19.84 -10.68
C VAL A 110 2.08 21.34 -10.73
N SER A 111 2.48 21.84 -11.90
CA SER A 111 2.77 23.25 -12.08
C SER A 111 3.98 23.68 -11.25
N THR A 112 5.02 22.83 -11.26
CA THR A 112 6.23 23.12 -10.51
C THR A 112 7.46 23.04 -11.41
N PRO A 113 8.41 23.96 -11.21
CA PRO A 113 9.65 24.01 -11.99
C PRO A 113 10.59 22.84 -11.67
N PHE A 114 10.09 21.90 -10.88
CA PHE A 114 10.88 20.73 -10.50
C PHE A 114 11.39 20.00 -11.74
N SER A 115 12.70 20.11 -11.99
CA SER A 115 13.32 19.47 -13.14
C SER A 115 13.58 17.99 -12.86
N SER A 116 13.16 17.13 -13.77
CA SER A 116 13.37 15.69 -13.62
C SER A 116 14.84 15.36 -13.47
N GLY A 117 15.63 15.74 -14.47
CA GLY A 117 17.06 15.47 -14.43
C GLY A 117 17.75 15.83 -15.72
N PRO A 118 18.23 17.08 -15.81
CA PRO A 118 18.93 17.58 -17.00
C PRO A 118 20.30 16.95 -17.18
N SER A 119 20.66 16.07 -16.25
CA SER A 119 21.95 15.39 -16.30
C SER A 119 21.88 14.13 -17.15
N SER A 120 22.60 14.11 -18.26
CA SER A 120 22.61 12.96 -19.16
C SER A 120 24.03 12.42 -19.34
N GLY A 121 24.13 11.24 -19.93
CA GLY A 121 25.43 10.63 -20.15
C GLY A 121 25.34 9.34 -20.94
ZN ZN B . -1.69 -12.15 -2.87
N GLY A 1 14.51 -47.86 26.44
CA GLY A 1 14.06 -46.48 26.49
C GLY A 1 14.81 -45.59 25.53
N SER A 2 14.25 -45.41 24.33
CA SER A 2 14.89 -44.58 23.32
C SER A 2 14.28 -43.18 23.31
N SER A 3 14.97 -42.23 22.68
CA SER A 3 14.50 -40.86 22.61
C SER A 3 14.95 -40.20 21.30
N GLY A 4 14.05 -39.42 20.71
CA GLY A 4 14.37 -38.74 19.47
C GLY A 4 13.23 -37.89 18.96
N SER A 5 12.85 -36.88 19.73
CA SER A 5 11.75 -36.00 19.36
C SER A 5 12.27 -34.78 18.61
N SER A 6 12.20 -34.82 17.28
CA SER A 6 12.67 -33.73 16.45
C SER A 6 11.82 -32.48 16.66
N GLY A 7 12.46 -31.32 16.74
CA GLY A 7 11.75 -30.08 16.94
C GLY A 7 12.67 -28.88 16.97
N GLU A 8 12.48 -27.96 16.03
CA GLU A 8 13.30 -26.76 15.96
C GLU A 8 12.44 -25.52 15.77
N PRO A 9 12.89 -24.39 16.34
CA PRO A 9 12.18 -23.12 16.25
C PRO A 9 12.21 -22.53 14.84
N ALA A 10 11.62 -21.35 14.68
CA ALA A 10 11.58 -20.68 13.38
C ALA A 10 11.96 -19.21 13.50
N HIS A 11 12.78 -18.74 12.58
CA HIS A 11 13.22 -17.34 12.59
C HIS A 11 12.37 -16.49 11.65
N GLY A 12 12.18 -15.23 12.01
CA GLY A 12 11.38 -14.34 11.20
C GLY A 12 12.06 -13.01 10.95
N ARG A 13 12.10 -12.59 9.69
CA ARG A 13 12.74 -11.33 9.33
C ARG A 13 11.74 -10.40 8.62
N GLN A 14 12.12 -9.14 8.45
CA GLN A 14 11.27 -8.17 7.78
C GLN A 14 10.45 -8.82 6.67
N HIS A 15 9.13 -8.72 6.77
CA HIS A 15 8.24 -9.30 5.78
C HIS A 15 6.80 -8.82 6.00
N THR A 16 6.06 -8.69 4.91
CA THR A 16 4.67 -8.24 4.98
C THR A 16 3.77 -9.13 4.14
N PRO A 17 2.71 -9.67 4.77
CA PRO A 17 1.74 -10.55 4.10
C PRO A 17 0.89 -9.80 3.09
N CYS A 18 0.31 -10.54 2.15
CA CYS A 18 -0.54 -9.95 1.12
C CYS A 18 -1.90 -9.56 1.70
N LEU A 19 -2.63 -8.73 0.95
CA LEU A 19 -3.95 -8.28 1.40
C LEU A 19 -5.02 -9.28 0.99
N PHE A 20 -4.93 -9.79 -0.24
CA PHE A 20 -5.89 -10.74 -0.76
C PHE A 20 -5.54 -12.17 -0.29
N CYS A 21 -4.26 -12.48 -0.29
CA CYS A 21 -3.78 -13.78 0.12
C CYS A 21 -2.87 -13.68 1.35
N ASP A 22 -2.37 -14.83 1.80
CA ASP A 22 -1.49 -14.86 2.95
C ASP A 22 -0.05 -15.08 2.54
N ARG A 23 0.40 -14.32 1.54
CA ARG A 23 1.77 -14.43 1.03
C ARG A 23 2.64 -13.31 1.59
N LEU A 24 3.78 -13.68 2.15
CA LEU A 24 4.71 -12.70 2.72
C LEU A 24 5.69 -12.20 1.66
N PHE A 25 6.14 -10.97 1.82
CA PHE A 25 7.09 -10.38 0.87
C PHE A 25 8.11 -9.50 1.61
N ALA A 26 9.38 -9.75 1.33
CA ALA A 26 10.46 -8.98 1.96
C ALA A 26 10.06 -7.53 2.15
N SER A 27 9.68 -6.87 1.07
CA SER A 27 9.28 -5.47 1.12
C SER A 27 7.88 -5.29 0.55
N ALA A 28 7.34 -4.09 0.71
CA ALA A 28 5.99 -3.79 0.22
C ALA A 28 5.94 -3.89 -1.31
N GLU A 29 6.78 -3.12 -1.99
CA GLU A 29 6.83 -3.12 -3.44
C GLU A 29 6.60 -4.54 -3.99
N GLU A 30 7.27 -5.52 -3.38
CA GLU A 30 7.14 -6.91 -3.80
C GLU A 30 5.67 -7.32 -3.85
N THR A 31 4.99 -7.24 -2.72
CA THR A 31 3.59 -7.61 -2.64
C THR A 31 2.78 -6.95 -3.75
N PHE A 32 2.77 -5.62 -3.77
CA PHE A 32 2.04 -4.88 -4.78
C PHE A 32 2.21 -5.51 -6.16
N SER A 33 3.44 -5.52 -6.65
CA SER A 33 3.74 -6.10 -7.95
C SER A 33 3.12 -7.48 -8.10
N HIS A 34 3.24 -8.29 -7.04
CA HIS A 34 2.68 -9.64 -7.06
C HIS A 34 1.17 -9.60 -7.29
N CYS A 35 0.50 -8.67 -6.63
CA CYS A 35 -0.95 -8.52 -6.77
C CYS A 35 -1.32 -8.04 -8.16
N LYS A 36 -0.46 -7.20 -8.74
CA LYS A 36 -0.70 -6.66 -10.08
C LYS A 36 -0.56 -7.76 -11.13
N LEU A 37 0.16 -8.82 -10.79
CA LEU A 37 0.37 -9.93 -11.71
C LEU A 37 -0.66 -11.04 -11.46
N GLU A 38 -0.86 -11.39 -10.19
CA GLU A 38 -1.79 -12.43 -9.82
C GLU A 38 -3.20 -11.86 -9.67
N HIS A 39 -3.40 -11.04 -8.64
CA HIS A 39 -4.69 -10.43 -8.38
C HIS A 39 -4.95 -9.28 -9.35
N GLN A 40 -4.06 -9.11 -10.32
CA GLN A 40 -4.20 -8.06 -11.31
C GLN A 40 -4.81 -6.81 -10.69
N PHE A 41 -4.48 -6.56 -9.43
CA PHE A 41 -5.01 -5.39 -8.72
C PHE A 41 -3.90 -4.39 -8.42
N ASN A 42 -4.09 -3.15 -8.86
CA ASN A 42 -3.11 -2.11 -8.64
C ASN A 42 -3.46 -1.28 -7.40
N ILE A 43 -2.45 -0.99 -6.59
CA ILE A 43 -2.65 -0.20 -5.38
C ILE A 43 -2.53 1.28 -5.66
N ASP A 44 -1.63 1.63 -6.58
CA ASP A 44 -1.42 3.02 -6.95
C ASP A 44 -2.70 3.66 -7.46
N SER A 45 -3.42 2.94 -8.32
CA SER A 45 -4.67 3.43 -8.88
C SER A 45 -5.62 3.90 -7.78
N MET A 46 -5.64 3.17 -6.68
CA MET A 46 -6.50 3.50 -5.55
C MET A 46 -6.12 4.86 -4.97
N VAL A 47 -4.86 4.99 -4.56
CA VAL A 47 -4.36 6.23 -3.98
C VAL A 47 -4.88 7.44 -4.76
N HIS A 48 -4.90 7.32 -6.08
CA HIS A 48 -5.37 8.40 -6.94
C HIS A 48 -6.89 8.38 -7.07
N LYS A 49 -7.45 7.17 -7.11
CA LYS A 49 -8.90 7.01 -7.24
C LYS A 49 -9.62 7.65 -6.05
N HIS A 50 -9.48 7.03 -4.88
CA HIS A 50 -10.11 7.55 -3.67
C HIS A 50 -9.21 8.55 -2.96
N GLY A 51 -8.31 9.17 -3.72
CA GLY A 51 -7.40 10.14 -3.14
C GLY A 51 -6.99 9.78 -1.73
N LEU A 52 -6.41 8.59 -1.56
CA LEU A 52 -5.97 8.13 -0.25
C LEU A 52 -4.79 8.96 0.24
N GLU A 53 -5.04 9.80 1.24
CA GLU A 53 -4.01 10.64 1.82
C GLU A 53 -3.10 9.84 2.75
N PHE A 54 -2.10 10.51 3.32
CA PHE A 54 -1.16 9.85 4.23
C PHE A 54 -1.88 8.79 5.06
N TYR A 55 -2.98 9.18 5.69
CA TYR A 55 -3.74 8.26 6.52
C TYR A 55 -4.69 7.42 5.67
N GLY A 56 -5.43 8.08 4.79
CA GLY A 56 -6.36 7.37 3.94
C GLY A 56 -5.82 6.04 3.46
N TYR A 57 -4.66 6.07 2.82
CA TYR A 57 -4.03 4.85 2.30
C TYR A 57 -3.94 3.80 3.40
N ILE A 58 -3.42 4.19 4.55
CA ILE A 58 -3.28 3.27 5.68
C ILE A 58 -4.56 2.47 5.91
N LYS A 59 -5.70 3.15 5.79
CA LYS A 59 -6.99 2.50 5.99
C LYS A 59 -7.25 1.47 4.88
N LEU A 60 -6.82 1.79 3.67
CA LEU A 60 -7.00 0.89 2.54
C LEU A 60 -6.34 -0.45 2.80
N ILE A 61 -5.09 -0.42 3.26
CA ILE A 61 -4.34 -1.64 3.55
C ILE A 61 -5.03 -2.45 4.63
N ASN A 62 -5.05 -1.91 5.85
CA ASN A 62 -5.67 -2.60 6.97
C ASN A 62 -7.09 -3.06 6.61
N PHE A 63 -7.81 -2.22 5.87
CA PHE A 63 -9.17 -2.54 5.47
C PHE A 63 -9.26 -3.97 4.95
N ILE A 64 -8.47 -4.28 3.92
CA ILE A 64 -8.47 -5.61 3.34
C ILE A 64 -8.02 -6.66 4.36
N ARG A 65 -7.20 -6.23 5.30
CA ARG A 65 -6.69 -7.13 6.34
C ARG A 65 -7.82 -7.57 7.27
N LEU A 66 -8.74 -6.66 7.54
CA LEU A 66 -9.87 -6.94 8.42
C LEU A 66 -11.02 -7.57 7.63
N LYS A 67 -11.45 -6.89 6.58
CA LYS A 67 -12.54 -7.39 5.75
C LYS A 67 -12.09 -8.58 4.91
N ASN A 68 -11.03 -8.38 4.12
CA ASN A 68 -10.50 -9.44 3.28
C ASN A 68 -11.43 -9.70 2.09
N PRO A 69 -11.82 -8.62 1.39
CA PRO A 69 -12.71 -8.72 0.23
C PRO A 69 -12.03 -9.38 -0.97
N THR A 70 -12.66 -9.26 -2.13
CA THR A 70 -12.11 -9.85 -3.36
C THR A 70 -11.87 -8.78 -4.41
N VAL A 71 -10.85 -8.99 -5.24
CA VAL A 71 -10.51 -8.06 -6.30
C VAL A 71 -11.76 -7.46 -6.93
N GLU A 72 -12.56 -8.32 -7.56
CA GLU A 72 -13.79 -7.88 -8.21
C GLU A 72 -14.43 -6.72 -7.44
N TYR A 73 -14.47 -6.84 -6.11
CA TYR A 73 -15.05 -5.81 -5.27
C TYR A 73 -14.16 -4.58 -5.23
N MET A 74 -12.89 -4.78 -4.88
CA MET A 74 -11.93 -3.69 -4.79
C MET A 74 -12.07 -2.75 -5.98
N ASN A 75 -12.41 -3.32 -7.14
CA ASN A 75 -12.57 -2.53 -8.36
C ASN A 75 -13.88 -1.75 -8.33
N SER A 76 -14.89 -2.33 -7.68
CA SER A 76 -16.20 -1.69 -7.59
C SER A 76 -16.41 -1.09 -6.20
N ILE A 77 -15.84 0.10 -5.99
CA ILE A 77 -15.96 0.78 -4.70
C ILE A 77 -16.57 2.17 -4.88
N TYR A 78 -17.17 2.67 -3.81
CA TYR A 78 -17.82 3.99 -3.84
C TYR A 78 -17.61 4.72 -2.52
N ASN A 79 -17.96 6.00 -2.50
CA ASN A 79 -17.81 6.82 -1.30
C ASN A 79 -19.15 6.96 -0.58
N PRO A 80 -19.11 6.93 0.75
CA PRO A 80 -17.86 6.77 1.50
C PRO A 80 -17.27 5.38 1.36
N VAL A 81 -15.95 5.31 1.28
CA VAL A 81 -15.26 4.03 1.15
C VAL A 81 -15.50 3.14 2.37
N PRO A 82 -15.45 1.81 2.15
CA PRO A 82 -15.65 0.84 3.22
C PRO A 82 -14.51 0.82 4.22
N TRP A 83 -13.53 1.71 4.02
CA TRP A 83 -12.38 1.79 4.90
C TRP A 83 -12.27 3.19 5.51
N GLU A 84 -13.35 3.94 5.47
CA GLU A 84 -13.38 5.29 6.02
C GLU A 84 -13.68 5.27 7.51
N LYS A 85 -13.20 4.23 8.19
CA LYS A 85 -13.42 4.09 9.63
C LYS A 85 -12.14 4.38 10.41
N ASP A 86 -12.28 5.00 11.58
CA ASP A 86 -11.14 5.32 12.41
C ASP A 86 -10.45 4.05 12.91
N GLU A 87 -11.25 3.04 13.24
CA GLU A 87 -10.72 1.78 13.73
C GLU A 87 -9.67 1.21 12.76
N TYR A 88 -9.94 1.36 11.48
CA TYR A 88 -9.02 0.87 10.45
C TYR A 88 -7.62 1.48 10.62
N LEU A 89 -7.59 2.75 10.99
CA LEU A 89 -6.32 3.45 11.20
C LEU A 89 -5.31 2.55 11.90
N LYS A 90 -5.79 1.78 12.87
CA LYS A 90 -4.93 0.88 13.63
C LYS A 90 -4.44 -0.26 12.74
N PRO A 91 -3.15 -0.62 12.89
CA PRO A 91 -2.53 -1.69 12.12
C PRO A 91 -3.07 -3.07 12.51
N VAL A 92 -3.82 -3.68 11.59
CA VAL A 92 -4.39 -5.00 11.83
C VAL A 92 -3.31 -6.02 12.17
N LEU A 93 -2.13 -5.83 11.59
CA LEU A 93 -1.01 -6.73 11.83
C LEU A 93 0.12 -6.01 12.55
N GLU A 94 1.25 -6.71 12.73
CA GLU A 94 2.40 -6.13 13.41
C GLU A 94 3.54 -5.87 12.43
N ASP A 95 4.31 -4.82 12.67
CA ASP A 95 5.43 -4.46 11.81
C ASP A 95 4.99 -4.42 10.35
N ASP A 96 3.85 -3.78 10.09
CA ASP A 96 3.33 -3.67 8.73
C ASP A 96 4.27 -2.83 7.87
N LEU A 97 4.77 -3.44 6.79
CA LEU A 97 5.67 -2.75 5.88
C LEU A 97 4.89 -1.93 4.85
N LEU A 98 3.67 -2.36 4.57
CA LEU A 98 2.82 -1.67 3.60
C LEU A 98 2.36 -0.32 4.15
N LEU A 99 2.23 -0.23 5.47
CA LEU A 99 1.80 1.00 6.12
C LEU A 99 2.94 2.01 6.16
N GLN A 100 4.14 1.53 6.48
CA GLN A 100 5.31 2.39 6.55
C GLN A 100 5.79 2.80 5.15
N PHE A 101 5.22 2.15 4.14
CA PHE A 101 5.59 2.45 2.75
C PHE A 101 5.47 3.94 2.47
N ASP A 102 6.42 4.46 1.69
CA ASP A 102 6.42 5.87 1.33
C ASP A 102 5.40 6.16 0.23
N VAL A 103 4.14 6.33 0.64
CA VAL A 103 3.07 6.61 -0.31
C VAL A 103 3.28 7.96 -0.99
N GLU A 104 3.95 8.87 -0.30
CA GLU A 104 4.22 10.19 -0.84
C GLU A 104 4.78 10.10 -2.26
N ASP A 105 5.71 9.18 -2.46
CA ASP A 105 6.32 8.99 -3.77
C ASP A 105 5.26 8.89 -4.86
N LEU A 106 4.10 8.35 -4.49
CA LEU A 106 3.00 8.19 -5.45
C LEU A 106 2.50 9.55 -5.91
N TYR A 107 2.42 10.51 -4.99
CA TYR A 107 1.94 11.84 -5.31
C TYR A 107 2.92 12.56 -6.24
N GLU A 108 2.47 12.85 -7.46
CA GLU A 108 3.30 13.53 -8.44
C GLU A 108 2.75 14.92 -8.75
N PRO A 109 3.04 15.88 -7.84
CA PRO A 109 2.58 17.26 -8.00
C PRO A 109 3.29 17.99 -9.14
N VAL A 110 2.71 19.09 -9.58
CA VAL A 110 3.29 19.88 -10.67
C VAL A 110 3.93 21.16 -10.14
N SER A 111 5.12 21.02 -9.57
CA SER A 111 5.84 22.16 -9.02
C SER A 111 7.23 21.75 -8.54
N THR A 112 8.17 22.69 -8.62
CA THR A 112 9.55 22.42 -8.20
C THR A 112 9.89 23.22 -6.95
N PRO A 113 10.01 22.51 -5.81
CA PRO A 113 10.34 23.14 -4.52
C PRO A 113 11.78 23.63 -4.48
N PHE A 114 12.71 22.77 -4.86
CA PHE A 114 14.12 23.11 -4.86
C PHE A 114 14.89 22.31 -5.92
N SER A 115 15.96 22.89 -6.43
CA SER A 115 16.77 22.23 -7.45
C SER A 115 17.83 21.34 -6.82
N SER A 116 17.42 20.13 -6.44
CA SER A 116 18.33 19.18 -5.81
C SER A 116 18.05 17.76 -6.31
N GLY A 117 19.00 16.86 -6.07
CA GLY A 117 18.84 15.48 -6.50
C GLY A 117 20.11 14.68 -6.35
N PRO A 118 20.44 14.30 -5.11
CA PRO A 118 21.64 13.52 -4.81
C PRO A 118 21.55 12.08 -5.33
N SER A 119 22.68 11.54 -5.74
CA SER A 119 22.73 10.18 -6.26
C SER A 119 23.75 9.33 -5.50
N SER A 120 23.32 8.18 -5.02
CA SER A 120 24.19 7.28 -4.28
C SER A 120 24.47 6.01 -5.06
N GLY A 121 25.52 6.04 -5.87
CA GLY A 121 25.88 4.88 -6.67
C GLY A 121 27.38 4.64 -6.71
ZN ZN B . -1.58 -11.97 -3.00
N GLY A 1 7.41 -33.63 38.78
CA GLY A 1 6.72 -32.79 37.82
C GLY A 1 7.25 -32.97 36.41
N SER A 2 6.36 -32.95 35.42
CA SER A 2 6.75 -33.10 34.03
C SER A 2 7.54 -31.89 33.54
N SER A 3 8.47 -32.12 32.63
CA SER A 3 9.28 -31.05 32.09
C SER A 3 8.57 -30.35 30.93
N GLY A 4 7.69 -31.08 30.26
CA GLY A 4 6.94 -30.51 29.15
C GLY A 4 7.86 -29.98 28.06
N SER A 5 7.31 -29.85 26.86
CA SER A 5 8.08 -29.35 25.72
C SER A 5 8.09 -27.83 25.70
N SER A 6 9.28 -27.24 25.64
CA SER A 6 9.43 -25.79 25.61
C SER A 6 9.41 -25.27 24.18
N GLY A 7 8.77 -24.13 23.99
CA GLY A 7 8.70 -23.53 22.66
C GLY A 7 8.75 -22.02 22.69
N GLU A 8 9.30 -21.43 21.64
CA GLU A 8 9.41 -19.97 21.55
C GLU A 8 9.41 -19.51 20.10
N PRO A 9 8.42 -18.66 19.75
CA PRO A 9 8.29 -18.13 18.40
C PRO A 9 9.40 -17.14 18.05
N ALA A 10 10.34 -17.59 17.23
CA ALA A 10 11.46 -16.75 16.81
C ALA A 10 10.98 -15.34 16.44
N HIS A 11 11.89 -14.39 16.47
CA HIS A 11 11.56 -13.00 16.14
C HIS A 11 11.10 -12.89 14.68
N GLY A 12 11.77 -13.61 13.80
CA GLY A 12 11.42 -13.58 12.39
C GLY A 12 12.14 -12.48 11.64
N ARG A 13 12.06 -12.51 10.31
CA ARG A 13 12.70 -11.51 9.48
C ARG A 13 11.68 -10.56 8.87
N GLN A 14 12.09 -9.32 8.62
CA GLN A 14 11.20 -8.31 8.04
C GLN A 14 10.42 -8.89 6.87
N HIS A 15 9.10 -8.92 6.99
CA HIS A 15 8.24 -9.45 5.94
C HIS A 15 6.80 -8.98 6.13
N THR A 16 6.12 -8.72 5.01
CA THR A 16 4.74 -8.26 5.05
C THR A 16 3.84 -9.16 4.22
N PRO A 17 2.78 -9.70 4.86
CA PRO A 17 1.82 -10.58 4.20
C PRO A 17 0.95 -9.85 3.18
N CYS A 18 0.40 -10.59 2.23
CA CYS A 18 -0.44 -10.01 1.20
C CYS A 18 -1.82 -9.65 1.77
N LEU A 19 -2.48 -8.70 1.11
CA LEU A 19 -3.80 -8.26 1.55
C LEU A 19 -4.87 -9.27 1.15
N PHE A 20 -4.80 -9.75 -0.08
CA PHE A 20 -5.75 -10.73 -0.58
C PHE A 20 -5.40 -12.14 -0.11
N CYS A 21 -4.13 -12.50 -0.27
CA CYS A 21 -3.66 -13.83 0.15
C CYS A 21 -2.75 -13.72 1.37
N ASP A 22 -2.21 -14.86 1.79
CA ASP A 22 -1.32 -14.90 2.94
C ASP A 22 0.13 -15.10 2.51
N ARG A 23 0.55 -14.36 1.49
CA ARG A 23 1.91 -14.46 0.97
C ARG A 23 2.80 -13.38 1.58
N LEU A 24 3.88 -13.82 2.22
CA LEU A 24 4.82 -12.88 2.85
C LEU A 24 5.84 -12.37 1.84
N PHE A 25 6.19 -11.09 1.96
CA PHE A 25 7.17 -10.48 1.06
C PHE A 25 8.17 -9.64 1.84
N ALA A 26 9.45 -9.76 1.47
CA ALA A 26 10.50 -9.01 2.13
C ALA A 26 10.11 -7.54 2.30
N SER A 27 9.70 -6.91 1.20
CA SER A 27 9.30 -5.51 1.23
C SER A 27 7.88 -5.34 0.72
N ALA A 28 7.40 -4.10 0.69
CA ALA A 28 6.06 -3.80 0.22
C ALA A 28 5.96 -3.92 -1.29
N GLU A 29 6.85 -3.23 -2.00
CA GLU A 29 6.86 -3.26 -3.45
C GLU A 29 6.69 -4.69 -3.97
N GLU A 30 7.41 -5.63 -3.35
CA GLU A 30 7.33 -7.03 -3.74
C GLU A 30 5.89 -7.51 -3.78
N THR A 31 5.12 -7.15 -2.76
CA THR A 31 3.72 -7.53 -2.67
C THR A 31 2.90 -6.88 -3.77
N PHE A 32 2.91 -5.55 -3.80
CA PHE A 32 2.16 -4.80 -4.81
C PHE A 32 2.35 -5.41 -6.19
N SER A 33 3.59 -5.58 -6.59
CA SER A 33 3.91 -6.15 -7.89
C SER A 33 3.33 -7.56 -8.03
N HIS A 34 3.29 -8.29 -6.92
CA HIS A 34 2.75 -9.63 -6.92
C HIS A 34 1.24 -9.62 -7.15
N CYS A 35 0.56 -8.65 -6.54
CA CYS A 35 -0.89 -8.53 -6.68
C CYS A 35 -1.25 -8.02 -8.08
N LYS A 36 -0.33 -7.30 -8.70
CA LYS A 36 -0.54 -6.75 -10.03
C LYS A 36 -0.42 -7.83 -11.10
N LEU A 37 0.19 -8.95 -10.72
CA LEU A 37 0.38 -10.07 -11.65
C LEU A 37 -0.70 -11.13 -11.46
N GLU A 38 -0.99 -11.44 -10.20
CA GLU A 38 -2.00 -12.44 -9.88
C GLU A 38 -3.36 -11.78 -9.64
N HIS A 39 -3.44 -10.94 -8.62
CA HIS A 39 -4.68 -10.24 -8.29
C HIS A 39 -4.92 -9.08 -9.25
N GLN A 40 -4.03 -8.94 -10.23
CA GLN A 40 -4.16 -7.88 -11.21
C GLN A 40 -4.74 -6.61 -10.58
N PHE A 41 -4.43 -6.40 -9.31
CA PHE A 41 -4.93 -5.23 -8.58
C PHE A 41 -3.78 -4.28 -8.26
N ASN A 42 -3.93 -3.02 -8.68
CA ASN A 42 -2.90 -2.01 -8.43
C ASN A 42 -3.24 -1.19 -7.19
N ILE A 43 -2.22 -0.89 -6.39
CA ILE A 43 -2.40 -0.11 -5.18
C ILE A 43 -2.39 1.38 -5.47
N ASP A 44 -1.57 1.78 -6.45
CA ASP A 44 -1.46 3.19 -6.82
C ASP A 44 -2.81 3.72 -7.31
N SER A 45 -3.42 3.00 -8.25
CA SER A 45 -4.71 3.41 -8.80
C SER A 45 -5.69 3.79 -7.69
N MET A 46 -5.68 3.00 -6.62
CA MET A 46 -6.57 3.25 -5.49
C MET A 46 -6.24 4.59 -4.83
N VAL A 47 -4.96 4.85 -4.63
CA VAL A 47 -4.52 6.10 -4.02
C VAL A 47 -5.03 7.30 -4.79
N HIS A 48 -4.90 7.25 -6.11
CA HIS A 48 -5.35 8.34 -6.98
C HIS A 48 -6.87 8.39 -7.04
N LYS A 49 -7.49 7.22 -7.21
CA LYS A 49 -8.95 7.13 -7.28
C LYS A 49 -9.60 7.90 -6.14
N HIS A 50 -9.47 7.37 -4.93
CA HIS A 50 -10.04 8.02 -3.75
C HIS A 50 -9.05 9.00 -3.12
N GLY A 51 -8.10 9.46 -3.92
CA GLY A 51 -7.10 10.40 -3.43
C GLY A 51 -6.65 10.07 -2.03
N LEU A 52 -6.43 8.78 -1.77
CA LEU A 52 -5.98 8.33 -0.45
C LEU A 52 -4.81 9.18 0.05
N GLU A 53 -5.00 9.82 1.20
CA GLU A 53 -3.95 10.66 1.77
C GLU A 53 -3.07 9.85 2.71
N PHE A 54 -2.08 10.52 3.32
CA PHE A 54 -1.17 9.86 4.25
C PHE A 54 -1.89 8.79 5.05
N TYR A 55 -2.96 9.18 5.72
CA TYR A 55 -3.74 8.26 6.54
C TYR A 55 -4.70 7.44 5.67
N GLY A 56 -5.40 8.11 4.77
CA GLY A 56 -6.33 7.43 3.90
C GLY A 56 -5.81 6.08 3.43
N TYR A 57 -4.61 6.07 2.86
CA TYR A 57 -4.00 4.85 2.37
C TYR A 57 -3.89 3.81 3.47
N ILE A 58 -3.47 4.26 4.66
CA ILE A 58 -3.33 3.37 5.81
C ILE A 58 -4.60 2.54 6.01
N LYS A 59 -5.75 3.20 5.94
CA LYS A 59 -7.02 2.52 6.12
C LYS A 59 -7.27 1.52 5.00
N LEU A 60 -6.80 1.83 3.80
CA LEU A 60 -6.96 0.95 2.66
C LEU A 60 -6.28 -0.40 2.89
N ILE A 61 -5.02 -0.35 3.33
CA ILE A 61 -4.27 -1.56 3.59
C ILE A 61 -4.97 -2.43 4.63
N ASN A 62 -5.03 -1.94 5.87
CA ASN A 62 -5.67 -2.66 6.95
C ASN A 62 -7.09 -3.08 6.56
N PHE A 63 -7.79 -2.19 5.88
CA PHE A 63 -9.16 -2.48 5.45
C PHE A 63 -9.25 -3.84 4.77
N ILE A 64 -8.31 -4.11 3.86
CA ILE A 64 -8.28 -5.38 3.15
C ILE A 64 -7.86 -6.52 4.08
N ARG A 65 -7.14 -6.17 5.14
CA ARG A 65 -6.67 -7.16 6.10
C ARG A 65 -7.82 -7.68 6.97
N LEU A 66 -8.74 -6.78 7.30
CA LEU A 66 -9.89 -7.15 8.12
C LEU A 66 -11.02 -7.72 7.27
N LYS A 67 -11.49 -6.92 6.31
CA LYS A 67 -12.57 -7.34 5.42
C LYS A 67 -12.13 -8.54 4.58
N ASN A 68 -10.91 -8.49 4.07
CA ASN A 68 -10.38 -9.57 3.25
C ASN A 68 -11.19 -9.74 1.98
N PRO A 69 -11.52 -8.61 1.31
CA PRO A 69 -12.31 -8.62 0.08
C PRO A 69 -11.53 -9.20 -1.10
N THR A 70 -12.19 -9.29 -2.25
CA THR A 70 -11.56 -9.82 -3.45
C THR A 70 -11.25 -8.72 -4.45
N VAL A 71 -10.77 -9.11 -5.63
CA VAL A 71 -10.43 -8.16 -6.67
C VAL A 71 -11.68 -7.67 -7.40
N GLU A 72 -12.80 -8.35 -7.18
CA GLU A 72 -14.05 -7.99 -7.81
C GLU A 72 -14.73 -6.85 -7.06
N TYR A 73 -14.74 -6.96 -5.73
CA TYR A 73 -15.36 -5.93 -4.89
C TYR A 73 -14.53 -4.66 -4.89
N MET A 74 -13.23 -4.80 -4.69
CA MET A 74 -12.33 -3.65 -4.66
C MET A 74 -12.52 -2.78 -5.89
N ASN A 75 -12.68 -3.42 -7.05
CA ASN A 75 -12.88 -2.71 -8.30
C ASN A 75 -14.19 -1.95 -8.29
N SER A 76 -15.14 -2.42 -7.50
CA SER A 76 -16.45 -1.79 -7.41
C SER A 76 -16.65 -1.14 -6.04
N ILE A 77 -16.09 0.05 -5.86
CA ILE A 77 -16.20 0.76 -4.60
C ILE A 77 -16.41 2.25 -4.83
N TYR A 78 -17.10 2.90 -3.91
CA TYR A 78 -17.37 4.33 -4.01
C TYR A 78 -17.38 4.99 -2.64
N ASN A 79 -17.52 6.31 -2.62
CA ASN A 79 -17.55 7.05 -1.37
C ASN A 79 -18.97 7.19 -0.84
N PRO A 80 -19.11 7.15 0.49
CA PRO A 80 -17.98 7.01 1.41
C PRO A 80 -17.37 5.61 1.35
N VAL A 81 -16.05 5.57 1.17
CA VAL A 81 -15.33 4.29 1.10
C VAL A 81 -15.58 3.45 2.34
N PRO A 82 -15.57 2.12 2.17
CA PRO A 82 -15.78 1.19 3.28
C PRO A 82 -14.62 1.17 4.25
N TRP A 83 -13.61 1.98 3.99
CA TRP A 83 -12.43 2.06 4.85
C TRP A 83 -12.25 3.47 5.40
N GLU A 84 -13.36 4.19 5.54
CA GLU A 84 -13.33 5.55 6.06
C GLU A 84 -13.56 5.55 7.57
N LYS A 85 -13.30 4.43 8.21
CA LYS A 85 -13.48 4.29 9.65
C LYS A 85 -12.20 4.70 10.40
N ASP A 86 -12.29 4.75 11.71
CA ASP A 86 -11.15 5.11 12.54
C ASP A 86 -10.45 3.87 13.10
N GLU A 87 -11.22 2.78 13.23
CA GLU A 87 -10.67 1.53 13.74
C GLU A 87 -9.63 0.96 12.79
N TYR A 88 -9.84 1.17 11.50
CA TYR A 88 -8.91 0.66 10.49
C TYR A 88 -7.54 1.32 10.62
N LEU A 89 -7.55 2.60 10.97
CA LEU A 89 -6.30 3.35 11.13
C LEU A 89 -5.23 2.50 11.80
N LYS A 90 -5.66 1.65 12.73
CA LYS A 90 -4.74 0.78 13.44
C LYS A 90 -4.28 -0.38 12.56
N PRO A 91 -3.01 -0.78 12.72
CA PRO A 91 -2.42 -1.88 11.94
C PRO A 91 -3.01 -3.23 12.32
N VAL A 92 -3.87 -3.77 11.46
CA VAL A 92 -4.49 -5.06 11.71
C VAL A 92 -3.46 -6.11 12.11
N LEU A 93 -2.27 -5.99 11.54
CA LEU A 93 -1.18 -6.92 11.84
C LEU A 93 -0.03 -6.21 12.55
N GLU A 94 1.05 -6.94 12.77
CA GLU A 94 2.22 -6.38 13.45
C GLU A 94 3.38 -6.20 12.47
N ASP A 95 4.09 -5.09 12.61
CA ASP A 95 5.22 -4.79 11.75
C ASP A 95 4.78 -4.73 10.28
N ASP A 96 3.68 -4.02 10.02
CA ASP A 96 3.16 -3.90 8.67
C ASP A 96 4.00 -2.91 7.85
N LEU A 97 4.79 -3.43 6.93
CA LEU A 97 5.64 -2.60 6.09
C LEU A 97 4.80 -1.73 5.15
N LEU A 98 3.71 -2.31 4.65
CA LEU A 98 2.82 -1.58 3.74
C LEU A 98 2.37 -0.26 4.36
N LEU A 99 2.14 -0.27 5.67
CA LEU A 99 1.72 0.92 6.38
C LEU A 99 2.84 1.95 6.46
N GLN A 100 4.07 1.47 6.34
CA GLN A 100 5.24 2.34 6.40
C GLN A 100 5.88 2.48 5.02
N PHE A 101 5.10 2.21 3.99
CA PHE A 101 5.59 2.30 2.61
C PHE A 101 5.62 3.76 2.14
N ASP A 102 6.42 4.02 1.12
CA ASP A 102 6.54 5.37 0.58
C ASP A 102 5.39 5.68 -0.37
N VAL A 103 4.25 6.10 0.19
CA VAL A 103 3.08 6.41 -0.61
C VAL A 103 3.18 7.82 -1.19
N GLU A 104 3.92 8.69 -0.51
CA GLU A 104 4.09 10.07 -0.96
C GLU A 104 4.42 10.12 -2.45
N ASP A 105 5.36 9.27 -2.87
CA ASP A 105 5.77 9.21 -4.27
C ASP A 105 4.56 9.16 -5.19
N LEU A 106 3.49 8.53 -4.72
CA LEU A 106 2.27 8.42 -5.50
C LEU A 106 1.65 9.79 -5.75
N TYR A 107 1.75 10.67 -4.77
CA TYR A 107 1.20 12.01 -4.88
C TYR A 107 1.97 12.83 -5.91
N GLU A 108 1.29 13.20 -6.99
CA GLU A 108 1.91 13.98 -8.05
C GLU A 108 1.89 15.47 -7.71
N PRO A 109 3.07 16.09 -7.68
CA PRO A 109 3.23 17.52 -7.37
C PRO A 109 2.68 18.40 -8.47
N VAL A 110 1.41 18.78 -8.35
CA VAL A 110 0.78 19.64 -9.34
C VAL A 110 0.37 20.98 -8.73
N SER A 111 1.29 21.93 -8.75
CA SER A 111 1.03 23.25 -8.19
C SER A 111 2.15 24.23 -8.55
N THR A 112 1.84 25.51 -8.56
CA THR A 112 2.81 26.54 -8.89
C THR A 112 3.90 26.64 -7.82
N PRO A 113 5.14 26.87 -8.25
CA PRO A 113 6.29 26.99 -7.34
C PRO A 113 6.23 28.27 -6.50
N PHE A 114 5.28 29.14 -6.84
CA PHE A 114 5.13 30.41 -6.11
C PHE A 114 4.39 30.19 -4.80
N SER A 115 4.90 30.78 -3.73
CA SER A 115 4.29 30.66 -2.41
C SER A 115 2.86 31.17 -2.43
N SER A 116 1.93 30.33 -2.00
CA SER A 116 0.51 30.69 -1.97
C SER A 116 -0.09 30.39 -0.60
N GLY A 117 -0.17 31.42 0.24
CA GLY A 117 -0.75 31.24 1.57
C GLY A 117 -0.26 32.30 2.55
N PRO A 118 -0.62 33.56 2.29
CA PRO A 118 -0.23 34.69 3.14
C PRO A 118 -0.93 34.66 4.50
N SER A 119 -0.18 34.32 5.54
CA SER A 119 -0.73 34.25 6.89
C SER A 119 0.38 34.08 7.93
N SER A 120 0.11 34.52 9.15
CA SER A 120 1.09 34.42 10.23
C SER A 120 0.46 34.80 11.57
N GLY A 121 1.16 34.49 12.65
CA GLY A 121 0.65 34.80 13.97
C GLY A 121 1.76 35.14 14.95
ZN ZN B . -1.46 -12.05 -2.94
N GLY A 1 19.42 -10.93 -14.07
CA GLY A 1 20.81 -11.35 -14.01
C GLY A 1 21.32 -11.47 -12.58
N SER A 2 21.04 -12.60 -11.95
CA SER A 2 21.47 -12.84 -10.58
C SER A 2 22.07 -14.24 -10.43
N SER A 3 23.12 -14.34 -9.62
CA SER A 3 23.78 -15.62 -9.40
C SER A 3 22.77 -16.70 -9.04
N GLY A 4 23.05 -17.94 -9.45
CA GLY A 4 22.16 -19.04 -9.16
C GLY A 4 22.25 -19.50 -7.72
N SER A 5 21.47 -18.87 -6.84
CA SER A 5 21.47 -19.22 -5.43
C SER A 5 20.07 -19.57 -4.95
N SER A 6 19.88 -20.84 -4.58
CA SER A 6 18.59 -21.31 -4.11
C SER A 6 18.00 -20.35 -3.08
N GLY A 7 16.71 -20.52 -2.79
CA GLY A 7 16.05 -19.66 -1.83
C GLY A 7 15.44 -20.44 -0.68
N GLU A 8 15.85 -20.11 0.54
CA GLU A 8 15.33 -20.80 1.72
C GLU A 8 14.69 -19.81 2.69
N PRO A 9 13.55 -20.19 3.26
CA PRO A 9 12.81 -19.35 4.21
C PRO A 9 13.54 -19.21 5.55
N ALA A 10 13.99 -17.99 5.84
CA ALA A 10 14.69 -17.71 7.07
C ALA A 10 13.84 -16.86 8.02
N HIS A 11 13.64 -17.36 9.23
CA HIS A 11 12.84 -16.65 10.23
C HIS A 11 13.70 -15.63 10.98
N GLY A 12 13.45 -14.36 10.72
CA GLY A 12 14.21 -13.31 11.38
C GLY A 12 14.37 -12.08 10.49
N ARG A 13 13.37 -11.79 9.68
CA ARG A 13 13.41 -10.64 8.78
C ARG A 13 12.07 -9.90 8.78
N GLN A 14 12.09 -8.68 8.27
CA GLN A 14 10.88 -7.87 8.21
C GLN A 14 10.12 -8.12 6.92
N HIS A 15 9.16 -9.04 6.98
CA HIS A 15 8.35 -9.38 5.80
C HIS A 15 6.90 -8.96 6.01
N THR A 16 6.23 -8.61 4.91
CA THR A 16 4.83 -8.19 4.97
C THR A 16 3.95 -9.10 4.13
N PRO A 17 2.89 -9.64 4.76
CA PRO A 17 1.94 -10.53 4.08
C PRO A 17 1.10 -9.81 3.04
N CYS A 18 0.33 -10.58 2.27
CA CYS A 18 -0.53 -10.02 1.24
C CYS A 18 -1.88 -9.62 1.81
N LEU A 19 -2.57 -8.71 1.12
CA LEU A 19 -3.88 -8.25 1.55
C LEU A 19 -4.97 -9.25 1.18
N PHE A 20 -4.86 -9.79 -0.04
CA PHE A 20 -5.84 -10.76 -0.53
C PHE A 20 -5.49 -12.16 -0.04
N CYS A 21 -4.22 -12.53 -0.14
CA CYS A 21 -3.77 -13.84 0.29
C CYS A 21 -2.83 -13.72 1.49
N ASP A 22 -2.28 -14.86 1.91
CA ASP A 22 -1.36 -14.88 3.04
C ASP A 22 0.07 -15.12 2.59
N ARG A 23 0.47 -14.41 1.52
CA ARG A 23 1.81 -14.53 0.99
C ARG A 23 2.75 -13.51 1.60
N LEU A 24 3.80 -13.99 2.27
CA LEU A 24 4.77 -13.12 2.91
C LEU A 24 5.81 -12.62 1.90
N PHE A 25 6.18 -11.36 2.02
CA PHE A 25 7.16 -10.76 1.13
C PHE A 25 8.26 -10.05 1.91
N ALA A 26 9.31 -9.62 1.21
CA ALA A 26 10.42 -8.93 1.84
C ALA A 26 10.14 -7.44 1.96
N SER A 27 9.73 -6.83 0.84
CA SER A 27 9.45 -5.40 0.82
C SER A 27 7.99 -5.15 0.40
N ALA A 28 7.45 -4.02 0.81
CA ALA A 28 6.08 -3.65 0.47
C ALA A 28 5.87 -3.60 -1.03
N GLU A 29 6.95 -3.26 -1.75
CA GLU A 29 6.89 -3.16 -3.21
C GLU A 29 6.74 -4.55 -3.84
N GLU A 30 7.54 -5.50 -3.36
CA GLU A 30 7.49 -6.86 -3.89
C GLU A 30 6.05 -7.39 -3.89
N THR A 31 5.34 -7.15 -2.80
CA THR A 31 3.96 -7.60 -2.68
C THR A 31 3.06 -6.94 -3.72
N PHE A 32 2.93 -5.61 -3.61
CA PHE A 32 2.11 -4.86 -4.54
C PHE A 32 2.16 -5.46 -5.94
N SER A 33 3.36 -5.52 -6.50
CA SER A 33 3.54 -6.07 -7.84
C SER A 33 2.84 -7.42 -7.97
N HIS A 34 3.07 -8.29 -7.01
CA HIS A 34 2.46 -9.62 -7.01
C HIS A 34 0.93 -9.52 -7.05
N CYS A 35 0.40 -8.48 -6.41
CA CYS A 35 -1.04 -8.28 -6.37
C CYS A 35 -1.56 -7.82 -7.72
N LYS A 36 -0.67 -7.22 -8.52
CA LYS A 36 -1.04 -6.74 -9.84
C LYS A 36 -0.76 -7.79 -10.91
N LEU A 37 0.00 -8.82 -10.53
CA LEU A 37 0.33 -9.90 -11.46
C LEU A 37 -0.63 -11.07 -11.31
N GLU A 38 -1.07 -11.31 -10.09
CA GLU A 38 -2.00 -12.41 -9.82
C GLU A 38 -3.42 -11.88 -9.61
N HIS A 39 -3.59 -11.06 -8.57
CA HIS A 39 -4.89 -10.48 -8.25
C HIS A 39 -5.25 -9.39 -9.25
N GLN A 40 -4.23 -8.74 -9.82
CA GLN A 40 -4.45 -7.68 -10.79
C GLN A 40 -5.06 -6.44 -10.11
N PHE A 41 -4.69 -6.22 -8.86
CA PHE A 41 -5.20 -5.08 -8.11
C PHE A 41 -4.09 -4.05 -7.87
N ASN A 42 -4.13 -2.96 -8.62
CA ASN A 42 -3.15 -1.90 -8.49
C ASN A 42 -3.50 -0.95 -7.36
N ILE A 43 -2.60 -0.85 -6.38
CA ILE A 43 -2.83 0.04 -5.23
C ILE A 43 -2.69 1.50 -5.63
N ASP A 44 -1.66 1.80 -6.42
CA ASP A 44 -1.42 3.17 -6.87
C ASP A 44 -2.70 3.80 -7.38
N SER A 45 -3.41 3.08 -8.26
CA SER A 45 -4.65 3.59 -8.83
C SER A 45 -5.57 4.11 -7.74
N MET A 46 -5.71 3.35 -6.66
CA MET A 46 -6.56 3.74 -5.54
C MET A 46 -6.13 5.09 -4.97
N VAL A 47 -4.89 5.13 -4.47
CA VAL A 47 -4.36 6.36 -3.89
C VAL A 47 -4.76 7.57 -4.70
N HIS A 48 -4.80 7.42 -6.03
CA HIS A 48 -5.18 8.50 -6.92
C HIS A 48 -6.69 8.60 -7.05
N LYS A 49 -7.36 7.45 -7.01
CA LYS A 49 -8.81 7.42 -7.13
C LYS A 49 -9.47 8.16 -5.98
N HIS A 50 -9.34 7.60 -4.77
CA HIS A 50 -9.93 8.21 -3.59
C HIS A 50 -8.92 9.14 -2.90
N GLY A 51 -7.99 9.66 -3.69
CA GLY A 51 -6.98 10.56 -3.14
C GLY A 51 -6.58 10.19 -1.74
N LEU A 52 -6.38 8.89 -1.50
CA LEU A 52 -5.99 8.41 -0.18
C LEU A 52 -4.79 9.19 0.35
N GLU A 53 -5.03 9.97 1.40
CA GLU A 53 -3.98 10.77 2.01
C GLU A 53 -3.05 9.91 2.86
N PHE A 54 -2.00 10.52 3.38
CA PHE A 54 -1.04 9.80 4.22
C PHE A 54 -1.73 8.75 5.08
N TYR A 55 -2.78 9.16 5.77
CA TYR A 55 -3.54 8.26 6.63
C TYR A 55 -4.54 7.44 5.82
N GLY A 56 -5.26 8.11 4.92
CA GLY A 56 -6.24 7.43 4.10
C GLY A 56 -5.75 6.07 3.63
N TYR A 57 -4.66 6.06 2.88
CA TYR A 57 -4.10 4.82 2.37
C TYR A 57 -4.07 3.74 3.45
N ILE A 58 -3.47 4.09 4.59
CA ILE A 58 -3.37 3.15 5.71
C ILE A 58 -4.67 2.37 5.89
N LYS A 59 -5.78 3.09 5.90
CA LYS A 59 -7.09 2.47 6.06
C LYS A 59 -7.35 1.45 4.96
N LEU A 60 -6.97 1.80 3.73
CA LEU A 60 -7.16 0.92 2.58
C LEU A 60 -6.49 -0.43 2.83
N ILE A 61 -5.24 -0.40 3.26
CA ILE A 61 -4.49 -1.62 3.52
C ILE A 61 -5.15 -2.45 4.61
N ASN A 62 -5.22 -1.89 5.83
CA ASN A 62 -5.84 -2.58 6.95
C ASN A 62 -7.25 -3.04 6.60
N PHE A 63 -7.96 -2.23 5.83
CA PHE A 63 -9.33 -2.56 5.42
C PHE A 63 -9.39 -3.98 4.88
N ILE A 64 -8.53 -4.29 3.92
CA ILE A 64 -8.49 -5.62 3.31
C ILE A 64 -8.00 -6.66 4.31
N ARG A 65 -7.14 -6.24 5.22
CA ARG A 65 -6.59 -7.14 6.23
C ARG A 65 -7.69 -7.64 7.16
N LEU A 66 -8.69 -6.82 7.38
CA LEU A 66 -9.81 -7.19 8.25
C LEU A 66 -10.95 -7.79 7.44
N LYS A 67 -11.40 -7.06 6.43
CA LYS A 67 -12.48 -7.52 5.57
C LYS A 67 -12.02 -8.69 4.69
N ASN A 68 -10.86 -8.53 4.08
CA ASN A 68 -10.32 -9.57 3.20
C ASN A 68 -11.23 -9.82 2.01
N PRO A 69 -11.59 -8.73 1.31
CA PRO A 69 -12.47 -8.81 0.13
C PRO A 69 -11.78 -9.47 -1.06
N THR A 70 -12.39 -9.34 -2.23
CA THR A 70 -11.83 -9.92 -3.45
C THR A 70 -11.68 -8.87 -4.55
N VAL A 71 -10.66 -9.03 -5.37
CA VAL A 71 -10.40 -8.10 -6.46
C VAL A 71 -11.71 -7.60 -7.08
N GLU A 72 -12.52 -8.53 -7.56
CA GLU A 72 -13.79 -8.18 -8.18
C GLU A 72 -14.50 -7.09 -7.38
N TYR A 73 -14.50 -7.24 -6.06
CA TYR A 73 -15.14 -6.27 -5.19
C TYR A 73 -14.41 -4.93 -5.22
N MET A 74 -13.10 -4.97 -5.00
CA MET A 74 -12.29 -3.76 -5.02
C MET A 74 -12.53 -2.95 -6.29
N ASN A 75 -12.89 -3.64 -7.36
CA ASN A 75 -13.16 -2.99 -8.64
C ASN A 75 -14.38 -2.08 -8.54
N SER A 76 -15.32 -2.46 -7.68
CA SER A 76 -16.54 -1.68 -7.50
C SER A 76 -16.56 -1.02 -6.12
N ILE A 77 -15.94 0.16 -6.03
CA ILE A 77 -15.88 0.90 -4.77
C ILE A 77 -16.30 2.34 -4.97
N TYR A 78 -17.01 2.90 -3.98
CA TYR A 78 -17.47 4.27 -4.05
C TYR A 78 -17.48 4.91 -2.66
N ASN A 79 -17.65 6.23 -2.63
CA ASN A 79 -17.68 6.96 -1.36
C ASN A 79 -19.10 7.03 -0.80
N PRO A 80 -19.21 6.88 0.53
CA PRO A 80 -18.06 6.65 1.40
C PRO A 80 -17.43 5.28 1.20
N VAL A 81 -16.10 5.22 1.24
CA VAL A 81 -15.38 3.97 1.06
C VAL A 81 -15.59 3.03 2.25
N PRO A 82 -15.49 1.72 2.01
CA PRO A 82 -15.66 0.71 3.04
C PRO A 82 -14.52 0.70 4.05
N TRP A 83 -13.56 1.61 3.85
CA TRP A 83 -12.42 1.70 4.75
C TRP A 83 -12.33 3.10 5.37
N GLU A 84 -13.46 3.80 5.42
CA GLU A 84 -13.50 5.15 5.97
C GLU A 84 -13.73 5.09 7.48
N LYS A 85 -13.23 4.04 8.12
CA LYS A 85 -13.38 3.87 9.57
C LYS A 85 -12.09 4.24 10.29
N ASP A 86 -12.23 4.94 11.41
CA ASP A 86 -11.08 5.36 12.20
C ASP A 86 -10.34 4.14 12.77
N GLU A 87 -11.11 3.11 13.12
CA GLU A 87 -10.53 1.89 13.68
C GLU A 87 -9.52 1.28 12.71
N TYR A 88 -9.86 1.30 11.42
CA TYR A 88 -8.98 0.74 10.40
C TYR A 88 -7.57 1.31 10.51
N LEU A 89 -7.49 2.60 10.79
CA LEU A 89 -6.20 3.29 10.93
C LEU A 89 -5.19 2.39 11.64
N LYS A 90 -5.66 1.66 12.65
CA LYS A 90 -4.81 0.76 13.41
C LYS A 90 -4.27 -0.36 12.53
N PRO A 91 -3.01 -0.74 12.75
CA PRO A 91 -2.35 -1.81 11.97
C PRO A 91 -2.92 -3.18 12.31
N VAL A 92 -3.74 -3.71 11.40
CA VAL A 92 -4.34 -5.03 11.60
C VAL A 92 -3.30 -6.07 11.98
N LEU A 93 -2.12 -5.96 11.37
CA LEU A 93 -1.04 -6.89 11.65
C LEU A 93 0.09 -6.21 12.42
N GLU A 94 1.16 -6.95 12.68
CA GLU A 94 2.30 -6.42 13.42
C GLU A 94 3.47 -6.14 12.48
N ASP A 95 4.09 -4.98 12.67
CA ASP A 95 5.23 -4.59 11.83
C ASP A 95 4.83 -4.53 10.37
N ASP A 96 3.70 -3.88 10.09
CA ASP A 96 3.21 -3.75 8.72
C ASP A 96 4.13 -2.86 7.89
N LEU A 97 4.71 -3.41 6.85
CA LEU A 97 5.61 -2.66 5.98
C LEU A 97 4.83 -1.80 5.01
N LEU A 98 3.72 -2.32 4.50
CA LEU A 98 2.87 -1.59 3.56
C LEU A 98 2.43 -0.26 4.16
N LEU A 99 2.26 -0.24 5.48
CA LEU A 99 1.83 0.97 6.17
C LEU A 99 2.96 1.99 6.22
N GLN A 100 4.18 1.51 6.48
CA GLN A 100 5.34 2.39 6.56
C GLN A 100 5.89 2.70 5.17
N PHE A 101 5.07 2.46 4.15
CA PHE A 101 5.46 2.71 2.78
C PHE A 101 5.32 4.18 2.42
N ASP A 102 6.28 4.70 1.65
CA ASP A 102 6.26 6.10 1.25
C ASP A 102 5.25 6.32 0.13
N VAL A 103 3.97 6.44 0.50
CA VAL A 103 2.91 6.65 -0.48
C VAL A 103 3.13 7.95 -1.25
N GLU A 104 3.75 8.93 -0.60
CA GLU A 104 4.02 10.22 -1.23
C GLU A 104 4.65 10.03 -2.61
N ASP A 105 5.56 9.07 -2.71
CA ASP A 105 6.23 8.79 -3.97
C ASP A 105 5.22 8.72 -5.12
N LEU A 106 4.03 8.22 -4.82
CA LEU A 106 2.98 8.09 -5.82
C LEU A 106 2.54 9.47 -6.32
N TYR A 107 2.46 10.42 -5.40
CA TYR A 107 2.05 11.78 -5.75
C TYR A 107 3.06 12.44 -6.69
N GLU A 108 2.69 12.54 -7.97
CA GLU A 108 3.57 13.15 -8.95
C GLU A 108 4.37 14.30 -8.35
N PRO A 109 5.64 14.03 -8.03
CA PRO A 109 6.54 15.04 -7.45
C PRO A 109 6.92 16.13 -8.44
N VAL A 110 7.02 17.36 -7.95
CA VAL A 110 7.37 18.49 -8.80
C VAL A 110 8.89 18.59 -8.96
N SER A 111 9.53 17.45 -9.17
CA SER A 111 10.97 17.41 -9.35
C SER A 111 11.34 16.76 -10.69
N THR A 112 10.58 17.10 -11.73
CA THR A 112 10.82 16.56 -13.06
C THR A 112 12.31 16.36 -13.31
N PRO A 113 12.66 15.21 -13.92
CA PRO A 113 14.05 14.88 -14.23
C PRO A 113 14.62 15.75 -15.34
N PHE A 114 13.81 16.02 -16.36
CA PHE A 114 14.23 16.83 -17.48
C PHE A 114 15.67 16.51 -17.89
N SER A 115 15.98 15.22 -17.95
CA SER A 115 17.31 14.77 -18.33
C SER A 115 17.32 13.27 -18.61
N SER A 116 17.76 12.91 -19.81
CA SER A 116 17.81 11.51 -20.22
C SER A 116 18.79 11.31 -21.38
N GLY A 117 19.62 10.28 -21.27
CA GLY A 117 20.59 10.00 -22.32
C GLY A 117 21.85 9.35 -21.79
N PRO A 118 21.77 8.05 -21.48
CA PRO A 118 22.90 7.28 -20.95
C PRO A 118 24.00 7.07 -21.99
N SER A 119 25.24 7.30 -21.59
CA SER A 119 26.37 7.15 -22.50
C SER A 119 26.86 5.69 -22.52
N SER A 120 26.53 4.99 -23.59
CA SER A 120 26.91 3.59 -23.74
C SER A 120 28.30 3.47 -24.37
N GLY A 121 28.97 2.35 -24.11
CA GLY A 121 30.29 2.15 -24.68
C GLY A 121 30.24 1.63 -26.10
ZN ZN B . -1.63 -12.13 -2.85
N GLY A 1 9.44 -26.46 6.98
CA GLY A 1 10.74 -27.04 7.24
C GLY A 1 11.59 -27.11 5.99
N SER A 2 12.03 -25.96 5.50
CA SER A 2 12.86 -25.90 4.30
C SER A 2 13.91 -24.81 4.41
N SER A 3 15.17 -25.21 4.51
CA SER A 3 16.27 -24.27 4.63
C SER A 3 16.93 -24.02 3.28
N GLY A 4 16.57 -22.91 2.65
CA GLY A 4 17.13 -22.57 1.35
C GLY A 4 18.54 -22.06 1.45
N SER A 5 19.50 -22.86 0.99
CA SER A 5 20.91 -22.47 1.04
C SER A 5 21.19 -21.32 0.07
N SER A 6 20.91 -21.55 -1.20
CA SER A 6 21.13 -20.54 -2.23
C SER A 6 19.99 -20.53 -3.24
N GLY A 7 19.56 -19.33 -3.63
CA GLY A 7 18.48 -19.21 -4.59
C GLY A 7 17.16 -18.86 -3.94
N GLU A 8 16.79 -19.62 -2.91
CA GLU A 8 15.54 -19.40 -2.19
C GLU A 8 15.78 -19.32 -0.69
N PRO A 9 16.82 -18.58 -0.29
CA PRO A 9 17.17 -18.40 1.12
C PRO A 9 16.16 -17.55 1.88
N ALA A 10 15.72 -18.05 3.02
CA ALA A 10 14.75 -17.33 3.84
C ALA A 10 15.43 -16.56 4.96
N HIS A 11 15.01 -15.32 5.17
CA HIS A 11 15.60 -14.48 6.21
C HIS A 11 14.57 -14.20 7.31
N GLY A 12 15.06 -13.93 8.52
CA GLY A 12 14.18 -13.64 9.63
C GLY A 12 14.03 -12.15 9.88
N ARG A 13 13.55 -11.42 8.89
CA ARG A 13 13.36 -9.99 9.00
C ARG A 13 11.88 -9.62 8.97
N GLN A 14 11.59 -8.33 8.98
CA GLN A 14 10.21 -7.85 8.96
C GLN A 14 9.55 -8.17 7.62
N HIS A 15 8.61 -9.11 7.63
CA HIS A 15 7.90 -9.50 6.42
C HIS A 15 6.45 -9.06 6.47
N THR A 16 5.88 -8.75 5.31
CA THR A 16 4.49 -8.31 5.22
C THR A 16 3.69 -9.21 4.29
N PRO A 17 2.60 -9.78 4.81
CA PRO A 17 1.72 -10.67 4.03
C PRO A 17 0.93 -9.91 2.97
N CYS A 18 0.19 -10.66 2.16
CA CYS A 18 -0.61 -10.06 1.10
C CYS A 18 -1.99 -9.68 1.61
N LEU A 19 -2.68 -8.81 0.88
CA LEU A 19 -4.01 -8.36 1.26
C LEU A 19 -5.07 -9.36 0.81
N PHE A 20 -4.88 -9.93 -0.37
CA PHE A 20 -5.81 -10.91 -0.92
C PHE A 20 -5.46 -12.31 -0.46
N CYS A 21 -4.18 -12.66 -0.54
CA CYS A 21 -3.71 -13.97 -0.14
C CYS A 21 -2.86 -13.89 1.13
N ASP A 22 -2.29 -15.01 1.53
CA ASP A 22 -1.46 -15.06 2.73
C ASP A 22 0.01 -15.27 2.36
N ARG A 23 0.49 -14.49 1.41
CA ARG A 23 1.87 -14.59 0.96
C ARG A 23 2.75 -13.56 1.66
N LEU A 24 3.74 -14.04 2.39
CA LEU A 24 4.66 -13.17 3.12
C LEU A 24 5.75 -12.63 2.20
N PHE A 25 6.02 -11.33 2.31
CA PHE A 25 7.04 -10.70 1.50
C PHE A 25 8.04 -9.94 2.36
N ALA A 26 9.13 -9.48 1.73
CA ALA A 26 10.16 -8.74 2.45
C ALA A 26 9.85 -7.25 2.49
N SER A 27 9.44 -6.70 1.35
CA SER A 27 9.11 -5.29 1.25
C SER A 27 7.70 -5.10 0.69
N ALA A 28 7.15 -3.91 0.89
CA ALA A 28 5.81 -3.60 0.39
C ALA A 28 5.74 -3.72 -1.12
N GLU A 29 6.71 -3.12 -1.80
CA GLU A 29 6.77 -3.15 -3.26
C GLU A 29 6.64 -4.57 -3.77
N GLU A 30 7.40 -5.49 -3.17
CA GLU A 30 7.38 -6.89 -3.57
C GLU A 30 5.94 -7.40 -3.67
N THR A 31 5.16 -7.16 -2.63
CA THR A 31 3.77 -7.59 -2.59
C THR A 31 2.97 -6.98 -3.74
N PHE A 32 2.83 -5.66 -3.71
CA PHE A 32 2.09 -4.94 -4.74
C PHE A 32 2.32 -5.57 -6.11
N SER A 33 3.59 -5.63 -6.52
CA SER A 33 3.94 -6.20 -7.82
C SER A 33 3.31 -7.58 -7.99
N HIS A 34 3.35 -8.39 -6.94
CA HIS A 34 2.78 -9.73 -6.98
C HIS A 34 1.28 -9.67 -7.22
N CYS A 35 0.61 -8.74 -6.53
CA CYS A 35 -0.84 -8.58 -6.67
C CYS A 35 -1.20 -7.99 -8.03
N LYS A 36 -0.28 -7.19 -8.58
CA LYS A 36 -0.50 -6.57 -9.88
C LYS A 36 -0.35 -7.59 -11.01
N LEU A 37 0.36 -8.68 -10.72
CA LEU A 37 0.56 -9.72 -11.71
C LEU A 37 -0.48 -10.82 -11.58
N GLU A 38 -0.70 -11.28 -10.35
CA GLU A 38 -1.68 -12.32 -10.08
C GLU A 38 -3.07 -11.73 -9.90
N HIS A 39 -3.26 -10.98 -8.82
CA HIS A 39 -4.55 -10.36 -8.54
C HIS A 39 -4.82 -9.20 -9.49
N GLN A 40 -3.89 -8.97 -10.42
CA GLN A 40 -4.02 -7.89 -11.39
C GLN A 40 -4.59 -6.64 -10.73
N PHE A 41 -4.24 -6.42 -9.47
CA PHE A 41 -4.71 -5.26 -8.74
C PHE A 41 -3.57 -4.32 -8.39
N ASN A 42 -3.73 -3.05 -8.77
CA ASN A 42 -2.70 -2.04 -8.50
C ASN A 42 -3.09 -1.17 -7.33
N ILE A 43 -2.14 -0.93 -6.42
CA ILE A 43 -2.39 -0.10 -5.25
C ILE A 43 -2.28 1.38 -5.59
N ASP A 44 -1.26 1.73 -6.36
CA ASP A 44 -1.05 3.12 -6.76
C ASP A 44 -2.34 3.74 -7.28
N SER A 45 -2.99 3.05 -8.22
CA SER A 45 -4.23 3.53 -8.80
C SER A 45 -5.24 3.90 -7.71
N MET A 46 -5.55 2.92 -6.87
CA MET A 46 -6.50 3.13 -5.78
C MET A 46 -6.19 4.43 -5.03
N VAL A 47 -4.92 4.64 -4.72
CA VAL A 47 -4.48 5.83 -4.01
C VAL A 47 -4.98 7.10 -4.71
N HIS A 48 -4.83 7.14 -6.03
CA HIS A 48 -5.26 8.29 -6.81
C HIS A 48 -6.77 8.34 -6.92
N LYS A 49 -7.39 7.18 -7.18
CA LYS A 49 -8.84 7.10 -7.30
C LYS A 49 -9.52 7.79 -6.13
N HIS A 50 -9.33 7.24 -4.93
CA HIS A 50 -9.93 7.80 -3.72
C HIS A 50 -8.98 8.80 -3.06
N GLY A 51 -8.02 9.30 -3.82
CA GLY A 51 -7.07 10.24 -3.30
C GLY A 51 -6.65 9.91 -1.87
N LEU A 52 -6.21 8.68 -1.66
CA LEU A 52 -5.79 8.24 -0.34
C LEU A 52 -4.56 9.02 0.13
N GLU A 53 -4.72 9.79 1.20
CA GLU A 53 -3.63 10.58 1.74
C GLU A 53 -2.74 9.74 2.65
N PHE A 54 -1.74 10.38 3.26
CA PHE A 54 -0.82 9.68 4.15
C PHE A 54 -1.55 8.61 4.95
N TYR A 55 -2.58 9.02 5.69
CA TYR A 55 -3.35 8.10 6.50
C TYR A 55 -4.38 7.36 5.65
N GLY A 56 -5.03 8.07 4.75
CA GLY A 56 -6.03 7.47 3.89
C GLY A 56 -5.56 6.16 3.30
N TYR A 57 -4.37 6.17 2.71
CA TYR A 57 -3.82 4.96 2.10
C TYR A 57 -3.72 3.83 3.12
N ILE A 58 -3.34 4.16 4.34
CA ILE A 58 -3.21 3.18 5.41
C ILE A 58 -4.53 2.46 5.65
N LYS A 59 -5.63 3.21 5.60
CA LYS A 59 -6.95 2.64 5.81
C LYS A 59 -7.29 1.63 4.71
N LEU A 60 -6.88 1.93 3.48
CA LEU A 60 -7.14 1.05 2.35
C LEU A 60 -6.48 -0.31 2.56
N ILE A 61 -5.22 -0.29 2.99
CA ILE A 61 -4.48 -1.52 3.23
C ILE A 61 -5.16 -2.37 4.30
N ASN A 62 -5.19 -1.85 5.53
CA ASN A 62 -5.80 -2.56 6.64
C ASN A 62 -7.20 -3.06 6.27
N PHE A 63 -7.97 -2.20 5.60
CA PHE A 63 -9.31 -2.56 5.18
C PHE A 63 -9.35 -3.95 4.56
N ILE A 64 -8.49 -4.17 3.58
CA ILE A 64 -8.41 -5.46 2.90
C ILE A 64 -7.92 -6.55 3.84
N ARG A 65 -7.32 -6.13 4.95
CA ARG A 65 -6.80 -7.08 5.94
C ARG A 65 -7.91 -7.53 6.88
N LEU A 66 -8.82 -6.62 7.21
CA LEU A 66 -9.93 -6.94 8.11
C LEU A 66 -11.07 -7.62 7.35
N LYS A 67 -11.58 -6.95 6.32
CA LYS A 67 -12.66 -7.49 5.52
C LYS A 67 -12.19 -8.71 4.72
N ASN A 68 -11.09 -8.55 4.00
CA ASN A 68 -10.54 -9.64 3.20
C ASN A 68 -11.39 -9.88 1.94
N PRO A 69 -11.77 -8.78 1.27
CA PRO A 69 -12.58 -8.85 0.05
C PRO A 69 -11.81 -9.42 -1.13
N THR A 70 -12.35 -9.23 -2.33
CA THR A 70 -11.72 -9.73 -3.54
C THR A 70 -11.53 -8.61 -4.56
N VAL A 71 -10.56 -8.79 -5.45
CA VAL A 71 -10.28 -7.79 -6.48
C VAL A 71 -11.57 -7.17 -7.01
N GLU A 72 -12.47 -8.02 -7.50
CA GLU A 72 -13.75 -7.54 -8.02
C GLU A 72 -14.41 -6.57 -7.06
N TYR A 73 -14.61 -7.01 -5.82
CA TYR A 73 -15.24 -6.17 -4.80
C TYR A 73 -14.46 -4.88 -4.61
N MET A 74 -13.16 -5.00 -4.39
CA MET A 74 -12.30 -3.84 -4.19
C MET A 74 -12.70 -2.70 -5.11
N ASN A 75 -13.21 -3.05 -6.29
CA ASN A 75 -13.63 -2.06 -7.27
C ASN A 75 -15.02 -1.52 -6.94
N SER A 76 -15.90 -2.41 -6.50
CA SER A 76 -17.26 -2.03 -6.15
C SER A 76 -17.27 -0.81 -5.23
N ILE A 77 -16.19 -0.65 -4.46
CA ILE A 77 -16.07 0.47 -3.54
C ILE A 77 -16.23 1.80 -4.28
N TYR A 78 -17.08 2.67 -3.76
CA TYR A 78 -17.32 3.97 -4.36
C TYR A 78 -17.35 5.07 -3.31
N ASN A 79 -18.46 5.17 -2.59
CA ASN A 79 -18.61 6.18 -1.55
C ASN A 79 -19.97 6.07 -0.87
N PRO A 80 -19.97 6.13 0.47
CA PRO A 80 -18.75 6.30 1.26
C PRO A 80 -17.86 5.07 1.22
N VAL A 81 -16.55 5.28 1.36
CA VAL A 81 -15.59 4.17 1.35
C VAL A 81 -15.70 3.33 2.62
N PRO A 82 -15.62 2.01 2.44
CA PRO A 82 -15.71 1.05 3.56
C PRO A 82 -14.50 1.12 4.48
N TRP A 83 -13.57 2.01 4.16
CA TRP A 83 -12.36 2.17 4.95
C TRP A 83 -12.27 3.58 5.55
N GLU A 84 -13.42 4.25 5.62
CA GLU A 84 -13.48 5.60 6.17
C GLU A 84 -13.64 5.56 7.69
N LYS A 85 -13.23 4.45 8.30
CA LYS A 85 -13.33 4.29 9.75
C LYS A 85 -11.96 4.40 10.40
N ASP A 86 -11.85 5.26 11.40
CA ASP A 86 -10.59 5.45 12.11
C ASP A 86 -10.03 4.12 12.59
N GLU A 87 -10.90 3.28 13.13
CA GLU A 87 -10.49 1.97 13.63
C GLU A 87 -9.48 1.32 12.70
N TYR A 88 -9.68 1.50 11.40
CA TYR A 88 -8.78 0.93 10.40
C TYR A 88 -7.38 1.50 10.54
N LEU A 89 -7.29 2.79 10.83
CA LEU A 89 -6.01 3.47 10.99
C LEU A 89 -5.00 2.55 11.67
N LYS A 90 -5.48 1.74 12.62
CA LYS A 90 -4.62 0.81 13.33
C LYS A 90 -4.20 -0.35 12.44
N PRO A 91 -2.94 -0.78 12.58
CA PRO A 91 -2.38 -1.89 11.79
C PRO A 91 -2.99 -3.23 12.18
N VAL A 92 -3.85 -3.75 11.32
CA VAL A 92 -4.50 -5.03 11.56
C VAL A 92 -3.48 -6.13 11.85
N LEU A 93 -2.25 -5.92 11.39
CA LEU A 93 -1.17 -6.88 11.60
C LEU A 93 0.03 -6.21 12.25
N GLU A 94 1.12 -6.97 12.39
CA GLU A 94 2.34 -6.45 12.99
C GLU A 94 3.37 -6.12 11.91
N ASP A 95 4.40 -5.36 12.30
CA ASP A 95 5.45 -4.98 11.37
C ASP A 95 4.87 -4.59 10.01
N ASP A 96 3.71 -3.95 10.03
CA ASP A 96 3.05 -3.52 8.81
C ASP A 96 3.94 -2.59 8.00
N LEU A 97 4.58 -3.14 6.96
CA LEU A 97 5.47 -2.37 6.10
C LEU A 97 4.68 -1.57 5.07
N LEU A 98 3.52 -2.10 4.68
CA LEU A 98 2.67 -1.43 3.71
C LEU A 98 2.25 -0.05 4.19
N LEU A 99 1.80 0.02 5.44
CA LEU A 99 1.38 1.28 6.03
C LEU A 99 2.54 2.28 6.08
N GLN A 100 3.74 1.78 6.35
CA GLN A 100 4.92 2.62 6.43
C GLN A 100 5.70 2.58 5.11
N PHE A 101 4.97 2.54 4.00
CA PHE A 101 5.59 2.51 2.68
C PHE A 101 5.69 3.91 2.09
N ASP A 102 6.64 4.09 1.18
CA ASP A 102 6.83 5.38 0.52
C ASP A 102 5.69 5.70 -0.43
N VAL A 103 4.54 6.07 0.14
CA VAL A 103 3.37 6.39 -0.66
C VAL A 103 3.42 7.84 -1.15
N GLU A 104 4.06 8.70 -0.37
CA GLU A 104 4.18 10.11 -0.72
C GLU A 104 4.59 10.27 -2.18
N ASP A 105 5.61 9.51 -2.59
CA ASP A 105 6.10 9.56 -3.96
C ASP A 105 4.94 9.53 -4.95
N LEU A 106 3.90 8.77 -4.63
CA LEU A 106 2.73 8.65 -5.50
C LEU A 106 2.04 10.00 -5.66
N TYR A 107 2.00 10.78 -4.58
CA TYR A 107 1.36 12.09 -4.61
C TYR A 107 2.16 13.06 -5.47
N GLU A 108 1.55 13.51 -6.56
CA GLU A 108 2.20 14.44 -7.47
C GLU A 108 1.47 15.78 -7.48
N PRO A 109 2.23 16.86 -7.21
CA PRO A 109 1.68 18.22 -7.19
C PRO A 109 1.29 18.72 -8.57
N VAL A 110 0.07 18.38 -9.00
CA VAL A 110 -0.42 18.81 -10.31
C VAL A 110 -1.74 19.54 -10.19
N SER A 111 -1.81 20.72 -10.80
CA SER A 111 -3.02 21.54 -10.76
C SER A 111 -3.07 22.49 -11.95
N THR A 112 -4.07 22.31 -12.81
CA THR A 112 -4.24 23.16 -13.98
C THR A 112 -5.03 24.42 -13.65
N PRO A 113 -4.63 25.55 -14.24
CA PRO A 113 -5.28 26.84 -14.03
C PRO A 113 -6.67 26.90 -14.66
N PHE A 114 -7.11 25.77 -15.21
CA PHE A 114 -8.42 25.70 -15.85
C PHE A 114 -9.46 25.13 -14.88
N SER A 115 -9.04 24.16 -14.07
CA SER A 115 -9.94 23.54 -13.11
C SER A 115 -10.33 24.52 -12.02
N SER A 116 -11.41 24.21 -11.31
CA SER A 116 -11.89 25.06 -10.23
C SER A 116 -11.69 26.53 -10.57
N GLY A 117 -11.97 26.89 -11.83
CA GLY A 117 -11.81 28.26 -12.26
C GLY A 117 -11.79 28.39 -13.77
N PRO A 118 -12.95 28.73 -14.35
CA PRO A 118 -13.08 28.89 -15.81
C PRO A 118 -12.33 30.13 -16.32
N SER A 119 -12.34 30.31 -17.64
CA SER A 119 -11.67 31.44 -18.26
C SER A 119 -11.99 32.74 -17.52
N SER A 120 -11.21 33.78 -17.79
CA SER A 120 -11.40 35.07 -17.15
C SER A 120 -11.27 36.21 -18.16
N GLY A 121 -11.86 37.35 -17.83
CA GLY A 121 -11.81 38.49 -18.72
C GLY A 121 -12.64 39.66 -18.22
ZN ZN B . -1.61 -12.07 -3.07
N GLY A 1 17.79 2.67 -6.97
CA GLY A 1 18.79 2.00 -6.17
C GLY A 1 18.19 1.36 -4.92
N SER A 2 19.04 0.75 -4.10
CA SER A 2 18.60 0.10 -2.87
C SER A 2 19.59 0.31 -1.75
N SER A 3 19.13 0.86 -0.64
CA SER A 3 19.98 1.12 0.51
C SER A 3 19.15 1.51 1.73
N GLY A 4 19.58 1.06 2.90
CA GLY A 4 18.86 1.37 4.12
C GLY A 4 19.28 0.48 5.29
N SER A 5 20.41 0.80 5.90
CA SER A 5 20.93 0.02 7.02
C SER A 5 21.19 0.92 8.22
N SER A 6 20.58 0.57 9.36
CA SER A 6 20.75 1.34 10.57
C SER A 6 20.72 0.43 11.80
N GLY A 7 21.05 1.01 12.96
CA GLY A 7 21.05 0.23 14.19
C GLY A 7 19.67 0.02 14.75
N GLU A 8 18.83 -0.73 14.03
CA GLU A 8 17.47 -1.00 14.46
C GLU A 8 17.38 -2.36 15.13
N PRO A 9 16.43 -2.50 16.08
CA PRO A 9 16.22 -3.73 16.81
C PRO A 9 15.64 -4.84 15.94
N ALA A 10 15.71 -6.08 16.42
CA ALA A 10 15.19 -7.22 15.68
C ALA A 10 14.05 -7.89 16.44
N HIS A 11 13.14 -7.08 16.98
CA HIS A 11 12.00 -7.59 17.72
C HIS A 11 11.26 -8.66 16.93
N GLY A 12 11.16 -8.46 15.62
CA GLY A 12 10.49 -9.42 14.77
C GLY A 12 11.17 -9.59 13.43
N ARG A 13 10.38 -9.69 12.37
CA ARG A 13 10.92 -9.86 11.02
C ARG A 13 10.52 -8.68 10.13
N GLN A 14 11.06 -8.67 8.91
CA GLN A 14 10.76 -7.61 7.95
C GLN A 14 10.01 -8.16 6.75
N HIS A 15 8.93 -8.87 7.00
CA HIS A 15 8.12 -9.45 5.92
C HIS A 15 6.64 -9.11 6.11
N THR A 16 6.03 -8.61 5.05
CA THR A 16 4.62 -8.24 5.08
C THR A 16 3.79 -9.14 4.19
N PRO A 17 2.73 -9.73 4.77
CA PRO A 17 1.83 -10.63 4.04
C PRO A 17 0.99 -9.90 3.01
N CYS A 18 0.34 -10.65 2.12
CA CYS A 18 -0.50 -10.09 1.09
C CYS A 18 -1.86 -9.69 1.65
N LEU A 19 -2.59 -8.86 0.91
CA LEU A 19 -3.91 -8.41 1.33
C LEU A 19 -4.98 -9.42 0.95
N PHE A 20 -4.90 -9.93 -0.28
CA PHE A 20 -5.86 -10.90 -0.77
C PHE A 20 -5.49 -12.31 -0.33
N CYS A 21 -4.21 -12.66 -0.48
CA CYS A 21 -3.73 -13.98 -0.09
C CYS A 21 -2.84 -13.88 1.14
N ASP A 22 -2.24 -15.01 1.53
CA ASP A 22 -1.37 -15.06 2.69
C ASP A 22 0.09 -15.22 2.27
N ARG A 23 0.49 -14.44 1.27
CA ARG A 23 1.86 -14.49 0.77
C ARG A 23 2.73 -13.43 1.46
N LEU A 24 3.84 -13.89 2.04
CA LEU A 24 4.76 -12.99 2.72
C LEU A 24 5.81 -12.45 1.77
N PHE A 25 6.11 -11.15 1.88
CA PHE A 25 7.10 -10.51 1.03
C PHE A 25 8.12 -9.73 1.86
N ALA A 26 9.36 -9.69 1.37
CA ALA A 26 10.41 -8.98 2.07
C ALA A 26 10.15 -7.47 2.09
N SER A 27 9.69 -6.95 0.96
CA SER A 27 9.40 -5.53 0.85
C SER A 27 7.94 -5.30 0.46
N ALA A 28 7.48 -4.07 0.65
CA ALA A 28 6.09 -3.72 0.32
C ALA A 28 5.89 -3.68 -1.19
N GLU A 29 6.94 -3.28 -1.91
CA GLU A 29 6.87 -3.19 -3.36
C GLU A 29 6.68 -4.57 -3.99
N GLU A 30 7.43 -5.54 -3.49
CA GLU A 30 7.34 -6.91 -4.00
C GLU A 30 5.90 -7.40 -4.02
N THR A 31 5.20 -7.17 -2.91
CA THR A 31 3.80 -7.58 -2.79
C THR A 31 2.94 -6.90 -3.86
N PHE A 32 2.89 -5.58 -3.82
CA PHE A 32 2.11 -4.81 -4.78
C PHE A 32 2.24 -5.40 -6.19
N SER A 33 3.46 -5.50 -6.66
CA SER A 33 3.73 -6.04 -8.00
C SER A 33 3.08 -7.41 -8.15
N HIS A 34 3.22 -8.24 -7.13
CA HIS A 34 2.66 -9.58 -7.14
C HIS A 34 1.14 -9.54 -7.36
N CYS A 35 0.46 -8.74 -6.56
CA CYS A 35 -0.99 -8.61 -6.66
C CYS A 35 -1.39 -8.07 -8.03
N LYS A 36 -0.53 -7.23 -8.60
CA LYS A 36 -0.80 -6.65 -9.91
C LYS A 36 -0.63 -7.69 -11.02
N LEU A 37 0.10 -8.75 -10.71
CA LEU A 37 0.34 -9.83 -11.67
C LEU A 37 -0.69 -10.93 -11.53
N GLU A 38 -0.93 -11.36 -10.29
CA GLU A 38 -1.89 -12.42 -10.01
C GLU A 38 -3.29 -11.83 -9.82
N HIS A 39 -3.47 -11.09 -8.74
CA HIS A 39 -4.76 -10.47 -8.44
C HIS A 39 -5.04 -9.29 -9.38
N GLN A 40 -4.12 -9.08 -10.32
CA GLN A 40 -4.27 -7.98 -11.27
C GLN A 40 -4.85 -6.74 -10.60
N PHE A 41 -4.41 -6.48 -9.37
CA PHE A 41 -4.89 -5.32 -8.63
C PHE A 41 -3.75 -4.39 -8.27
N ASN A 42 -3.87 -3.12 -8.67
CA ASN A 42 -2.84 -2.12 -8.38
C ASN A 42 -3.22 -1.29 -7.17
N ILE A 43 -2.27 -1.11 -6.26
CA ILE A 43 -2.49 -0.32 -5.06
C ILE A 43 -2.32 1.17 -5.34
N ASP A 44 -1.44 1.49 -6.27
CA ASP A 44 -1.19 2.88 -6.63
C ASP A 44 -2.44 3.53 -7.21
N SER A 45 -3.15 2.79 -8.05
CA SER A 45 -4.36 3.30 -8.67
C SER A 45 -5.36 3.76 -7.62
N MET A 46 -5.47 3.00 -6.53
CA MET A 46 -6.39 3.34 -5.46
C MET A 46 -6.02 4.69 -4.82
N VAL A 47 -4.75 4.85 -4.49
CA VAL A 47 -4.27 6.08 -3.89
C VAL A 47 -4.70 7.30 -4.69
N HIS A 48 -4.59 7.19 -6.02
CA HIS A 48 -4.98 8.29 -6.91
C HIS A 48 -6.49 8.35 -7.06
N LYS A 49 -7.12 7.18 -7.14
CA LYS A 49 -8.57 7.09 -7.30
C LYS A 49 -9.27 7.88 -6.21
N HIS A 50 -9.21 7.38 -4.98
CA HIS A 50 -9.85 8.04 -3.85
C HIS A 50 -8.86 8.95 -3.12
N GLY A 51 -7.89 9.47 -3.87
CA GLY A 51 -6.89 10.34 -3.28
C GLY A 51 -6.54 9.95 -1.85
N LEU A 52 -6.37 8.65 -1.62
CA LEU A 52 -6.03 8.15 -0.30
C LEU A 52 -4.84 8.91 0.28
N GLU A 53 -5.12 9.88 1.14
CA GLU A 53 -4.08 10.69 1.76
C GLU A 53 -3.22 9.82 2.69
N PHE A 54 -2.18 10.44 3.26
CA PHE A 54 -1.29 9.72 4.17
C PHE A 54 -2.05 8.68 4.98
N TYR A 55 -3.12 9.11 5.64
CA TYR A 55 -3.93 8.22 6.46
C TYR A 55 -4.84 7.37 5.58
N GLY A 56 -5.53 8.03 4.64
CA GLY A 56 -6.43 7.32 3.75
C GLY A 56 -5.87 6.00 3.28
N TYR A 57 -4.65 6.04 2.75
CA TYR A 57 -4.00 4.83 2.25
C TYR A 57 -3.93 3.76 3.33
N ILE A 58 -3.41 4.13 4.49
CA ILE A 58 -3.29 3.21 5.61
C ILE A 58 -4.58 2.41 5.81
N LYS A 59 -5.71 3.12 5.81
CA LYS A 59 -7.01 2.48 5.98
C LYS A 59 -7.25 1.45 4.88
N LEU A 60 -6.86 1.78 3.67
CA LEU A 60 -7.04 0.89 2.52
C LEU A 60 -6.39 -0.47 2.80
N ILE A 61 -5.13 -0.44 3.24
CA ILE A 61 -4.40 -1.67 3.53
C ILE A 61 -5.05 -2.43 4.68
N ASN A 62 -5.06 -1.82 5.87
CA ASN A 62 -5.65 -2.44 7.04
C ASN A 62 -7.08 -2.91 6.75
N PHE A 63 -7.76 -2.19 5.88
CA PHE A 63 -9.13 -2.53 5.51
C PHE A 63 -9.21 -3.97 4.99
N ILE A 64 -8.40 -4.27 3.99
CA ILE A 64 -8.38 -5.60 3.40
C ILE A 64 -7.95 -6.65 4.42
N ARG A 65 -7.05 -6.27 5.31
CA ARG A 65 -6.56 -7.17 6.35
C ARG A 65 -7.70 -7.61 7.27
N LEU A 66 -8.66 -6.72 7.50
CA LEU A 66 -9.79 -7.01 8.36
C LEU A 66 -10.94 -7.62 7.55
N LYS A 67 -11.43 -6.87 6.57
CA LYS A 67 -12.52 -7.33 5.73
C LYS A 67 -12.09 -8.53 4.90
N ASN A 68 -10.95 -8.41 4.23
CA ASN A 68 -10.43 -9.49 3.40
C ASN A 68 -11.37 -9.77 2.23
N PRO A 69 -11.79 -8.71 1.54
CA PRO A 69 -12.69 -8.81 0.39
C PRO A 69 -12.00 -9.44 -0.82
N THR A 70 -12.62 -9.28 -1.99
CA THR A 70 -12.08 -9.84 -3.22
C THR A 70 -11.82 -8.74 -4.25
N VAL A 71 -10.80 -8.94 -5.09
CA VAL A 71 -10.45 -7.97 -6.11
C VAL A 71 -11.71 -7.34 -6.72
N GLU A 72 -12.67 -8.18 -7.09
CA GLU A 72 -13.91 -7.70 -7.68
C GLU A 72 -14.46 -6.51 -6.91
N TYR A 73 -14.63 -6.68 -5.60
CA TYR A 73 -15.14 -5.62 -4.75
C TYR A 73 -14.24 -4.39 -4.81
N MET A 74 -12.98 -4.56 -4.44
CA MET A 74 -12.02 -3.47 -4.45
C MET A 74 -12.22 -2.57 -5.68
N ASN A 75 -12.54 -3.20 -6.80
CA ASN A 75 -12.76 -2.47 -8.04
C ASN A 75 -14.08 -1.71 -8.00
N SER A 76 -15.13 -2.38 -7.54
CA SER A 76 -16.46 -1.77 -7.45
C SER A 76 -16.67 -1.15 -6.07
N ILE A 77 -16.07 0.01 -5.85
CA ILE A 77 -16.19 0.70 -4.57
C ILE A 77 -16.81 2.08 -4.75
N TYR A 78 -17.52 2.55 -3.74
CA TYR A 78 -18.17 3.86 -3.79
C TYR A 78 -17.93 4.64 -2.50
N ASN A 79 -17.99 5.96 -2.59
CA ASN A 79 -17.79 6.82 -1.43
C ASN A 79 -19.09 7.03 -0.67
N PRO A 80 -18.99 7.09 0.67
CA PRO A 80 -17.71 6.98 1.37
C PRO A 80 -17.14 5.57 1.31
N VAL A 81 -15.84 5.47 1.04
CA VAL A 81 -15.17 4.17 0.95
C VAL A 81 -15.47 3.32 2.17
N PRO A 82 -15.46 1.99 1.98
CA PRO A 82 -15.73 1.03 3.06
C PRO A 82 -14.60 0.99 4.10
N TRP A 83 -13.56 1.78 3.86
CA TRP A 83 -12.43 1.85 4.78
C TRP A 83 -12.25 3.25 5.33
N GLU A 84 -13.30 4.05 5.26
CA GLU A 84 -13.27 5.42 5.77
C GLU A 84 -13.56 5.46 7.26
N LYS A 85 -13.34 4.33 7.94
CA LYS A 85 -13.58 4.24 9.37
C LYS A 85 -12.35 4.72 10.15
N ASP A 86 -12.42 4.62 11.47
CA ASP A 86 -11.32 5.04 12.34
C ASP A 86 -10.54 3.82 12.85
N GLU A 87 -11.25 2.72 13.07
CA GLU A 87 -10.62 1.50 13.55
C GLU A 87 -9.58 0.99 12.57
N TYR A 88 -9.86 1.16 11.28
CA TYR A 88 -8.95 0.72 10.23
C TYR A 88 -7.58 1.38 10.39
N LEU A 89 -7.59 2.64 10.82
CA LEU A 89 -6.35 3.39 11.01
C LEU A 89 -5.31 2.54 11.73
N LYS A 90 -5.76 1.74 12.69
CA LYS A 90 -4.87 0.88 13.46
C LYS A 90 -4.36 -0.28 12.60
N PRO A 91 -3.07 -0.63 12.79
CA PRO A 91 -2.44 -1.72 12.05
C PRO A 91 -2.98 -3.08 12.43
N VAL A 92 -3.75 -3.68 11.53
CA VAL A 92 -4.34 -5.00 11.78
C VAL A 92 -3.26 -6.02 12.12
N LEU A 93 -2.09 -5.85 11.52
CA LEU A 93 -0.98 -6.76 11.77
C LEU A 93 0.15 -6.07 12.53
N GLU A 94 1.27 -6.76 12.69
CA GLU A 94 2.42 -6.20 13.39
C GLU A 94 3.50 -5.76 12.40
N ASP A 95 4.17 -4.67 12.72
CA ASP A 95 5.24 -4.15 11.87
C ASP A 95 4.82 -4.20 10.40
N ASP A 96 3.63 -3.67 10.11
CA ASP A 96 3.12 -3.65 8.74
C ASP A 96 4.03 -2.82 7.84
N LEU A 97 4.72 -3.50 6.93
CA LEU A 97 5.62 -2.82 6.00
C LEU A 97 4.85 -1.99 4.98
N LEU A 98 3.64 -2.45 4.67
CA LEU A 98 2.79 -1.75 3.70
C LEU A 98 2.38 -0.39 4.24
N LEU A 99 2.09 -0.33 5.54
CA LEU A 99 1.68 0.92 6.17
C LEU A 99 2.83 1.92 6.21
N GLN A 100 4.04 1.41 6.46
CA GLN A 100 5.23 2.25 6.53
C GLN A 100 5.80 2.48 5.14
N PHE A 101 4.96 2.35 4.12
CA PHE A 101 5.39 2.55 2.74
C PHE A 101 5.27 4.02 2.34
N ASP A 102 6.25 4.50 1.58
CA ASP A 102 6.26 5.88 1.12
C ASP A 102 5.18 6.12 0.07
N VAL A 103 3.99 6.48 0.54
CA VAL A 103 2.87 6.75 -0.36
C VAL A 103 3.02 8.10 -1.06
N GLU A 104 3.65 9.04 -0.37
CA GLU A 104 3.86 10.37 -0.93
C GLU A 104 4.45 10.29 -2.33
N ASP A 105 5.40 9.37 -2.50
CA ASP A 105 6.05 9.18 -3.80
C ASP A 105 5.03 9.15 -4.93
N LEU A 106 3.87 8.56 -4.66
CA LEU A 106 2.80 8.46 -5.65
C LEU A 106 2.26 9.84 -6.00
N TYR A 107 2.21 10.72 -5.00
CA TYR A 107 1.71 12.08 -5.19
C TYR A 107 2.60 12.84 -6.16
N GLU A 108 2.07 13.13 -7.34
CA GLU A 108 2.81 13.88 -8.36
C GLU A 108 2.05 15.13 -8.79
N PRO A 109 2.79 16.15 -9.22
CA PRO A 109 2.22 17.42 -9.67
C PRO A 109 1.46 17.28 -11.00
N VAL A 110 0.54 18.20 -11.25
CA VAL A 110 -0.25 18.18 -12.47
C VAL A 110 0.48 18.89 -13.60
N SER A 111 1.81 18.93 -13.52
CA SER A 111 2.62 19.59 -14.54
C SER A 111 3.29 18.56 -15.44
N THR A 112 3.10 18.72 -16.74
CA THR A 112 3.68 17.81 -17.72
C THR A 112 5.09 18.26 -18.13
N PRO A 113 6.04 17.32 -18.11
CA PRO A 113 7.43 17.60 -18.48
C PRO A 113 7.59 17.89 -19.97
N PHE A 114 6.48 17.90 -20.68
CA PHE A 114 6.50 18.17 -22.12
C PHE A 114 5.48 19.25 -22.48
N SER A 115 5.95 20.48 -22.63
CA SER A 115 5.09 21.60 -22.98
C SER A 115 5.42 22.14 -24.37
N SER A 116 4.80 21.56 -25.38
CA SER A 116 5.04 21.99 -26.76
C SER A 116 3.92 21.51 -27.67
N GLY A 117 3.97 21.93 -28.94
CA GLY A 117 2.95 21.55 -29.89
C GLY A 117 2.81 22.54 -31.03
N PRO A 118 3.71 22.42 -32.03
CA PRO A 118 3.71 23.31 -33.20
C PRO A 118 2.52 23.07 -34.11
N SER A 119 1.50 23.92 -33.99
CA SER A 119 0.30 23.80 -34.80
C SER A 119 0.42 24.63 -36.07
N SER A 120 0.56 23.95 -37.20
CA SER A 120 0.69 24.63 -38.50
C SER A 120 -0.62 24.56 -39.27
N GLY A 121 -1.17 23.36 -39.40
CA GLY A 121 -2.42 23.19 -40.11
C GLY A 121 -2.23 22.49 -41.45
ZN ZN B . -1.55 -12.15 -3.02
N GLY A 1 46.54 -22.34 -5.69
CA GLY A 1 45.78 -21.99 -4.51
C GLY A 1 44.40 -21.48 -4.83
N SER A 2 43.37 -22.18 -4.35
CA SER A 2 42.00 -21.79 -4.60
C SER A 2 41.44 -20.96 -3.43
N SER A 3 40.46 -20.12 -3.73
CA SER A 3 39.85 -19.28 -2.71
C SER A 3 39.14 -20.12 -1.66
N GLY A 4 39.21 -19.68 -0.40
CA GLY A 4 38.57 -20.40 0.68
C GLY A 4 37.05 -20.40 0.57
N SER A 5 36.38 -20.83 1.63
CA SER A 5 34.93 -20.88 1.65
C SER A 5 34.35 -19.62 2.29
N SER A 6 33.13 -19.27 1.89
CA SER A 6 32.47 -18.08 2.42
C SER A 6 31.01 -18.04 1.98
N GLY A 7 30.13 -17.63 2.89
CA GLY A 7 28.72 -17.55 2.57
C GLY A 7 28.09 -16.24 3.03
N GLU A 8 26.92 -15.93 2.51
CA GLU A 8 26.22 -14.70 2.87
C GLU A 8 24.76 -14.98 3.20
N PRO A 9 24.52 -16.04 4.01
CA PRO A 9 23.17 -16.43 4.42
C PRO A 9 22.53 -15.43 5.38
N ALA A 10 21.25 -15.16 5.18
CA ALA A 10 20.52 -14.22 6.03
C ALA A 10 20.08 -14.89 7.32
N HIS A 11 19.60 -14.08 8.26
CA HIS A 11 19.14 -14.58 9.55
C HIS A 11 17.69 -14.18 9.80
N GLY A 12 17.43 -12.87 9.80
CA GLY A 12 16.10 -12.37 10.03
C GLY A 12 15.81 -11.10 9.28
N ARG A 13 14.55 -10.91 8.89
CA ARG A 13 14.14 -9.73 8.15
C ARG A 13 12.66 -9.44 8.35
N GLN A 14 12.24 -8.21 8.03
CA GLN A 14 10.85 -7.81 8.18
C GLN A 14 10.08 -8.07 6.89
N HIS A 15 9.15 -9.02 6.95
CA HIS A 15 8.33 -9.35 5.78
C HIS A 15 6.87 -8.96 6.00
N THR A 16 6.19 -8.59 4.93
CA THR A 16 4.78 -8.20 5.01
C THR A 16 3.90 -9.13 4.19
N PRO A 17 2.84 -9.66 4.82
CA PRO A 17 1.90 -10.56 4.17
C PRO A 17 1.04 -9.86 3.12
N CYS A 18 0.38 -10.64 2.28
CA CYS A 18 -0.47 -10.09 1.23
C CYS A 18 -1.84 -9.70 1.79
N LEU A 19 -2.54 -8.83 1.06
CA LEU A 19 -3.85 -8.37 1.49
C LEU A 19 -4.93 -9.36 1.07
N PHE A 20 -4.84 -9.86 -0.17
CA PHE A 20 -5.81 -10.81 -0.69
C PHE A 20 -5.48 -12.22 -0.21
N CYS A 21 -4.21 -12.60 -0.32
CA CYS A 21 -3.77 -13.93 0.10
C CYS A 21 -2.90 -13.84 1.36
N ASP A 22 -2.36 -14.98 1.77
CA ASP A 22 -1.51 -15.03 2.95
C ASP A 22 -0.05 -15.24 2.57
N ARG A 23 0.37 -14.57 1.50
CA ARG A 23 1.75 -14.68 1.01
C ARG A 23 2.63 -13.60 1.64
N LEU A 24 3.77 -14.03 2.18
CA LEU A 24 4.71 -13.10 2.80
C LEU A 24 5.72 -12.57 1.79
N PHE A 25 6.14 -11.32 1.97
CA PHE A 25 7.10 -10.70 1.07
C PHE A 25 8.14 -9.89 1.86
N ALA A 26 9.25 -9.60 1.20
CA ALA A 26 10.31 -8.82 1.84
C ALA A 26 9.90 -7.36 2.04
N SER A 27 9.51 -6.72 0.94
CA SER A 27 9.09 -5.32 1.00
C SER A 27 7.70 -5.15 0.40
N ALA A 28 7.10 -3.99 0.63
CA ALA A 28 5.77 -3.70 0.11
C ALA A 28 5.72 -3.85 -1.40
N GLU A 29 6.59 -3.14 -2.10
CA GLU A 29 6.64 -3.21 -3.55
C GLU A 29 6.40 -4.63 -4.04
N GLU A 30 7.27 -5.54 -3.63
CA GLU A 30 7.15 -6.94 -4.03
C GLU A 30 5.68 -7.39 -4.01
N THR A 31 5.04 -7.24 -2.85
CA THR A 31 3.65 -7.62 -2.70
C THR A 31 2.78 -6.99 -3.79
N PHE A 32 2.72 -5.66 -3.79
CA PHE A 32 1.93 -4.93 -4.77
C PHE A 32 2.09 -5.54 -6.17
N SER A 33 3.33 -5.60 -6.64
CA SER A 33 3.61 -6.15 -7.96
C SER A 33 3.05 -7.56 -8.09
N HIS A 34 3.16 -8.35 -7.02
CA HIS A 34 2.65 -9.72 -7.02
C HIS A 34 1.13 -9.73 -7.23
N CYS A 35 0.43 -8.86 -6.52
CA CYS A 35 -1.02 -8.78 -6.63
C CYS A 35 -1.43 -8.26 -8.00
N LYS A 36 -0.54 -7.51 -8.64
CA LYS A 36 -0.81 -6.95 -9.95
C LYS A 36 -0.68 -8.01 -11.04
N LEU A 37 0.01 -9.10 -10.70
CA LEU A 37 0.20 -10.20 -11.66
C LEU A 37 -0.91 -11.24 -11.51
N GLU A 38 -1.15 -11.67 -10.27
CA GLU A 38 -2.18 -12.66 -10.00
C GLU A 38 -3.54 -11.99 -9.76
N HIS A 39 -3.63 -11.24 -8.68
CA HIS A 39 -4.86 -10.54 -8.34
C HIS A 39 -5.13 -9.39 -9.30
N GLN A 40 -4.21 -9.18 -10.23
CA GLN A 40 -4.33 -8.11 -11.21
C GLN A 40 -4.90 -6.86 -10.57
N PHE A 41 -4.49 -6.58 -9.34
CA PHE A 41 -4.95 -5.40 -8.61
C PHE A 41 -3.79 -4.45 -8.32
N ASN A 42 -4.00 -3.18 -8.64
CA ASN A 42 -2.97 -2.17 -8.40
C ASN A 42 -3.32 -1.29 -7.20
N ILE A 43 -2.33 -1.01 -6.37
CA ILE A 43 -2.53 -0.19 -5.19
C ILE A 43 -2.45 1.30 -5.53
N ASP A 44 -1.41 1.68 -6.25
CA ASP A 44 -1.21 3.07 -6.65
C ASP A 44 -2.49 3.65 -7.25
N SER A 45 -3.10 2.89 -8.15
CA SER A 45 -4.33 3.32 -8.80
C SER A 45 -5.38 3.72 -7.78
N MET A 46 -5.44 2.97 -6.68
CA MET A 46 -6.41 3.25 -5.62
C MET A 46 -6.12 4.59 -4.95
N VAL A 47 -4.84 4.85 -4.68
CA VAL A 47 -4.43 6.10 -4.05
C VAL A 47 -4.87 7.30 -4.88
N HIS A 48 -4.85 7.14 -6.20
CA HIS A 48 -5.25 8.22 -7.10
C HIS A 48 -6.76 8.26 -7.26
N LYS A 49 -7.38 7.09 -7.31
CA LYS A 49 -8.83 6.98 -7.46
C LYS A 49 -9.54 7.72 -6.34
N HIS A 50 -9.46 7.18 -5.13
CA HIS A 50 -10.10 7.79 -3.97
C HIS A 50 -9.20 8.87 -3.36
N GLY A 51 -8.25 9.36 -4.16
CA GLY A 51 -7.35 10.39 -3.68
C GLY A 51 -6.91 10.17 -2.25
N LEU A 52 -6.68 8.91 -1.89
CA LEU A 52 -6.25 8.57 -0.53
C LEU A 52 -5.10 9.45 -0.08
N GLU A 53 -4.94 9.59 1.24
CA GLU A 53 -3.88 10.42 1.79
C GLU A 53 -3.09 9.64 2.84
N PHE A 54 -2.17 10.32 3.51
CA PHE A 54 -1.34 9.70 4.54
C PHE A 54 -2.12 8.61 5.27
N TYR A 55 -3.20 9.01 5.94
CA TYR A 55 -4.03 8.07 6.68
C TYR A 55 -4.88 7.24 5.74
N GLY A 56 -5.63 7.90 4.88
CA GLY A 56 -6.49 7.21 3.93
C GLY A 56 -5.86 5.93 3.41
N TYR A 57 -4.65 6.05 2.86
CA TYR A 57 -3.94 4.91 2.31
C TYR A 57 -3.80 3.81 3.36
N ILE A 58 -3.46 4.20 4.58
CA ILE A 58 -3.29 3.26 5.67
C ILE A 58 -4.55 2.43 5.88
N LYS A 59 -5.70 3.11 5.89
CA LYS A 59 -6.98 2.43 6.08
C LYS A 59 -7.25 1.45 4.94
N LEU A 60 -6.89 1.84 3.74
CA LEU A 60 -7.08 0.99 2.56
C LEU A 60 -6.43 -0.37 2.75
N ILE A 61 -5.21 -0.36 3.29
CA ILE A 61 -4.47 -1.59 3.53
C ILE A 61 -5.15 -2.44 4.61
N ASN A 62 -5.18 -1.91 5.83
CA ASN A 62 -5.79 -2.60 6.95
C ASN A 62 -7.18 -3.11 6.58
N PHE A 63 -7.91 -2.30 5.82
CA PHE A 63 -9.25 -2.66 5.40
C PHE A 63 -9.28 -4.07 4.81
N ILE A 64 -8.40 -4.32 3.85
CA ILE A 64 -8.32 -5.63 3.20
C ILE A 64 -7.84 -6.69 4.18
N ARG A 65 -7.10 -6.27 5.20
CA ARG A 65 -6.59 -7.19 6.21
C ARG A 65 -7.71 -7.68 7.13
N LEU A 66 -8.63 -6.78 7.44
CA LEU A 66 -9.76 -7.11 8.31
C LEU A 66 -10.92 -7.69 7.51
N LYS A 67 -11.37 -6.93 6.52
CA LYS A 67 -12.48 -7.37 5.67
C LYS A 67 -12.09 -8.61 4.87
N ASN A 68 -11.01 -8.50 4.09
CA ASN A 68 -10.54 -9.61 3.28
C ASN A 68 -11.45 -9.82 2.07
N PRO A 69 -11.81 -8.72 1.39
CA PRO A 69 -12.68 -8.77 0.21
C PRO A 69 -11.98 -9.40 -0.99
N THR A 70 -12.62 -9.29 -2.15
CA THR A 70 -12.06 -9.86 -3.38
C THR A 70 -11.78 -8.76 -4.41
N VAL A 71 -10.81 -9.02 -5.29
CA VAL A 71 -10.44 -8.06 -6.31
C VAL A 71 -11.67 -7.42 -6.95
N GLU A 72 -12.50 -8.25 -7.59
CA GLU A 72 -13.71 -7.77 -8.23
C GLU A 72 -14.35 -6.65 -7.41
N TYR A 73 -14.39 -6.82 -6.10
CA TYR A 73 -14.98 -5.83 -5.21
C TYR A 73 -14.09 -4.60 -5.10
N MET A 74 -12.79 -4.83 -4.99
CA MET A 74 -11.82 -3.73 -4.89
C MET A 74 -11.95 -2.79 -6.06
N ASN A 75 -12.43 -3.30 -7.19
CA ASN A 75 -12.60 -2.50 -8.39
C ASN A 75 -13.93 -1.75 -8.36
N SER A 76 -14.90 -2.31 -7.64
CA SER A 76 -16.22 -1.69 -7.53
C SER A 76 -16.41 -1.06 -6.16
N ILE A 77 -15.85 0.13 -5.98
CA ILE A 77 -15.96 0.84 -4.71
C ILE A 77 -16.50 2.26 -4.92
N TYR A 78 -16.97 2.88 -3.85
CA TYR A 78 -17.50 4.23 -3.91
C TYR A 78 -17.50 4.89 -2.52
N ASN A 79 -17.57 6.21 -2.51
CA ASN A 79 -17.58 6.96 -1.26
C ASN A 79 -18.99 7.03 -0.68
N PRO A 80 -19.08 6.98 0.66
CA PRO A 80 -17.92 6.84 1.53
C PRO A 80 -17.27 5.46 1.42
N VAL A 81 -15.95 5.45 1.24
CA VAL A 81 -15.21 4.20 1.12
C VAL A 81 -15.48 3.27 2.30
N PRO A 82 -15.38 1.96 2.06
CA PRO A 82 -15.62 0.95 3.10
C PRO A 82 -14.52 0.94 4.15
N TRP A 83 -13.49 1.75 3.95
CA TRP A 83 -12.37 1.83 4.88
C TRP A 83 -12.28 3.23 5.49
N GLU A 84 -13.41 3.94 5.51
CA GLU A 84 -13.45 5.29 6.07
C GLU A 84 -13.69 5.25 7.57
N LYS A 85 -13.27 4.16 8.21
CA LYS A 85 -13.44 4.00 9.65
C LYS A 85 -12.16 4.37 10.39
N ASP A 86 -12.33 4.97 11.56
CA ASP A 86 -11.20 5.39 12.39
C ASP A 86 -10.44 4.17 12.92
N GLU A 87 -11.20 3.13 13.27
CA GLU A 87 -10.59 1.90 13.80
C GLU A 87 -9.54 1.36 12.84
N TYR A 88 -9.83 1.42 11.54
CA TYR A 88 -8.91 0.93 10.53
C TYR A 88 -7.53 1.56 10.70
N LEU A 89 -7.51 2.83 11.07
CA LEU A 89 -6.26 3.55 11.25
C LEU A 89 -5.21 2.65 11.91
N LYS A 90 -5.66 1.84 12.87
CA LYS A 90 -4.76 0.93 13.58
C LYS A 90 -4.28 -0.18 12.65
N PRO A 91 -2.99 -0.53 12.76
CA PRO A 91 -2.38 -1.58 11.94
C PRO A 91 -2.88 -2.97 12.33
N VAL A 92 -3.72 -3.54 11.49
CA VAL A 92 -4.27 -4.88 11.75
C VAL A 92 -3.17 -5.86 12.15
N LEU A 93 -1.99 -5.69 11.54
CA LEU A 93 -0.87 -6.57 11.83
C LEU A 93 0.31 -5.76 12.38
N GLU A 94 1.40 -6.45 12.69
CA GLU A 94 2.60 -5.81 13.22
C GLU A 94 3.62 -5.55 12.13
N ASP A 95 4.59 -4.69 12.41
CA ASP A 95 5.63 -4.36 11.44
C ASP A 95 5.07 -4.32 10.03
N ASP A 96 3.93 -3.69 9.87
CA ASP A 96 3.28 -3.59 8.56
C ASP A 96 4.08 -2.69 7.63
N LEU A 97 4.83 -3.30 6.71
CA LEU A 97 5.65 -2.57 5.76
C LEU A 97 4.77 -1.76 4.81
N LEU A 98 3.66 -2.34 4.40
CA LEU A 98 2.73 -1.67 3.49
C LEU A 98 2.27 -0.34 4.06
N LEU A 99 2.22 -0.26 5.39
CA LEU A 99 1.80 0.96 6.06
C LEU A 99 2.92 2.00 6.07
N GLN A 100 4.13 1.55 6.39
CA GLN A 100 5.29 2.44 6.43
C GLN A 100 5.69 2.87 5.03
N PHE A 101 5.22 2.14 4.03
CA PHE A 101 5.53 2.44 2.64
C PHE A 101 5.33 3.93 2.36
N ASP A 102 6.40 4.59 1.91
CA ASP A 102 6.34 6.02 1.61
C ASP A 102 5.32 6.29 0.49
N VAL A 103 4.06 6.35 0.87
CA VAL A 103 2.99 6.60 -0.10
C VAL A 103 3.12 7.99 -0.70
N GLU A 104 3.79 8.88 0.02
CA GLU A 104 3.99 10.25 -0.45
C GLU A 104 4.59 10.27 -1.85
N ASP A 105 5.50 9.33 -2.11
CA ASP A 105 6.15 9.24 -3.41
C ASP A 105 5.12 9.30 -4.54
N LEU A 106 3.94 8.73 -4.29
CA LEU A 106 2.88 8.73 -5.29
C LEU A 106 2.34 10.13 -5.52
N TYR A 107 2.31 10.93 -4.46
CA TYR A 107 1.81 12.30 -4.55
C TYR A 107 2.79 13.19 -5.32
N GLU A 108 2.35 13.68 -6.47
CA GLU A 108 3.19 14.53 -7.30
C GLU A 108 2.88 16.01 -7.04
N PRO A 109 3.90 16.74 -6.54
CA PRO A 109 3.77 18.17 -6.24
C PRO A 109 3.64 19.03 -7.49
N VAL A 110 2.44 19.57 -7.72
CA VAL A 110 2.19 20.40 -8.87
C VAL A 110 2.19 21.88 -8.50
N SER A 111 3.39 22.41 -8.23
CA SER A 111 3.52 23.81 -7.86
C SER A 111 5.00 24.20 -7.78
N THR A 112 5.41 25.10 -8.66
CA THR A 112 6.80 25.56 -8.69
C THR A 112 6.89 27.01 -9.16
N PRO A 113 7.33 27.91 -8.26
CA PRO A 113 7.47 29.32 -8.56
C PRO A 113 8.61 29.60 -9.55
N PHE A 114 9.38 28.56 -9.86
CA PHE A 114 10.51 28.70 -10.78
C PHE A 114 10.83 27.35 -11.42
N SER A 115 11.38 27.41 -12.62
CA SER A 115 11.75 26.19 -13.36
C SER A 115 12.84 25.42 -12.61
N SER A 116 13.85 26.15 -12.14
CA SER A 116 14.96 25.54 -11.42
C SER A 116 14.45 24.74 -10.21
N GLY A 117 14.84 23.48 -10.15
CA GLY A 117 14.43 22.62 -9.05
C GLY A 117 15.45 21.56 -8.72
N PRO A 118 16.60 21.99 -8.16
CA PRO A 118 17.69 21.08 -7.78
C PRO A 118 17.32 20.21 -6.60
N SER A 119 18.18 19.24 -6.29
CA SER A 119 17.94 18.34 -5.17
C SER A 119 18.54 18.88 -3.88
N SER A 120 17.69 19.17 -2.91
CA SER A 120 18.13 19.70 -1.63
C SER A 120 18.13 18.62 -0.55
N GLY A 121 19.14 18.65 0.31
CA GLY A 121 19.24 17.67 1.37
C GLY A 121 20.53 17.79 2.17
ZN ZN B . -1.50 -12.17 -2.96
#